data_2DAV
#
_entry.id   2DAV
#
_entity_poly.entity_id   1
_entity_poly.type   'polypeptide(L)'
_entity_poly.pdbx_seq_one_letter_code
;GSSGSSGILFIEKPQGGTVKVGEDITFIAKVKAEDLLRKPTIKWFKGKWMDLASKAGKHLQLKETFERHSRVYTFEMQII
KAKDNFAGNYRCEVTYKDKFDSCSFDLEVHESTGTTPNIDSGPSSG
;
_entity_poly.pdbx_strand_id   A
#
# COMPACT_ATOMS: atom_id res chain seq x y z
N GLY A 1 -10.45 21.72 -6.14
CA GLY A 1 -9.54 20.59 -6.27
C GLY A 1 -8.10 20.97 -5.96
N SER A 2 -7.61 20.51 -4.82
CA SER A 2 -6.24 20.81 -4.41
C SER A 2 -5.29 19.68 -4.78
N SER A 3 -5.33 19.28 -6.05
CA SER A 3 -4.48 18.19 -6.55
C SER A 3 -3.57 18.68 -7.65
N GLY A 4 -2.27 18.72 -7.36
CA GLY A 4 -1.30 19.18 -8.35
C GLY A 4 -0.32 18.09 -8.73
N SER A 5 -0.21 17.82 -10.03
CA SER A 5 0.70 16.80 -10.53
C SER A 5 1.30 17.20 -11.87
N SER A 6 2.53 16.77 -12.12
CA SER A 6 3.22 17.10 -13.36
C SER A 6 4.22 16.00 -13.73
N GLY A 7 3.92 15.25 -14.78
CA GLY A 7 4.81 14.18 -15.21
C GLY A 7 5.48 13.49 -14.05
N ILE A 8 4.68 12.87 -13.17
CA ILE A 8 5.21 12.16 -12.02
C ILE A 8 5.97 10.91 -12.44
N LEU A 9 6.87 10.46 -11.58
CA LEU A 9 7.67 9.27 -11.86
C LEU A 9 6.93 8.01 -11.43
N PHE A 10 6.44 8.02 -10.19
CA PHE A 10 5.71 6.87 -9.65
C PHE A 10 4.49 6.56 -10.49
N ILE A 11 4.68 5.81 -11.58
CA ILE A 11 3.58 5.45 -12.47
C ILE A 11 2.28 5.27 -11.69
N GLU A 12 2.17 4.15 -10.99
CA GLU A 12 0.97 3.86 -10.21
C GLU A 12 1.22 4.14 -8.73
N LYS A 13 0.14 4.32 -7.98
CA LYS A 13 0.23 4.59 -6.55
C LYS A 13 -0.72 3.69 -5.77
N PRO A 14 -0.30 3.29 -4.56
CA PRO A 14 -1.09 2.43 -3.69
C PRO A 14 -2.31 3.13 -3.12
N GLN A 15 -3.45 2.97 -3.79
CA GLN A 15 -4.69 3.61 -3.35
C GLN A 15 -5.21 2.95 -2.08
N GLY A 16 -5.04 3.64 -0.95
CA GLY A 16 -5.50 3.11 0.32
C GLY A 16 -6.92 2.58 0.24
N GLY A 17 -7.31 1.80 1.24
CA GLY A 17 -8.64 1.24 1.28
C GLY A 17 -9.11 0.89 2.67
N THR A 18 -10.00 -0.09 2.78
CA THR A 18 -10.52 -0.52 4.08
C THR A 18 -10.63 -2.03 4.16
N VAL A 19 -9.84 -2.63 5.03
CA VAL A 19 -9.85 -4.08 5.21
C VAL A 19 -10.42 -4.47 6.57
N LYS A 20 -11.18 -5.56 6.59
CA LYS A 20 -11.79 -6.04 7.82
C LYS A 20 -10.75 -6.69 8.73
N VAL A 21 -11.05 -6.73 10.03
CA VAL A 21 -10.13 -7.33 10.99
C VAL A 21 -9.96 -8.82 10.74
N GLY A 22 -8.72 -9.21 10.43
CA GLY A 22 -8.45 -10.61 10.16
C GLY A 22 -8.40 -10.93 8.68
N GLU A 23 -8.83 -9.96 7.86
CA GLU A 23 -8.85 -10.15 6.41
C GLU A 23 -7.46 -9.90 5.82
N ASP A 24 -7.36 -10.02 4.50
CA ASP A 24 -6.09 -9.83 3.81
C ASP A 24 -6.26 -8.84 2.65
N ILE A 25 -5.51 -7.74 2.70
CA ILE A 25 -5.57 -6.73 1.66
C ILE A 25 -4.21 -6.52 1.02
N THR A 26 -4.21 -6.11 -0.25
CA THR A 26 -2.97 -5.86 -0.97
C THR A 26 -3.01 -4.54 -1.71
N PHE A 27 -1.88 -3.86 -1.77
CA PHE A 27 -1.78 -2.56 -2.45
C PHE A 27 -0.91 -2.67 -3.70
N ILE A 28 -1.12 -1.74 -4.63
CA ILE A 28 -0.36 -1.72 -5.87
C ILE A 28 0.47 -0.45 -6.00
N ALA A 29 1.70 -0.60 -6.47
CA ALA A 29 2.59 0.54 -6.63
C ALA A 29 3.66 0.25 -7.69
N LYS A 30 3.61 0.98 -8.80
CA LYS A 30 4.57 0.80 -9.88
C LYS A 30 5.45 2.04 -10.04
N VAL A 31 6.62 1.86 -10.65
CA VAL A 31 7.54 2.96 -10.86
C VAL A 31 8.17 2.89 -12.25
N LYS A 32 8.34 4.05 -12.87
CA LYS A 32 8.94 4.12 -14.20
C LYS A 32 10.45 3.91 -14.14
N ALA A 33 10.92 2.84 -14.77
CA ALA A 33 12.34 2.54 -14.79
C ALA A 33 12.91 2.62 -16.21
N GLU A 34 14.19 2.96 -16.32
CA GLU A 34 14.84 3.07 -17.61
C GLU A 34 16.00 2.09 -17.73
N ASP A 35 16.77 1.98 -16.65
CA ASP A 35 17.92 1.07 -16.63
C ASP A 35 17.51 -0.29 -16.06
N LEU A 36 18.33 -1.30 -16.34
CA LEU A 36 18.06 -2.66 -15.87
C LEU A 36 19.06 -3.06 -14.80
N LEU A 37 20.32 -2.67 -14.99
CA LEU A 37 21.37 -2.99 -14.03
C LEU A 37 21.01 -2.50 -12.64
N ARG A 38 20.35 -1.36 -12.56
CA ARG A 38 19.94 -0.79 -11.28
C ARG A 38 18.48 -1.12 -10.98
N LYS A 39 18.15 -1.22 -9.69
CA LYS A 39 16.79 -1.53 -9.28
C LYS A 39 16.38 -0.68 -8.07
N PRO A 40 15.25 0.02 -8.20
CA PRO A 40 14.73 0.87 -7.13
C PRO A 40 14.22 0.08 -5.94
N THR A 41 14.35 0.65 -4.74
CA THR A 41 13.91 -0.01 -3.53
C THR A 41 12.72 0.72 -2.91
N ILE A 42 11.74 -0.05 -2.45
CA ILE A 42 10.55 0.52 -1.83
C ILE A 42 10.48 0.18 -0.34
N LYS A 43 10.10 1.16 0.46
CA LYS A 43 9.99 0.97 1.90
C LYS A 43 8.61 1.41 2.40
N TRP A 44 7.86 0.46 2.95
CA TRP A 44 6.53 0.75 3.48
C TRP A 44 6.60 1.16 4.94
N PHE A 45 5.85 2.20 5.30
CA PHE A 45 5.82 2.69 6.68
C PHE A 45 4.40 2.84 7.17
N LYS A 46 4.25 3.12 8.46
CA LYS A 46 2.93 3.29 9.07
C LYS A 46 3.02 4.13 10.34
N GLY A 47 1.99 4.92 10.59
CA GLY A 47 1.97 5.76 11.78
C GLY A 47 3.01 6.87 11.72
N LYS A 48 3.75 7.04 12.81
CA LYS A 48 4.78 8.05 12.89
C LYS A 48 6.17 7.44 12.75
N TRP A 49 6.43 6.40 13.53
CA TRP A 49 7.72 5.72 13.50
C TRP A 49 7.57 4.29 12.99
N MET A 50 6.46 3.66 13.34
CA MET A 50 6.19 2.29 12.91
C MET A 50 6.56 2.09 11.45
N ASP A 51 7.54 1.22 11.21
CA ASP A 51 7.99 0.94 9.85
C ASP A 51 7.57 -0.46 9.41
N LEU A 52 6.52 -0.53 8.61
CA LEU A 52 6.01 -1.80 8.12
C LEU A 52 7.15 -2.68 7.57
N ALA A 53 8.13 -2.03 6.98
CA ALA A 53 9.28 -2.73 6.42
C ALA A 53 9.79 -3.81 7.38
N SER A 54 10.05 -3.39 8.63
CA SER A 54 10.54 -4.32 9.64
C SER A 54 9.40 -5.18 10.18
N LYS A 55 8.18 -4.73 9.99
CA LYS A 55 7.01 -5.45 10.47
C LYS A 55 6.70 -6.64 9.55
N ALA A 56 7.16 -6.55 8.30
CA ALA A 56 6.94 -7.62 7.33
C ALA A 56 7.62 -8.91 7.77
N GLY A 57 6.81 -9.90 8.12
CA GLY A 57 7.35 -11.18 8.55
C GLY A 57 6.30 -12.27 8.62
N LYS A 58 5.20 -11.99 9.31
CA LYS A 58 4.11 -12.95 9.46
C LYS A 58 2.78 -12.31 9.11
N HIS A 59 2.26 -11.49 10.02
CA HIS A 59 0.99 -10.81 9.81
C HIS A 59 1.05 -9.90 8.59
N LEU A 60 2.28 -9.59 8.16
CA LEU A 60 2.47 -8.72 7.00
C LEU A 60 3.52 -9.31 6.06
N GLN A 61 3.32 -9.09 4.76
CA GLN A 61 4.25 -9.60 3.76
C GLN A 61 4.28 -8.69 2.53
N LEU A 62 5.46 -8.21 2.18
CA LEU A 62 5.62 -7.33 1.04
C LEU A 62 5.93 -8.14 -0.23
N LYS A 63 5.76 -7.50 -1.38
CA LYS A 63 6.03 -8.15 -2.66
C LYS A 63 6.71 -7.19 -3.63
N GLU A 64 7.50 -7.74 -4.54
CA GLU A 64 8.21 -6.94 -5.53
C GLU A 64 8.47 -7.74 -6.80
N THR A 65 8.20 -7.12 -7.94
CA THR A 65 8.40 -7.76 -9.23
C THR A 65 8.84 -6.76 -10.30
N PHE A 66 9.67 -7.23 -11.22
CA PHE A 66 10.18 -6.38 -12.29
C PHE A 66 9.65 -6.82 -13.65
N GLU A 67 9.44 -5.87 -14.54
CA GLU A 67 8.93 -6.17 -15.88
C GLU A 67 9.80 -5.52 -16.95
N ARG A 68 10.81 -6.24 -17.41
CA ARG A 68 11.71 -5.72 -18.43
C ARG A 68 10.95 -5.39 -19.72
N HIS A 69 9.79 -6.01 -19.88
CA HIS A 69 8.97 -5.77 -21.06
C HIS A 69 8.69 -4.28 -21.24
N SER A 70 8.46 -3.59 -20.13
CA SER A 70 8.17 -2.16 -20.17
C SER A 70 9.14 -1.38 -19.27
N ARG A 71 10.10 -2.11 -18.71
CA ARG A 71 11.09 -1.49 -17.84
C ARG A 71 10.43 -0.80 -16.65
N VAL A 72 9.39 -1.43 -16.12
CA VAL A 72 8.66 -0.86 -14.98
C VAL A 72 8.52 -1.89 -13.86
N TYR A 73 8.80 -1.46 -12.63
CA TYR A 73 8.71 -2.33 -11.48
C TYR A 73 7.34 -2.22 -10.82
N THR A 74 6.93 -3.28 -10.13
CA THR A 74 5.64 -3.31 -9.45
C THR A 74 5.76 -3.90 -8.05
N PHE A 75 5.68 -3.04 -7.05
CA PHE A 75 5.79 -3.47 -5.66
C PHE A 75 4.42 -3.54 -5.01
N GLU A 76 4.15 -4.63 -4.29
CA GLU A 76 2.87 -4.81 -3.61
C GLU A 76 3.07 -4.99 -2.11
N MET A 77 1.98 -4.88 -1.36
CA MET A 77 2.04 -5.03 0.09
C MET A 77 0.89 -5.89 0.59
N GLN A 78 1.19 -7.16 0.86
CA GLN A 78 0.17 -8.10 1.34
C GLN A 78 0.06 -8.05 2.86
N ILE A 79 -1.07 -7.56 3.35
CA ILE A 79 -1.30 -7.46 4.78
C ILE A 79 -2.24 -8.56 5.28
N ILE A 80 -1.69 -9.51 6.03
CA ILE A 80 -2.48 -10.61 6.56
C ILE A 80 -2.95 -10.32 7.98
N LYS A 81 -4.14 -10.82 8.32
CA LYS A 81 -4.71 -10.60 9.64
C LYS A 81 -4.61 -9.14 10.05
N ALA A 82 -5.07 -8.25 9.18
CA ALA A 82 -5.03 -6.82 9.46
C ALA A 82 -5.74 -6.49 10.77
N LYS A 83 -4.96 -6.09 11.77
CA LYS A 83 -5.51 -5.75 13.08
C LYS A 83 -5.90 -4.28 13.13
N ASP A 84 -6.68 -3.92 14.15
CA ASP A 84 -7.12 -2.54 14.32
C ASP A 84 -5.93 -1.59 14.41
N ASN A 85 -4.74 -2.16 14.58
CA ASN A 85 -3.53 -1.37 14.68
C ASN A 85 -2.98 -1.02 13.31
N PHE A 86 -3.39 -1.79 12.30
CA PHE A 86 -2.95 -1.55 10.94
C PHE A 86 -3.62 -0.31 10.35
N ALA A 87 -4.67 0.16 11.02
CA ALA A 87 -5.40 1.34 10.57
C ALA A 87 -4.63 2.62 10.89
N GLY A 88 -4.76 3.61 10.03
CA GLY A 88 -4.06 4.88 10.23
C GLY A 88 -3.59 5.49 8.94
N ASN A 89 -2.38 6.05 8.97
CA ASN A 89 -1.79 6.68 7.79
C ASN A 89 -0.56 5.92 7.31
N TYR A 90 -0.56 5.54 6.04
CA TYR A 90 0.56 4.81 5.46
C TYR A 90 1.49 5.75 4.69
N ARG A 91 2.64 5.23 4.30
CA ARG A 91 3.62 6.02 3.56
C ARG A 91 4.48 5.12 2.67
N CYS A 92 4.98 5.68 1.57
CA CYS A 92 5.82 4.94 0.65
C CYS A 92 7.03 5.77 0.21
N GLU A 93 8.20 5.14 0.25
CA GLU A 93 9.44 5.81 -0.12
C GLU A 93 10.22 4.99 -1.14
N VAL A 94 10.41 5.55 -2.33
CA VAL A 94 11.14 4.87 -3.39
C VAL A 94 12.28 5.75 -3.92
N THR A 95 13.51 5.37 -3.58
CA THR A 95 14.68 6.13 -4.02
C THR A 95 15.35 5.44 -5.21
N TYR A 96 15.12 5.96 -6.41
CA TYR A 96 15.70 5.40 -7.62
C TYR A 96 16.91 6.21 -8.07
N LYS A 97 17.80 5.57 -8.80
CA LYS A 97 19.00 6.23 -9.31
C LYS A 97 18.65 7.53 -10.00
N ASP A 98 17.74 7.46 -10.96
CA ASP A 98 17.31 8.63 -11.71
C ASP A 98 16.75 9.70 -10.77
N LYS A 99 15.53 9.45 -10.28
CA LYS A 99 14.87 10.38 -9.37
C LYS A 99 14.18 9.63 -8.23
N PHE A 100 13.74 10.38 -7.22
CA PHE A 100 13.07 9.79 -6.08
C PHE A 100 11.63 10.27 -5.99
N ASP A 101 10.74 9.38 -5.55
CA ASP A 101 9.33 9.71 -5.41
C ASP A 101 8.74 9.09 -4.16
N SER A 102 7.76 9.79 -3.56
CA SER A 102 7.12 9.30 -2.34
C SER A 102 5.62 9.56 -2.38
N CYS A 103 4.85 8.62 -1.86
CA CYS A 103 3.40 8.74 -1.83
C CYS A 103 2.82 8.15 -0.55
N SER A 104 1.73 8.73 -0.08
CA SER A 104 1.07 8.26 1.14
C SER A 104 -0.42 8.05 0.92
N PHE A 105 -0.98 7.05 1.60
CA PHE A 105 -2.40 6.74 1.47
C PHE A 105 -3.03 6.56 2.85
N ASP A 106 -4.31 6.18 2.86
CA ASP A 106 -5.04 5.97 4.09
C ASP A 106 -5.63 4.56 4.15
N LEU A 107 -5.54 3.93 5.32
CA LEU A 107 -6.06 2.58 5.49
C LEU A 107 -7.04 2.53 6.66
N GLU A 108 -8.16 1.84 6.46
CA GLU A 108 -9.18 1.72 7.50
C GLU A 108 -9.39 0.25 7.87
N VAL A 109 -9.68 0.02 9.15
CA VAL A 109 -9.90 -1.34 9.64
C VAL A 109 -11.27 -1.46 10.30
N HIS A 110 -12.10 -2.35 9.76
CA HIS A 110 -13.44 -2.58 10.30
C HIS A 110 -13.49 -3.87 11.12
N GLU A 111 -14.29 -3.85 12.18
CA GLU A 111 -14.43 -5.02 13.04
C GLU A 111 -15.16 -6.14 12.32
N SER A 112 -14.50 -7.29 12.19
CA SER A 112 -15.09 -8.45 11.52
C SER A 112 -16.28 -8.99 12.31
N THR A 113 -17.35 -9.32 11.61
CA THR A 113 -18.55 -9.86 12.25
C THR A 113 -18.24 -11.12 13.03
N GLY A 114 -18.83 -11.25 14.20
CA GLY A 114 -18.60 -12.41 15.03
C GLY A 114 -19.89 -13.04 15.54
N THR A 115 -20.64 -12.28 16.35
CA THR A 115 -21.89 -12.76 16.90
C THR A 115 -23.08 -12.24 16.09
N THR A 116 -24.19 -12.99 16.13
CA THR A 116 -25.39 -12.61 15.39
C THR A 116 -25.57 -11.09 15.39
N PRO A 117 -26.12 -10.56 14.28
CA PRO A 117 -26.36 -9.12 14.13
C PRO A 117 -27.46 -8.62 15.04
N ASN A 118 -27.33 -7.37 15.49
CA ASN A 118 -28.32 -6.77 16.38
C ASN A 118 -29.29 -5.89 15.58
N ILE A 119 -30.32 -5.41 16.27
CA ILE A 119 -31.32 -4.56 15.63
C ILE A 119 -30.67 -3.54 14.70
N ASP A 120 -31.07 -3.56 13.44
CA ASP A 120 -30.52 -2.64 12.45
C ASP A 120 -31.57 -1.60 12.03
N SER A 121 -31.16 -0.66 11.19
CA SER A 121 -32.05 0.39 10.72
C SER A 121 -31.70 0.81 9.30
N GLY A 122 -32.60 0.53 8.36
CA GLY A 122 -32.36 0.88 6.97
C GLY A 122 -33.03 -0.07 6.00
N PRO A 123 -33.15 0.35 4.73
CA PRO A 123 -33.78 -0.46 3.69
C PRO A 123 -32.94 -1.67 3.30
N SER A 124 -33.56 -2.62 2.62
CA SER A 124 -32.87 -3.84 2.20
C SER A 124 -33.26 -4.22 0.78
N SER A 125 -32.55 -5.19 0.21
CA SER A 125 -32.82 -5.64 -1.15
C SER A 125 -32.46 -7.12 -1.31
N GLY A 126 -33.21 -7.83 -2.14
CA GLY A 126 -32.96 -9.23 -2.37
C GLY A 126 -33.52 -10.11 -1.27
N GLY A 1 2.25 19.22 0.27
CA GLY A 1 1.26 19.35 -0.78
C GLY A 1 1.51 20.56 -1.65
N SER A 2 2.76 20.71 -2.12
CA SER A 2 3.13 21.83 -2.97
C SER A 2 2.97 21.46 -4.44
N SER A 3 2.86 22.47 -5.29
CA SER A 3 2.71 22.27 -6.72
C SER A 3 3.94 22.74 -7.48
N GLY A 4 4.67 21.81 -8.08
CA GLY A 4 5.86 22.16 -8.83
C GLY A 4 6.81 20.98 -8.97
N SER A 5 6.29 19.85 -9.42
CA SER A 5 7.11 18.65 -9.59
C SER A 5 7.11 18.20 -11.05
N SER A 6 8.31 18.11 -11.63
CA SER A 6 8.45 17.70 -13.02
C SER A 6 9.28 16.42 -13.13
N GLY A 7 9.10 15.70 -14.23
CA GLY A 7 9.84 14.46 -14.43
C GLY A 7 9.58 13.44 -13.34
N ILE A 8 8.32 13.02 -13.22
CA ILE A 8 7.94 12.04 -12.22
C ILE A 8 8.09 10.62 -12.74
N LEU A 9 8.42 9.69 -11.84
CA LEU A 9 8.60 8.30 -12.22
C LEU A 9 7.44 7.45 -11.71
N PHE A 10 7.23 7.45 -10.40
CA PHE A 10 6.15 6.69 -9.80
C PHE A 10 4.91 6.68 -10.69
N ILE A 11 4.71 5.58 -11.39
CA ILE A 11 3.56 5.46 -12.29
C ILE A 11 2.27 5.30 -11.50
N GLU A 12 2.06 4.10 -10.93
CA GLU A 12 0.86 3.82 -10.15
C GLU A 12 1.12 4.05 -8.66
N LYS A 13 0.04 4.23 -7.91
CA LYS A 13 0.15 4.45 -6.47
C LYS A 13 -0.74 3.48 -5.70
N PRO A 14 -0.32 3.13 -4.47
CA PRO A 14 -1.07 2.21 -3.61
C PRO A 14 -2.36 2.83 -3.10
N GLN A 15 -3.42 2.75 -3.89
CA GLN A 15 -4.71 3.30 -3.51
C GLN A 15 -5.19 2.73 -2.18
N GLY A 16 -5.13 3.55 -1.14
CA GLY A 16 -5.56 3.09 0.18
C GLY A 16 -6.98 2.55 0.18
N GLY A 17 -7.31 1.78 1.21
CA GLY A 17 -8.64 1.21 1.30
C GLY A 17 -9.01 0.84 2.73
N THR A 18 -9.99 -0.05 2.88
CA THR A 18 -10.43 -0.49 4.19
C THR A 18 -10.59 -2.01 4.24
N VAL A 19 -9.78 -2.65 5.09
CA VAL A 19 -9.83 -4.09 5.23
C VAL A 19 -10.37 -4.49 6.60
N LYS A 20 -11.14 -5.57 6.64
CA LYS A 20 -11.73 -6.05 7.88
C LYS A 20 -10.66 -6.72 8.76
N VAL A 21 -10.92 -6.75 10.07
CA VAL A 21 -9.98 -7.36 11.01
C VAL A 21 -9.83 -8.85 10.74
N GLY A 22 -8.60 -9.29 10.49
CA GLY A 22 -8.35 -10.69 10.23
C GLY A 22 -8.31 -11.01 8.75
N GLU A 23 -8.81 -10.08 7.94
CA GLU A 23 -8.83 -10.27 6.50
C GLU A 23 -7.45 -10.05 5.90
N ASP A 24 -7.36 -10.10 4.57
CA ASP A 24 -6.10 -9.90 3.88
C ASP A 24 -6.26 -8.91 2.73
N ILE A 25 -5.49 -7.82 2.77
CA ILE A 25 -5.54 -6.80 1.74
C ILE A 25 -4.19 -6.62 1.07
N THR A 26 -4.20 -6.14 -0.17
CA THR A 26 -2.97 -5.93 -0.92
C THR A 26 -3.03 -4.61 -1.69
N PHE A 27 -1.90 -3.90 -1.73
CA PHE A 27 -1.83 -2.63 -2.43
C PHE A 27 -0.93 -2.75 -3.67
N ILE A 28 -1.20 -1.91 -4.66
CA ILE A 28 -0.41 -1.92 -5.89
C ILE A 28 0.37 -0.62 -6.06
N ALA A 29 1.65 -0.73 -6.42
CA ALA A 29 2.49 0.43 -6.61
C ALA A 29 3.49 0.20 -7.74
N LYS A 30 3.34 0.96 -8.82
CA LYS A 30 4.23 0.84 -9.98
C LYS A 30 5.17 2.03 -10.06
N VAL A 31 6.34 1.81 -10.66
CA VAL A 31 7.34 2.87 -10.80
C VAL A 31 8.01 2.81 -12.17
N LYS A 32 8.11 3.96 -12.83
CA LYS A 32 8.74 4.02 -14.14
C LYS A 32 10.26 3.95 -14.02
N ALA A 33 10.85 2.93 -14.64
CA ALA A 33 12.30 2.75 -14.60
C ALA A 33 12.89 2.81 -16.00
N GLU A 34 14.11 3.31 -16.11
CA GLU A 34 14.79 3.41 -17.39
C GLU A 34 16.17 2.76 -17.34
N ASP A 35 16.24 1.59 -16.72
CA ASP A 35 17.49 0.86 -16.60
C ASP A 35 17.26 -0.56 -16.08
N LEU A 36 18.23 -1.44 -16.30
CA LEU A 36 18.12 -2.81 -15.85
C LEU A 36 19.20 -3.14 -14.82
N LEU A 37 20.33 -2.45 -14.90
CA LEU A 37 21.43 -2.65 -13.98
C LEU A 37 21.08 -2.11 -12.59
N ARG A 38 20.21 -1.11 -12.56
CA ARG A 38 19.79 -0.51 -11.30
C ARG A 38 18.33 -0.84 -10.98
N LYS A 39 18.06 -1.16 -9.73
CA LYS A 39 16.71 -1.50 -9.31
C LYS A 39 16.27 -0.63 -8.12
N PRO A 40 15.11 0.02 -8.26
CA PRO A 40 14.57 0.89 -7.21
C PRO A 40 14.09 0.09 -5.99
N THR A 41 13.89 0.79 -4.87
CA THR A 41 13.45 0.16 -3.64
C THR A 41 12.30 0.93 -3.01
N ILE A 42 11.31 0.20 -2.51
CA ILE A 42 10.14 0.82 -1.88
C ILE A 42 10.06 0.44 -0.40
N LYS A 43 9.88 1.44 0.45
CA LYS A 43 9.79 1.21 1.89
C LYS A 43 8.41 1.64 2.41
N TRP A 44 7.68 0.68 2.96
CA TRP A 44 6.35 0.95 3.50
C TRP A 44 6.42 1.35 4.97
N PHE A 45 5.79 2.48 5.29
CA PHE A 45 5.78 2.98 6.66
C PHE A 45 4.36 3.15 7.18
N LYS A 46 4.21 3.12 8.50
CA LYS A 46 2.89 3.28 9.12
C LYS A 46 2.96 4.27 10.29
N GLY A 47 1.90 5.05 10.45
CA GLY A 47 1.85 6.01 11.53
C GLY A 47 2.89 7.10 11.38
N LYS A 48 3.65 7.35 12.44
CA LYS A 48 4.69 8.37 12.42
C LYS A 48 6.08 7.74 12.28
N TRP A 49 6.38 6.82 13.19
CA TRP A 49 7.67 6.14 13.17
C TRP A 49 7.51 4.67 12.84
N MET A 50 6.40 4.09 13.27
CA MET A 50 6.12 2.68 13.01
C MET A 50 6.47 2.31 11.57
N ASP A 51 7.40 1.37 11.42
CA ASP A 51 7.82 0.93 10.10
C ASP A 51 7.35 -0.50 9.82
N LEU A 52 6.71 -0.69 8.67
CA LEU A 52 6.20 -2.00 8.29
C LEU A 52 7.32 -2.89 7.78
N ALA A 53 8.32 -2.29 7.14
CA ALA A 53 9.45 -3.02 6.61
C ALA A 53 9.96 -4.05 7.62
N SER A 54 9.87 -3.71 8.89
CA SER A 54 10.32 -4.60 9.96
C SER A 54 9.18 -5.49 10.44
N LYS A 55 7.95 -5.06 10.18
CA LYS A 55 6.78 -5.82 10.59
C LYS A 55 6.54 -7.00 9.65
N ALA A 56 7.00 -6.87 8.41
CA ALA A 56 6.84 -7.92 7.42
C ALA A 56 7.43 -9.25 7.92
N GLY A 57 6.55 -10.20 8.22
CA GLY A 57 7.00 -11.49 8.71
C GLY A 57 5.93 -12.56 8.57
N LYS A 58 4.89 -12.47 9.41
CA LYS A 58 3.80 -13.43 9.38
C LYS A 58 2.47 -12.74 9.10
N HIS A 59 2.16 -11.71 9.89
CA HIS A 59 0.92 -10.96 9.73
C HIS A 59 1.02 -10.00 8.54
N LEU A 60 2.24 -9.80 8.06
CA LEU A 60 2.46 -8.90 6.93
C LEU A 60 3.53 -9.46 5.99
N GLN A 61 3.35 -9.24 4.69
CA GLN A 61 4.29 -9.72 3.69
C GLN A 61 4.34 -8.78 2.49
N LEU A 62 5.53 -8.29 2.18
CA LEU A 62 5.71 -7.38 1.05
C LEU A 62 6.01 -8.16 -0.24
N LYS A 63 5.84 -7.49 -1.37
CA LYS A 63 6.11 -8.12 -2.65
C LYS A 63 6.72 -7.12 -3.64
N GLU A 64 7.58 -7.61 -4.52
CA GLU A 64 8.23 -6.76 -5.50
C GLU A 64 8.59 -7.54 -6.76
N THR A 65 8.33 -6.94 -7.92
CA THR A 65 8.61 -7.59 -9.19
C THR A 65 9.03 -6.57 -10.25
N PHE A 66 9.77 -7.03 -11.24
CA PHE A 66 10.25 -6.16 -12.31
C PHE A 66 9.77 -6.66 -13.67
N GLU A 67 9.45 -5.72 -14.55
CA GLU A 67 8.97 -6.06 -15.89
C GLU A 67 9.83 -5.38 -16.97
N ARG A 68 10.84 -6.11 -17.44
CA ARG A 68 11.73 -5.58 -18.47
C ARG A 68 10.97 -5.27 -19.75
N HIS A 69 9.85 -5.98 -19.97
CA HIS A 69 9.04 -5.78 -21.16
C HIS A 69 8.72 -4.30 -21.34
N SER A 70 8.42 -3.62 -20.25
CA SER A 70 8.10 -2.20 -20.30
C SER A 70 9.03 -1.39 -19.40
N ARG A 71 9.99 -2.08 -18.78
CA ARG A 71 10.95 -1.43 -17.89
C ARG A 71 10.22 -0.74 -16.74
N VAL A 72 9.38 -1.49 -16.03
CA VAL A 72 8.63 -0.96 -14.90
C VAL A 72 8.55 -1.98 -13.77
N TYR A 73 8.69 -1.50 -12.55
CA TYR A 73 8.62 -2.36 -11.37
C TYR A 73 7.25 -2.27 -10.70
N THR A 74 6.80 -3.40 -10.15
CA THR A 74 5.50 -3.45 -9.47
C THR A 74 5.65 -3.98 -8.06
N PHE A 75 5.48 -3.10 -7.08
CA PHE A 75 5.59 -3.48 -5.67
C PHE A 75 4.21 -3.60 -5.04
N GLU A 76 4.06 -4.61 -4.18
CA GLU A 76 2.78 -4.83 -3.50
C GLU A 76 2.99 -5.03 -2.00
N MET A 77 1.91 -4.92 -1.24
CA MET A 77 1.97 -5.08 0.21
C MET A 77 0.83 -5.96 0.71
N GLN A 78 1.13 -7.24 0.92
CA GLN A 78 0.13 -8.19 1.40
C GLN A 78 0.03 -8.16 2.91
N ILE A 79 -1.10 -7.66 3.42
CA ILE A 79 -1.32 -7.56 4.86
C ILE A 79 -2.27 -8.67 5.33
N ILE A 80 -1.71 -9.69 5.96
CA ILE A 80 -2.49 -10.80 6.47
C ILE A 80 -2.97 -10.53 7.89
N LYS A 81 -4.19 -10.96 8.19
CA LYS A 81 -4.77 -10.77 9.51
C LYS A 81 -4.63 -9.32 9.96
N ALA A 82 -4.98 -8.40 9.08
CA ALA A 82 -4.89 -6.97 9.38
C ALA A 82 -5.57 -6.66 10.71
N LYS A 83 -4.77 -6.20 11.68
CA LYS A 83 -5.28 -5.86 13.01
C LYS A 83 -5.77 -4.41 13.04
N ASP A 84 -6.57 -4.10 14.05
CA ASP A 84 -7.11 -2.75 14.20
C ASP A 84 -5.98 -1.72 14.30
N ASN A 85 -4.77 -2.21 14.56
CA ASN A 85 -3.60 -1.33 14.67
C ASN A 85 -3.03 -1.00 13.30
N PHE A 86 -3.39 -1.81 12.30
CA PHE A 86 -2.91 -1.60 10.94
C PHE A 86 -3.56 -0.38 10.32
N ALA A 87 -4.62 0.11 10.96
CA ALA A 87 -5.34 1.28 10.47
C ALA A 87 -4.59 2.57 10.81
N GLY A 88 -4.79 3.60 9.99
CA GLY A 88 -4.13 4.87 10.23
C GLY A 88 -3.62 5.50 8.95
N ASN A 89 -2.41 6.06 9.01
CA ASN A 89 -1.81 6.70 7.85
C ASN A 89 -0.58 5.94 7.38
N TYR A 90 -0.51 5.67 6.08
CA TYR A 90 0.62 4.94 5.51
C TYR A 90 1.53 5.88 4.74
N ARG A 91 2.79 5.48 4.59
CA ARG A 91 3.78 6.29 3.88
C ARG A 91 4.80 5.41 3.17
N CYS A 92 4.92 5.59 1.86
CA CYS A 92 5.86 4.80 1.07
C CYS A 92 6.94 5.71 0.45
N GLU A 93 8.17 5.22 0.44
CA GLU A 93 9.29 5.98 -0.11
C GLU A 93 10.03 5.17 -1.15
N VAL A 94 10.05 5.67 -2.38
CA VAL A 94 10.72 5.00 -3.49
C VAL A 94 11.81 5.88 -4.10
N THR A 95 13.06 5.53 -3.84
CA THR A 95 14.19 6.29 -4.36
C THR A 95 14.88 5.53 -5.49
N TYR A 96 14.90 6.13 -6.67
CA TYR A 96 15.54 5.52 -7.84
C TYR A 96 16.75 6.32 -8.29
N LYS A 97 17.68 5.65 -8.95
CA LYS A 97 18.90 6.29 -9.44
C LYS A 97 18.56 7.57 -10.20
N ASP A 98 17.56 7.50 -11.07
CA ASP A 98 17.15 8.65 -11.85
C ASP A 98 16.54 9.73 -10.96
N LYS A 99 15.36 9.47 -10.43
CA LYS A 99 14.68 10.41 -9.54
C LYS A 99 14.05 9.70 -8.36
N PHE A 100 13.64 10.48 -7.37
CA PHE A 100 13.01 9.92 -6.17
C PHE A 100 11.59 10.47 -5.99
N ASP A 101 10.63 9.56 -5.86
CA ASP A 101 9.24 9.95 -5.67
C ASP A 101 8.63 9.25 -4.47
N SER A 102 7.72 9.93 -3.78
CA SER A 102 7.07 9.37 -2.60
C SER A 102 5.60 9.79 -2.55
N CYS A 103 4.83 9.09 -1.72
CA CYS A 103 3.40 9.38 -1.58
C CYS A 103 2.84 8.74 -0.32
N SER A 104 1.73 9.28 0.18
CA SER A 104 1.09 8.75 1.37
C SER A 104 -0.36 8.37 1.10
N PHE A 105 -0.82 7.32 1.78
CA PHE A 105 -2.19 6.85 1.60
C PHE A 105 -2.87 6.67 2.96
N ASP A 106 -4.10 6.15 2.92
CA ASP A 106 -4.87 5.94 4.15
C ASP A 106 -5.47 4.54 4.16
N LEU A 107 -5.28 3.83 5.27
CA LEU A 107 -5.81 2.48 5.41
C LEU A 107 -6.66 2.35 6.67
N GLU A 108 -7.92 1.96 6.48
CA GLU A 108 -8.85 1.80 7.61
C GLU A 108 -9.08 0.32 7.92
N VAL A 109 -9.52 0.05 9.13
CA VAL A 109 -9.78 -1.32 9.57
C VAL A 109 -11.13 -1.44 10.26
N HIS A 110 -11.97 -2.34 9.76
CA HIS A 110 -13.31 -2.55 10.33
C HIS A 110 -13.33 -3.83 11.16
N GLU A 111 -14.08 -3.79 12.27
CA GLU A 111 -14.19 -4.95 13.14
C GLU A 111 -14.93 -6.08 12.45
N SER A 112 -14.27 -7.24 12.36
CA SER A 112 -14.84 -8.41 11.71
C SER A 112 -15.99 -8.97 12.55
N THR A 113 -17.17 -8.39 12.41
CA THR A 113 -18.34 -8.83 13.15
C THR A 113 -18.75 -10.24 12.73
N GLY A 114 -18.93 -10.44 11.43
CA GLY A 114 -19.32 -11.74 10.92
C GLY A 114 -20.67 -11.71 10.22
N THR A 115 -21.73 -11.95 10.98
CA THR A 115 -23.08 -11.95 10.43
C THR A 115 -24.01 -11.09 11.27
N THR A 116 -24.89 -10.35 10.60
CA THR A 116 -25.84 -9.48 11.28
C THR A 116 -27.28 -9.91 11.00
N PRO A 117 -28.17 -9.65 11.96
CA PRO A 117 -29.59 -10.00 11.84
C PRO A 117 -30.31 -9.14 10.81
N ASN A 118 -30.85 -9.78 9.78
CA ASN A 118 -31.57 -9.06 8.73
C ASN A 118 -32.59 -8.11 9.33
N ILE A 119 -33.02 -7.15 8.52
CA ILE A 119 -34.01 -6.16 8.96
C ILE A 119 -35.43 -6.69 8.80
N ASP A 120 -36.12 -6.90 9.92
CA ASP A 120 -37.48 -7.41 9.90
C ASP A 120 -38.29 -6.75 8.79
N SER A 121 -39.08 -7.55 8.08
CA SER A 121 -39.89 -7.05 6.98
C SER A 121 -41.23 -7.77 6.92
N GLY A 122 -42.25 -7.09 6.40
CA GLY A 122 -43.57 -7.68 6.30
C GLY A 122 -44.39 -7.07 5.18
N PRO A 123 -44.81 -7.90 4.22
CA PRO A 123 -45.60 -7.46 3.07
C PRO A 123 -47.02 -7.08 3.48
N SER A 124 -47.45 -5.90 3.06
CA SER A 124 -48.80 -5.41 3.37
C SER A 124 -49.84 -6.10 2.51
N SER A 125 -50.92 -6.54 3.15
CA SER A 125 -52.00 -7.22 2.43
C SER A 125 -52.57 -6.35 1.32
N GLY A 126 -53.01 -6.98 0.24
CA GLY A 126 -53.56 -6.24 -0.88
C GLY A 126 -55.08 -6.13 -0.81
N GLY A 1 -2.32 28.35 -16.97
CA GLY A 1 -2.23 27.58 -15.74
C GLY A 1 -0.81 27.39 -15.27
N SER A 2 -0.65 27.06 -13.99
CA SER A 2 0.68 26.86 -13.41
C SER A 2 1.29 25.56 -13.93
N SER A 3 2.60 25.40 -13.70
CA SER A 3 3.31 24.22 -14.13
C SER A 3 2.85 22.98 -13.36
N GLY A 4 3.25 21.81 -13.82
CA GLY A 4 2.87 20.58 -13.15
C GLY A 4 4.02 19.59 -13.06
N SER A 5 3.70 18.31 -13.20
CA SER A 5 4.72 17.26 -13.12
C SER A 5 4.64 16.34 -14.34
N SER A 6 5.43 16.63 -15.36
CA SER A 6 5.43 15.83 -16.58
C SER A 6 6.38 14.63 -16.44
N GLY A 7 5.80 13.45 -16.24
CA GLY A 7 6.59 12.25 -16.10
C GLY A 7 7.34 12.21 -14.78
N ILE A 8 6.89 11.38 -13.86
CA ILE A 8 7.52 11.25 -12.55
C ILE A 8 7.89 9.80 -12.26
N LEU A 9 8.80 9.61 -11.31
CA LEU A 9 9.24 8.27 -10.93
C LEU A 9 8.06 7.39 -10.59
N PHE A 10 7.34 7.75 -9.53
CA PHE A 10 6.16 6.98 -9.10
C PHE A 10 5.01 7.15 -10.08
N ILE A 11 4.96 6.26 -11.08
CA ILE A 11 3.90 6.31 -12.08
C ILE A 11 2.53 6.07 -11.45
N GLU A 12 2.43 5.02 -10.66
CA GLU A 12 1.17 4.68 -9.99
C GLU A 12 1.30 4.81 -8.48
N LYS A 13 0.18 5.07 -7.82
CA LYS A 13 0.16 5.22 -6.37
C LYS A 13 -0.78 4.21 -5.73
N PRO A 14 -0.38 3.68 -4.56
CA PRO A 14 -1.18 2.69 -3.82
C PRO A 14 -2.44 3.31 -3.21
N GLN A 15 -3.57 3.08 -3.87
CA GLN A 15 -4.85 3.62 -3.40
C GLN A 15 -5.31 2.88 -2.14
N GLY A 16 -5.40 3.61 -1.04
CA GLY A 16 -5.83 3.02 0.21
C GLY A 16 -7.20 2.38 0.11
N GLY A 17 -7.52 1.51 1.07
CA GLY A 17 -8.80 0.84 1.07
C GLY A 17 -9.29 0.52 2.47
N THR A 18 -10.07 -0.54 2.59
CA THR A 18 -10.61 -0.96 3.87
C THR A 18 -10.64 -2.47 4.00
N VAL A 19 -9.86 -3.00 4.94
CA VAL A 19 -9.79 -4.44 5.16
C VAL A 19 -10.33 -4.81 6.54
N LYS A 20 -11.04 -5.93 6.61
CA LYS A 20 -11.62 -6.39 7.86
C LYS A 20 -10.54 -6.97 8.77
N VAL A 21 -10.79 -6.96 10.08
CA VAL A 21 -9.84 -7.49 11.04
C VAL A 21 -9.64 -8.99 10.86
N GLY A 22 -8.40 -9.39 10.61
CA GLY A 22 -8.10 -10.80 10.42
C GLY A 22 -8.10 -11.20 8.96
N GLU A 23 -8.46 -10.25 8.09
CA GLU A 23 -8.50 -10.51 6.65
C GLU A 23 -7.15 -10.24 6.01
N ASP A 24 -7.08 -10.38 4.70
CA ASP A 24 -5.84 -10.15 3.96
C ASP A 24 -6.06 -9.14 2.83
N ILE A 25 -5.21 -8.12 2.79
CA ILE A 25 -5.31 -7.08 1.77
C ILE A 25 -3.96 -6.83 1.11
N THR A 26 -3.99 -6.36 -0.13
CA THR A 26 -2.76 -6.09 -0.87
C THR A 26 -2.90 -4.78 -1.67
N PHE A 27 -1.83 -3.99 -1.68
CA PHE A 27 -1.81 -2.73 -2.40
C PHE A 27 -0.93 -2.82 -3.64
N ILE A 28 -1.21 -1.96 -4.62
CA ILE A 28 -0.45 -1.94 -5.86
C ILE A 28 0.38 -0.67 -5.97
N ALA A 29 1.60 -0.80 -6.49
CA ALA A 29 2.49 0.34 -6.65
C ALA A 29 3.43 0.14 -7.83
N LYS A 30 3.31 1.00 -8.84
CA LYS A 30 4.16 0.91 -10.03
C LYS A 30 5.16 2.05 -10.06
N VAL A 31 6.33 1.79 -10.64
CA VAL A 31 7.38 2.80 -10.74
C VAL A 31 8.04 2.76 -12.11
N LYS A 32 8.16 3.93 -12.73
CA LYS A 32 8.78 4.02 -14.05
C LYS A 32 10.30 3.92 -13.94
N ALA A 33 10.89 3.04 -14.74
CA ALA A 33 12.33 2.85 -14.73
C ALA A 33 12.89 2.86 -16.16
N GLU A 34 14.20 3.02 -16.27
CA GLU A 34 14.87 3.04 -17.57
C GLU A 34 15.95 1.97 -17.66
N ASP A 35 16.73 1.85 -16.57
CA ASP A 35 17.80 0.87 -16.53
C ASP A 35 17.31 -0.46 -15.94
N LEU A 36 17.70 -1.55 -16.57
CA LEU A 36 17.30 -2.88 -16.11
C LEU A 36 18.16 -3.33 -14.93
N LEU A 37 19.46 -3.09 -15.03
CA LEU A 37 20.39 -3.47 -13.98
C LEU A 37 19.99 -2.85 -12.64
N ARG A 38 19.94 -1.52 -12.62
CA ARG A 38 19.57 -0.80 -11.40
C ARG A 38 18.13 -1.12 -10.99
N LYS A 39 17.94 -1.42 -9.73
CA LYS A 39 16.61 -1.74 -9.20
C LYS A 39 16.29 -0.92 -7.96
N PRO A 40 15.23 -0.11 -8.03
CA PRO A 40 14.80 0.73 -6.90
C PRO A 40 14.23 -0.09 -5.75
N THR A 41 14.14 0.54 -4.59
CA THR A 41 13.61 -0.12 -3.40
C THR A 41 12.45 0.67 -2.80
N ILE A 42 11.37 -0.03 -2.46
CA ILE A 42 10.20 0.60 -1.87
C ILE A 42 10.07 0.25 -0.40
N LYS A 43 9.92 1.28 0.44
CA LYS A 43 9.78 1.08 1.88
C LYS A 43 8.42 1.58 2.37
N TRP A 44 7.64 0.69 2.97
CA TRP A 44 6.33 1.05 3.48
C TRP A 44 6.41 1.44 4.96
N PHE A 45 5.84 2.59 5.29
CA PHE A 45 5.85 3.08 6.67
C PHE A 45 4.43 3.30 7.18
N LYS A 46 4.26 3.21 8.49
CA LYS A 46 2.95 3.40 9.11
C LYS A 46 3.01 4.48 10.18
N GLY A 47 1.91 5.21 10.35
CA GLY A 47 1.86 6.27 11.34
C GLY A 47 2.91 7.33 11.12
N LYS A 48 3.63 7.70 12.17
CA LYS A 48 4.66 8.71 12.08
C LYS A 48 6.06 8.08 12.09
N TRP A 49 6.28 7.17 13.03
CA TRP A 49 7.56 6.48 13.14
C TRP A 49 7.41 4.99 12.88
N MET A 50 6.25 4.45 13.24
CA MET A 50 5.98 3.03 13.04
C MET A 50 6.47 2.56 11.67
N ASP A 51 7.32 1.54 11.67
CA ASP A 51 7.86 1.00 10.43
C ASP A 51 7.22 -0.35 10.09
N LEU A 52 6.87 -0.52 8.82
CA LEU A 52 6.25 -1.76 8.38
C LEU A 52 7.30 -2.77 7.93
N ALA A 53 8.33 -2.28 7.24
CA ALA A 53 9.41 -3.14 6.76
C ALA A 53 9.83 -4.15 7.84
N SER A 54 9.73 -3.73 9.10
CA SER A 54 10.10 -4.59 10.21
C SER A 54 8.96 -5.52 10.59
N LYS A 55 7.73 -5.05 10.39
CA LYS A 55 6.55 -5.85 10.71
C LYS A 55 6.39 -6.99 9.72
N ALA A 56 6.86 -6.78 8.49
CA ALA A 56 6.77 -7.80 7.45
C ALA A 56 7.38 -9.12 7.92
N GLY A 57 6.53 -10.12 8.13
CA GLY A 57 6.99 -11.42 8.57
C GLY A 57 5.90 -12.46 8.55
N LYS A 58 4.99 -12.37 9.50
CA LYS A 58 3.88 -13.32 9.60
C LYS A 58 2.54 -12.61 9.42
N HIS A 59 2.43 -11.41 9.98
CA HIS A 59 1.20 -10.63 9.88
C HIS A 59 1.25 -9.70 8.67
N LEU A 60 2.44 -9.50 8.13
CA LEU A 60 2.62 -8.63 6.97
C LEU A 60 3.63 -9.23 5.99
N GLN A 61 3.39 -9.01 4.70
CA GLN A 61 4.28 -9.53 3.67
C GLN A 61 4.30 -8.60 2.46
N LEU A 62 5.49 -8.14 2.10
CA LEU A 62 5.65 -7.24 0.96
C LEU A 62 6.02 -8.02 -0.30
N LYS A 63 5.67 -7.46 -1.45
CA LYS A 63 5.96 -8.10 -2.73
C LYS A 63 6.62 -7.12 -3.69
N GLU A 64 7.46 -7.63 -4.59
CA GLU A 64 8.15 -6.80 -5.56
C GLU A 64 8.42 -7.58 -6.84
N THR A 65 8.14 -6.95 -7.98
CA THR A 65 8.35 -7.59 -9.28
C THR A 65 8.83 -6.58 -10.31
N PHE A 66 9.56 -7.07 -11.32
CA PHE A 66 10.06 -6.20 -12.37
C PHE A 66 9.52 -6.61 -13.74
N GLU A 67 9.33 -5.65 -14.62
CA GLU A 67 8.82 -5.91 -15.95
C GLU A 67 9.69 -5.26 -17.02
N ARG A 68 10.61 -6.04 -17.58
CA ARG A 68 11.51 -5.55 -18.61
C ARG A 68 10.74 -5.10 -19.84
N HIS A 69 9.52 -5.62 -20.00
CA HIS A 69 8.68 -5.26 -21.13
C HIS A 69 8.72 -3.76 -21.40
N SER A 70 8.23 -2.99 -20.44
CA SER A 70 8.21 -1.53 -20.56
C SER A 70 9.17 -0.88 -19.58
N ARG A 71 9.95 -1.70 -18.90
CA ARG A 71 10.92 -1.22 -17.93
C ARG A 71 10.22 -0.57 -16.74
N VAL A 72 9.19 -1.24 -16.23
CA VAL A 72 8.43 -0.72 -15.09
C VAL A 72 8.37 -1.74 -13.96
N TYR A 73 8.49 -1.26 -12.73
CA TYR A 73 8.46 -2.14 -11.57
C TYR A 73 7.09 -2.10 -10.90
N THR A 74 6.71 -3.20 -10.27
CA THR A 74 5.42 -3.30 -9.59
C THR A 74 5.58 -3.88 -8.19
N PHE A 75 5.54 -3.02 -7.19
CA PHE A 75 5.68 -3.44 -5.80
C PHE A 75 4.32 -3.46 -5.10
N GLU A 76 4.10 -4.49 -4.29
CA GLU A 76 2.84 -4.63 -3.56
C GLU A 76 3.09 -4.77 -2.06
N MET A 77 2.03 -4.63 -1.27
CA MET A 77 2.13 -4.73 0.18
C MET A 77 1.01 -5.59 0.74
N GLN A 78 1.30 -6.85 1.02
CA GLN A 78 0.31 -7.78 1.56
C GLN A 78 0.20 -7.63 3.08
N ILE A 79 -1.02 -7.65 3.59
CA ILE A 79 -1.26 -7.52 5.01
C ILE A 79 -2.13 -8.67 5.53
N ILE A 80 -1.48 -9.64 6.17
CA ILE A 80 -2.19 -10.79 6.71
C ILE A 80 -2.66 -10.52 8.14
N LYS A 81 -3.86 -11.00 8.46
CA LYS A 81 -4.41 -10.82 9.79
C LYS A 81 -4.36 -9.36 10.22
N ALA A 82 -4.75 -8.47 9.31
CA ALA A 82 -4.74 -7.04 9.58
C ALA A 82 -5.38 -6.74 10.93
N LYS A 83 -4.67 -6.01 11.78
CA LYS A 83 -5.16 -5.65 13.10
C LYS A 83 -5.71 -4.22 13.11
N ASP A 84 -6.51 -3.90 14.11
CA ASP A 84 -7.09 -2.57 14.25
C ASP A 84 -6.00 -1.51 14.30
N ASN A 85 -4.77 -1.94 14.57
CA ASN A 85 -3.64 -1.02 14.66
C ASN A 85 -3.09 -0.71 13.27
N PHE A 86 -3.40 -1.58 12.30
CA PHE A 86 -2.94 -1.40 10.93
C PHE A 86 -3.67 -0.24 10.25
N ALA A 87 -4.78 0.18 10.84
CA ALA A 87 -5.58 1.27 10.30
C ALA A 87 -4.91 2.63 10.57
N GLY A 88 -5.01 3.52 9.61
CA GLY A 88 -4.41 4.84 9.76
C GLY A 88 -3.83 5.37 8.46
N ASN A 89 -2.69 6.04 8.56
CA ASN A 89 -2.03 6.60 7.37
C ASN A 89 -0.78 5.81 7.03
N TYR A 90 -0.62 5.51 5.74
CA TYR A 90 0.54 4.75 5.27
C TYR A 90 1.46 5.63 4.43
N ARG A 91 2.64 5.11 4.12
CA ARG A 91 3.62 5.85 3.33
C ARG A 91 4.50 4.89 2.53
N CYS A 92 4.94 5.34 1.36
CA CYS A 92 5.79 4.52 0.50
C CYS A 92 6.89 5.36 -0.13
N GLU A 93 8.13 5.03 0.19
CA GLU A 93 9.28 5.76 -0.36
C GLU A 93 10.09 4.88 -1.30
N VAL A 94 10.22 5.32 -2.55
CA VAL A 94 10.97 4.58 -3.55
C VAL A 94 12.11 5.40 -4.11
N THR A 95 13.34 5.07 -3.70
CA THR A 95 14.52 5.77 -4.16
C THR A 95 15.16 5.07 -5.35
N TYR A 96 15.47 5.84 -6.38
CA TYR A 96 16.08 5.28 -7.59
C TYR A 96 17.27 6.14 -8.04
N LYS A 97 18.00 5.64 -9.03
CA LYS A 97 19.16 6.35 -9.55
C LYS A 97 18.74 7.65 -10.24
N ASP A 98 17.71 7.55 -11.07
CA ASP A 98 17.20 8.71 -11.80
C ASP A 98 16.65 9.77 -10.83
N LYS A 99 15.48 9.49 -10.27
CA LYS A 99 14.86 10.41 -9.32
C LYS A 99 14.26 9.65 -8.14
N PHE A 100 13.89 10.39 -7.10
CA PHE A 100 13.30 9.78 -5.91
C PHE A 100 11.98 10.45 -5.56
N ASP A 101 10.94 9.65 -5.41
CA ASP A 101 9.62 10.16 -5.07
C ASP A 101 8.93 9.26 -4.05
N SER A 102 7.97 9.82 -3.31
CA SER A 102 7.24 9.07 -2.30
C SER A 102 5.80 9.56 -2.20
N CYS A 103 4.90 8.64 -1.87
CA CYS A 103 3.48 8.97 -1.75
C CYS A 103 2.92 8.47 -0.41
N SER A 104 1.71 8.92 -0.09
CA SER A 104 1.07 8.53 1.16
C SER A 104 -0.42 8.29 0.95
N PHE A 105 -0.94 7.24 1.60
CA PHE A 105 -2.35 6.90 1.48
C PHE A 105 -2.98 6.69 2.85
N ASP A 106 -4.25 6.32 2.87
CA ASP A 106 -4.97 6.09 4.13
C ASP A 106 -5.69 4.75 4.09
N LEU A 107 -5.46 3.93 5.11
CA LEU A 107 -6.10 2.62 5.21
C LEU A 107 -7.12 2.57 6.34
N GLU A 108 -8.05 1.63 6.26
CA GLU A 108 -9.08 1.49 7.27
C GLU A 108 -9.25 0.03 7.68
N VAL A 109 -9.61 -0.19 8.94
CA VAL A 109 -9.80 -1.54 9.45
C VAL A 109 -11.16 -1.69 10.12
N HIS A 110 -11.96 -2.64 9.63
CA HIS A 110 -13.29 -2.88 10.19
C HIS A 110 -13.29 -4.13 11.08
N GLU A 111 -14.03 -4.05 12.18
CA GLU A 111 -14.12 -5.16 13.11
C GLU A 111 -14.85 -6.36 12.47
N SER A 112 -14.15 -7.49 12.40
CA SER A 112 -14.73 -8.70 11.81
C SER A 112 -15.95 -9.16 12.60
N THR A 113 -17.00 -9.55 11.89
CA THR A 113 -18.22 -10.02 12.52
C THR A 113 -18.77 -8.98 13.49
N GLY A 114 -18.80 -7.72 13.05
CA GLY A 114 -19.30 -6.65 13.88
C GLY A 114 -20.23 -5.71 13.13
N THR A 115 -19.65 -4.87 12.29
CA THR A 115 -20.44 -3.92 11.51
C THR A 115 -20.21 -4.11 10.02
N THR A 116 -21.29 -4.16 9.25
CA THR A 116 -21.22 -4.34 7.81
C THR A 116 -21.04 -3.00 7.09
N PRO A 117 -20.26 -3.00 6.01
CA PRO A 117 -20.01 -1.80 5.21
C PRO A 117 -21.24 -1.33 4.44
N ASN A 118 -21.11 -0.21 3.74
CA ASN A 118 -22.22 0.34 2.96
C ASN A 118 -21.89 0.33 1.47
N ILE A 119 -22.93 0.30 0.64
CA ILE A 119 -22.76 0.30 -0.80
C ILE A 119 -23.75 1.22 -1.48
N ASP A 120 -23.33 1.84 -2.57
CA ASP A 120 -24.19 2.75 -3.32
C ASP A 120 -23.83 2.76 -4.80
N SER A 121 -24.72 2.25 -5.63
CA SER A 121 -24.50 2.19 -7.06
C SER A 121 -25.23 3.31 -7.79
N GLY A 122 -24.70 3.73 -8.93
CA GLY A 122 -25.32 4.80 -9.69
C GLY A 122 -25.64 4.38 -11.12
N PRO A 123 -26.48 5.18 -11.79
CA PRO A 123 -26.89 4.91 -13.17
C PRO A 123 -25.74 5.11 -14.17
N SER A 124 -25.37 4.03 -14.85
CA SER A 124 -24.29 4.07 -15.81
C SER A 124 -24.79 3.73 -17.21
N SER A 125 -24.01 4.11 -18.22
CA SER A 125 -24.39 3.85 -19.61
C SER A 125 -23.50 2.77 -20.21
N GLY A 126 -23.81 2.38 -21.46
CA GLY A 126 -23.03 1.36 -22.12
C GLY A 126 -21.62 1.82 -22.46
N GLY A 1 0.75 32.42 -15.10
CA GLY A 1 0.49 31.33 -14.18
C GLY A 1 1.51 31.25 -13.06
N SER A 2 1.38 30.25 -12.19
CA SER A 2 2.29 30.08 -11.08
C SER A 2 3.37 29.04 -11.41
N SER A 3 4.55 29.21 -10.83
CA SER A 3 5.66 28.30 -11.07
C SER A 3 5.43 26.97 -10.36
N GLY A 4 6.16 25.93 -10.78
CA GLY A 4 6.03 24.63 -10.17
C GLY A 4 7.07 23.65 -10.67
N SER A 5 6.62 22.43 -10.98
CA SER A 5 7.53 21.39 -11.46
C SER A 5 6.75 20.24 -12.08
N SER A 6 7.40 19.48 -12.97
CA SER A 6 6.76 18.35 -13.63
C SER A 6 7.74 17.20 -13.79
N GLY A 7 7.21 15.99 -13.91
CA GLY A 7 8.05 14.82 -14.07
C GLY A 7 7.68 13.70 -13.12
N ILE A 8 6.48 13.16 -13.29
CA ILE A 8 6.01 12.07 -12.43
C ILE A 8 6.70 10.75 -12.78
N LEU A 9 7.07 10.00 -11.75
CA LEU A 9 7.74 8.72 -11.95
C LEU A 9 6.89 7.58 -11.39
N PHE A 10 6.34 7.78 -10.20
CA PHE A 10 5.52 6.77 -9.56
C PHE A 10 4.22 6.54 -10.35
N ILE A 11 4.33 5.83 -11.46
CA ILE A 11 3.17 5.56 -12.30
C ILE A 11 1.98 5.10 -11.45
N GLU A 12 2.02 3.86 -11.00
CA GLU A 12 0.95 3.31 -10.18
C GLU A 12 1.17 3.62 -8.71
N LYS A 13 0.10 4.02 -8.03
CA LYS A 13 0.17 4.36 -6.61
C LYS A 13 -0.72 3.44 -5.79
N PRO A 14 -0.25 3.06 -4.59
CA PRO A 14 -0.99 2.18 -3.68
C PRO A 14 -2.22 2.87 -3.10
N GLN A 15 -3.31 2.87 -3.85
CA GLN A 15 -4.55 3.49 -3.40
C GLN A 15 -5.03 2.86 -2.10
N GLY A 16 -5.00 3.63 -1.02
CA GLY A 16 -5.44 3.13 0.27
C GLY A 16 -6.91 2.74 0.26
N GLY A 17 -7.28 1.85 1.19
CA GLY A 17 -8.65 1.40 1.27
C GLY A 17 -9.06 1.06 2.69
N THR A 18 -9.94 0.07 2.83
CA THR A 18 -10.42 -0.35 4.14
C THR A 18 -10.55 -1.87 4.21
N VAL A 19 -9.76 -2.47 5.08
CA VAL A 19 -9.78 -3.93 5.25
C VAL A 19 -10.36 -4.31 6.61
N LYS A 20 -11.17 -5.37 6.62
CA LYS A 20 -11.79 -5.83 7.86
C LYS A 20 -10.77 -6.54 8.75
N VAL A 21 -11.00 -6.52 10.05
CA VAL A 21 -10.10 -7.16 11.00
C VAL A 21 -9.99 -8.66 10.73
N GLY A 22 -8.77 -9.11 10.43
CA GLY A 22 -8.56 -10.52 10.16
C GLY A 22 -8.51 -10.82 8.68
N GLU A 23 -9.02 -9.90 7.87
CA GLU A 23 -9.04 -10.07 6.41
C GLU A 23 -7.65 -9.83 5.83
N ASP A 24 -7.55 -9.94 4.51
CA ASP A 24 -6.28 -9.72 3.82
C ASP A 24 -6.43 -8.72 2.68
N ILE A 25 -5.53 -7.76 2.63
CA ILE A 25 -5.56 -6.73 1.59
C ILE A 25 -4.20 -6.60 0.91
N THR A 26 -4.21 -6.13 -0.34
CA THR A 26 -2.98 -5.95 -1.10
C THR A 26 -2.97 -4.61 -1.82
N PHE A 27 -1.89 -3.85 -1.65
CA PHE A 27 -1.75 -2.55 -2.28
C PHE A 27 -0.85 -2.63 -3.51
N ILE A 28 -1.26 -1.97 -4.58
CA ILE A 28 -0.48 -1.97 -5.82
C ILE A 28 0.34 -0.69 -5.94
N ALA A 29 1.65 -0.86 -6.14
CA ALA A 29 2.54 0.28 -6.29
C ALA A 29 3.72 -0.05 -7.20
N LYS A 30 3.75 0.57 -8.36
CA LYS A 30 4.83 0.33 -9.33
C LYS A 30 5.45 1.65 -9.79
N VAL A 31 6.76 1.64 -9.98
CA VAL A 31 7.48 2.84 -10.42
C VAL A 31 8.01 2.66 -11.83
N LYS A 32 8.12 3.77 -12.56
CA LYS A 32 8.61 3.75 -13.93
C LYS A 32 10.13 3.58 -13.95
N ALA A 33 10.61 2.67 -14.80
CA ALA A 33 12.04 2.43 -14.91
C ALA A 33 12.48 2.43 -16.38
N GLU A 34 13.79 2.54 -16.60
CA GLU A 34 14.33 2.56 -17.95
C GLU A 34 15.52 1.60 -18.07
N ASP A 35 16.45 1.71 -17.12
CA ASP A 35 17.62 0.85 -17.12
C ASP A 35 17.37 -0.45 -16.34
N LEU A 36 18.20 -1.45 -16.59
CA LEU A 36 18.06 -2.73 -15.91
C LEU A 36 19.11 -2.89 -14.82
N LEU A 37 20.33 -2.44 -15.10
CA LEU A 37 21.42 -2.53 -14.14
C LEU A 37 21.01 -1.96 -12.79
N ARG A 38 20.35 -0.80 -12.82
CA ARG A 38 19.90 -0.15 -11.59
C ARG A 38 18.54 -0.69 -11.15
N LYS A 39 18.25 -0.57 -9.87
CA LYS A 39 16.98 -1.05 -9.33
C LYS A 39 16.49 -0.12 -8.21
N PRO A 40 15.30 0.46 -8.41
CA PRO A 40 14.69 1.36 -7.43
C PRO A 40 14.24 0.64 -6.17
N THR A 41 14.67 1.14 -5.01
CA THR A 41 14.30 0.54 -3.74
C THR A 41 13.01 1.12 -3.21
N ILE A 42 12.18 0.27 -2.59
CA ILE A 42 10.91 0.70 -2.04
C ILE A 42 10.79 0.30 -0.57
N LYS A 43 10.06 1.12 0.19
CA LYS A 43 9.87 0.85 1.62
C LYS A 43 8.47 1.26 2.06
N TRP A 44 7.84 0.43 2.86
CA TRP A 44 6.50 0.71 3.37
C TRP A 44 6.53 1.14 4.82
N PHE A 45 5.82 2.22 5.14
CA PHE A 45 5.77 2.74 6.50
C PHE A 45 4.33 2.97 6.94
N LYS A 46 4.13 3.09 8.25
CA LYS A 46 2.81 3.31 8.81
C LYS A 46 2.89 4.08 10.12
N GLY A 47 1.90 4.95 10.36
CA GLY A 47 1.89 5.74 11.58
C GLY A 47 2.97 6.80 11.61
N LYS A 48 3.69 6.87 12.72
CA LYS A 48 4.77 7.84 12.88
C LYS A 48 6.13 7.17 12.74
N TRP A 49 6.34 6.12 13.52
CA TRP A 49 7.60 5.38 13.49
C TRP A 49 7.40 3.97 12.97
N MET A 50 6.25 3.38 13.28
CA MET A 50 5.94 2.03 12.84
C MET A 50 6.35 1.82 11.39
N ASP A 51 7.34 0.95 11.18
CA ASP A 51 7.83 0.66 9.84
C ASP A 51 7.41 -0.73 9.39
N LEU A 52 6.37 -0.80 8.57
CA LEU A 52 5.86 -2.08 8.07
C LEU A 52 7.01 -2.95 7.58
N ALA A 53 7.94 -2.35 6.84
CA ALA A 53 9.08 -3.07 6.30
C ALA A 53 9.64 -4.05 7.34
N SER A 54 9.87 -3.57 8.54
CA SER A 54 10.40 -4.40 9.62
C SER A 54 9.31 -5.29 10.21
N LYS A 55 8.07 -4.80 10.17
CA LYS A 55 6.94 -5.54 10.70
C LYS A 55 6.67 -6.80 9.88
N ALA A 56 6.96 -6.72 8.59
CA ALA A 56 6.75 -7.86 7.70
C ALA A 56 7.46 -9.10 8.22
N GLY A 57 6.68 -10.14 8.50
CA GLY A 57 7.25 -11.37 9.00
C GLY A 57 6.29 -12.54 8.88
N LYS A 58 5.11 -12.41 9.48
CA LYS A 58 4.11 -13.47 9.43
C LYS A 58 2.74 -12.89 9.06
N HIS A 59 2.22 -12.03 9.93
CA HIS A 59 0.92 -11.41 9.69
C HIS A 59 0.96 -10.50 8.47
N LEU A 60 2.14 -9.95 8.19
CA LEU A 60 2.32 -9.07 7.04
C LEU A 60 3.35 -9.62 6.07
N GLN A 61 3.15 -9.37 4.78
CA GLN A 61 4.07 -9.85 3.75
C GLN A 61 4.11 -8.89 2.57
N LEU A 62 5.30 -8.45 2.21
CA LEU A 62 5.48 -7.53 1.09
C LEU A 62 5.87 -8.29 -0.19
N LYS A 63 5.61 -7.67 -1.33
CA LYS A 63 5.94 -8.28 -2.62
C LYS A 63 6.70 -7.30 -3.50
N GLU A 64 7.55 -7.84 -4.37
CA GLU A 64 8.33 -7.01 -5.28
C GLU A 64 8.69 -7.78 -6.55
N THR A 65 8.36 -7.19 -7.70
CA THR A 65 8.65 -7.82 -8.98
C THR A 65 9.08 -6.78 -10.01
N PHE A 66 9.70 -7.26 -11.10
CA PHE A 66 10.18 -6.38 -12.15
C PHE A 66 9.75 -6.89 -13.52
N GLU A 67 9.46 -5.97 -14.43
CA GLU A 67 9.03 -6.34 -15.77
C GLU A 67 9.94 -5.68 -16.82
N ARG A 68 10.81 -6.48 -17.42
CA ARG A 68 11.73 -5.98 -18.44
C ARG A 68 10.97 -5.58 -19.70
N HIS A 69 9.94 -6.35 -20.04
CA HIS A 69 9.14 -6.07 -21.23
C HIS A 69 8.62 -4.64 -21.20
N SER A 70 8.27 -4.17 -20.01
CA SER A 70 7.75 -2.81 -19.85
C SER A 70 8.74 -1.93 -19.09
N ARG A 71 9.79 -2.55 -18.55
CA ARG A 71 10.79 -1.83 -17.80
C ARG A 71 10.17 -1.05 -16.64
N VAL A 72 9.37 -1.75 -15.84
CA VAL A 72 8.72 -1.13 -14.69
C VAL A 72 8.66 -2.08 -13.50
N TYR A 73 8.98 -1.57 -12.33
CA TYR A 73 8.97 -2.38 -11.11
C TYR A 73 7.60 -2.32 -10.44
N THR A 74 7.01 -3.50 -10.22
CA THR A 74 5.70 -3.58 -9.58
C THR A 74 5.82 -4.11 -8.16
N PHE A 75 5.64 -3.22 -7.18
CA PHE A 75 5.72 -3.59 -5.78
C PHE A 75 4.34 -3.68 -5.16
N GLU A 76 4.15 -4.66 -4.27
CA GLU A 76 2.87 -4.86 -3.60
C GLU A 76 3.07 -5.11 -2.11
N MET A 77 1.98 -5.03 -1.35
CA MET A 77 2.03 -5.25 0.09
C MET A 77 0.86 -6.13 0.54
N GLN A 78 1.15 -7.40 0.80
CA GLN A 78 0.13 -8.34 1.24
C GLN A 78 0.01 -8.34 2.77
N ILE A 79 -1.11 -7.84 3.27
CA ILE A 79 -1.35 -7.78 4.71
C ILE A 79 -2.29 -8.89 5.15
N ILE A 80 -1.80 -9.77 6.01
CA ILE A 80 -2.61 -10.88 6.51
C ILE A 80 -3.07 -10.61 7.95
N LYS A 81 -4.36 -10.79 8.18
CA LYS A 81 -4.94 -10.57 9.50
C LYS A 81 -4.81 -9.11 9.92
N ALA A 82 -5.14 -8.21 9.00
CA ALA A 82 -5.07 -6.78 9.27
C ALA A 82 -5.73 -6.44 10.60
N LYS A 83 -4.92 -6.01 11.57
CA LYS A 83 -5.43 -5.65 12.88
C LYS A 83 -5.82 -4.17 12.93
N ASP A 84 -6.54 -3.80 13.98
CA ASP A 84 -6.97 -2.40 14.14
C ASP A 84 -5.77 -1.47 14.15
N ASN A 85 -4.61 -2.00 14.49
CA ASN A 85 -3.38 -1.20 14.54
C ASN A 85 -2.90 -0.87 13.13
N PHE A 86 -3.42 -1.59 12.15
CA PHE A 86 -3.04 -1.37 10.75
C PHE A 86 -3.80 -0.18 10.17
N ALA A 87 -4.79 0.32 10.91
CA ALA A 87 -5.57 1.45 10.47
C ALA A 87 -4.94 2.77 10.91
N GLY A 88 -4.58 3.60 9.93
CA GLY A 88 -3.97 4.88 10.23
C GLY A 88 -3.43 5.57 9.00
N ASN A 89 -2.13 5.89 9.03
CA ASN A 89 -1.49 6.57 7.90
C ASN A 89 -0.40 5.68 7.31
N TYR A 90 -0.33 5.66 5.97
CA TYR A 90 0.67 4.86 5.27
C TYR A 90 1.53 5.73 4.37
N ARG A 91 2.81 5.39 4.27
CA ARG A 91 3.75 6.14 3.43
C ARG A 91 4.53 5.20 2.52
N CYS A 92 5.06 5.75 1.44
CA CYS A 92 5.83 4.97 0.47
C CYS A 92 7.05 5.76 -0.01
N GLU A 93 8.22 5.14 0.06
CA GLU A 93 9.46 5.78 -0.38
C GLU A 93 10.09 5.01 -1.52
N VAL A 94 10.45 5.73 -2.58
CA VAL A 94 11.07 5.12 -3.75
C VAL A 94 12.18 6.01 -4.32
N THR A 95 13.41 5.52 -4.26
CA THR A 95 14.55 6.26 -4.76
C THR A 95 15.12 5.62 -6.02
N TYR A 96 15.53 6.45 -6.97
CA TYR A 96 16.09 5.96 -8.22
C TYR A 96 17.35 6.73 -8.60
N LYS A 97 17.95 6.38 -9.73
CA LYS A 97 19.16 7.03 -10.20
C LYS A 97 19.23 8.47 -9.69
N ASP A 98 18.43 9.35 -10.29
CA ASP A 98 18.40 10.74 -9.90
C ASP A 98 16.96 11.23 -9.72
N LYS A 99 16.08 10.31 -9.31
CA LYS A 99 14.68 10.65 -9.11
C LYS A 99 14.15 9.99 -7.84
N PHE A 100 13.45 10.76 -7.02
CA PHE A 100 12.89 10.24 -5.78
C PHE A 100 11.51 10.84 -5.51
N ASP A 101 10.54 9.98 -5.21
CA ASP A 101 9.19 10.42 -4.94
C ASP A 101 8.62 9.71 -3.72
N SER A 102 7.65 10.35 -3.06
CA SER A 102 7.03 9.78 -1.87
C SER A 102 5.51 9.96 -1.92
N CYS A 103 4.79 8.86 -1.83
CA CYS A 103 3.33 8.89 -1.85
C CYS A 103 2.75 8.21 -0.62
N SER A 104 1.87 8.92 0.09
CA SER A 104 1.25 8.39 1.30
C SER A 104 -0.25 8.18 1.09
N PHE A 105 -0.80 7.18 1.77
CA PHE A 105 -2.22 6.87 1.66
C PHE A 105 -2.84 6.64 3.03
N ASP A 106 -4.14 6.41 3.06
CA ASP A 106 -4.86 6.18 4.31
C ASP A 106 -5.49 4.78 4.31
N LEU A 107 -5.28 4.05 5.39
CA LEU A 107 -5.84 2.70 5.52
C LEU A 107 -6.81 2.62 6.70
N GLU A 108 -7.99 2.06 6.44
CA GLU A 108 -9.01 1.92 7.48
C GLU A 108 -9.21 0.45 7.85
N VAL A 109 -9.65 0.22 9.09
CA VAL A 109 -9.87 -1.14 9.58
C VAL A 109 -11.19 -1.23 10.35
N HIS A 110 -12.10 -2.03 9.84
CA HIS A 110 -13.41 -2.22 10.48
C HIS A 110 -13.46 -3.54 11.23
N GLU A 111 -14.14 -3.55 12.37
CA GLU A 111 -14.28 -4.75 13.18
C GLU A 111 -15.00 -5.85 12.41
N SER A 112 -14.40 -7.03 12.37
CA SER A 112 -14.99 -8.16 11.65
C SER A 112 -16.06 -8.83 12.50
N THR A 113 -17.24 -8.23 12.54
CA THR A 113 -18.36 -8.77 13.31
C THR A 113 -18.00 -8.89 14.79
N GLY A 114 -17.24 -7.90 15.28
CA GLY A 114 -16.85 -7.91 16.68
C GLY A 114 -17.81 -7.14 17.56
N THR A 115 -17.42 -6.91 18.81
CA THR A 115 -18.25 -6.20 19.77
C THR A 115 -17.50 -5.03 20.39
N THR A 116 -18.25 -4.07 20.92
CA THR A 116 -17.65 -2.89 21.55
C THR A 116 -17.76 -2.98 23.07
N PRO A 117 -16.81 -2.33 23.77
CA PRO A 117 -16.79 -2.30 25.23
C PRO A 117 -17.93 -1.47 25.82
N ASN A 118 -18.09 -1.55 27.14
CA ASN A 118 -19.15 -0.81 27.82
C ASN A 118 -18.86 0.69 27.78
N ILE A 119 -19.85 1.50 28.17
CA ILE A 119 -19.69 2.94 28.18
C ILE A 119 -20.16 3.53 29.52
N ASP A 120 -19.21 4.02 30.31
CA ASP A 120 -19.53 4.60 31.60
C ASP A 120 -20.46 3.70 32.40
N SER A 121 -20.19 2.40 32.34
CA SER A 121 -21.01 1.42 33.06
C SER A 121 -20.46 1.20 34.47
N GLY A 122 -21.29 1.50 35.47
CA GLY A 122 -20.90 1.33 36.85
C GLY A 122 -22.05 0.95 37.75
N PRO A 123 -21.72 0.42 38.94
CA PRO A 123 -22.74 0.00 39.92
C PRO A 123 -23.48 1.18 40.53
N SER A 124 -24.79 1.02 40.71
CA SER A 124 -25.62 2.07 41.28
C SER A 124 -25.66 1.96 42.80
N SER A 125 -26.14 0.82 43.30
CA SER A 125 -26.24 0.59 44.73
C SER A 125 -24.88 0.19 45.31
N GLY A 126 -24.37 1.01 46.22
CA GLY A 126 -23.08 0.73 46.84
C GLY A 126 -22.96 1.35 48.22
N GLY A 1 0.51 22.55 -8.85
CA GLY A 1 -0.43 22.16 -7.82
C GLY A 1 -0.48 20.66 -7.60
N SER A 2 -1.40 19.99 -8.28
CA SER A 2 -1.55 18.55 -8.15
C SER A 2 -1.56 17.88 -9.52
N SER A 3 -2.32 18.45 -10.44
CA SER A 3 -2.43 17.91 -11.80
C SER A 3 -1.10 18.02 -12.53
N GLY A 4 -0.21 17.08 -12.27
CA GLY A 4 1.10 17.08 -12.91
C GLY A 4 1.03 16.61 -14.35
N SER A 5 1.88 17.18 -15.20
CA SER A 5 1.91 16.81 -16.61
C SER A 5 3.18 16.03 -16.95
N SER A 6 4.32 16.53 -16.46
CA SER A 6 5.60 15.88 -16.70
C SER A 6 6.45 15.87 -15.44
N GLY A 7 7.27 14.84 -15.29
CA GLY A 7 8.13 14.73 -14.13
C GLY A 7 7.50 13.91 -13.01
N ILE A 8 7.49 12.61 -13.17
CA ILE A 8 6.92 11.71 -12.17
C ILE A 8 7.33 10.26 -12.42
N LEU A 9 8.03 9.68 -11.45
CA LEU A 9 8.48 8.30 -11.57
C LEU A 9 7.38 7.32 -11.18
N PHE A 10 6.91 7.44 -9.94
CA PHE A 10 5.85 6.57 -9.45
C PHE A 10 4.64 6.61 -10.37
N ILE A 11 4.66 5.79 -11.42
CA ILE A 11 3.57 5.73 -12.37
C ILE A 11 2.25 5.42 -11.68
N GLU A 12 2.29 4.49 -10.72
CA GLU A 12 1.09 4.11 -9.98
C GLU A 12 1.31 4.28 -8.48
N LYS A 13 0.26 4.73 -7.78
CA LYS A 13 0.33 4.93 -6.35
C LYS A 13 -0.84 4.27 -5.64
N PRO A 14 -0.59 3.74 -4.43
CA PRO A 14 -1.62 3.07 -3.63
C PRO A 14 -2.67 4.04 -3.09
N GLN A 15 -3.93 3.81 -3.45
CA GLN A 15 -5.02 4.67 -3.02
C GLN A 15 -5.62 4.16 -1.71
N GLY A 16 -4.86 3.31 -1.01
CA GLY A 16 -5.33 2.77 0.24
C GLY A 16 -6.75 2.22 0.16
N GLY A 17 -7.27 1.73 1.27
CA GLY A 17 -8.61 1.19 1.30
C GLY A 17 -9.07 0.82 2.69
N THR A 18 -9.90 -0.21 2.78
CA THR A 18 -10.41 -0.67 4.08
C THR A 18 -10.52 -2.19 4.12
N VAL A 19 -9.89 -2.79 5.13
CA VAL A 19 -9.92 -4.23 5.29
C VAL A 19 -10.46 -4.63 6.65
N LYS A 20 -11.22 -5.73 6.69
CA LYS A 20 -11.80 -6.21 7.93
C LYS A 20 -10.74 -6.86 8.81
N VAL A 21 -10.97 -6.84 10.12
CA VAL A 21 -10.03 -7.43 11.07
C VAL A 21 -9.87 -8.93 10.83
N GLY A 22 -8.66 -9.35 10.49
CA GLY A 22 -8.40 -10.75 10.25
C GLY A 22 -8.40 -11.08 8.77
N GLU A 23 -8.83 -10.14 7.94
CA GLU A 23 -8.88 -10.33 6.50
C GLU A 23 -7.51 -10.10 5.87
N ASP A 24 -7.45 -10.23 4.54
CA ASP A 24 -6.20 -10.03 3.82
C ASP A 24 -6.39 -9.05 2.67
N ILE A 25 -5.57 -8.01 2.64
CA ILE A 25 -5.64 -7.00 1.60
C ILE A 25 -4.29 -6.80 0.93
N THR A 26 -4.31 -6.36 -0.34
CA THR A 26 -3.09 -6.14 -1.09
C THR A 26 -3.14 -4.79 -1.80
N PHE A 27 -2.03 -4.05 -1.72
CA PHE A 27 -1.94 -2.74 -2.36
C PHE A 27 -1.09 -2.81 -3.62
N ILE A 28 -1.33 -1.89 -4.55
CA ILE A 28 -0.57 -1.84 -5.80
C ILE A 28 0.28 -0.58 -5.87
N ALA A 29 1.53 -0.75 -6.31
CA ALA A 29 2.45 0.38 -6.44
C ALA A 29 3.55 0.07 -7.44
N LYS A 30 3.55 0.79 -8.56
CA LYS A 30 4.54 0.60 -9.60
C LYS A 30 5.43 1.85 -9.75
N VAL A 31 6.51 1.70 -10.51
CA VAL A 31 7.43 2.82 -10.74
C VAL A 31 8.03 2.76 -12.13
N LYS A 32 8.13 3.92 -12.78
CA LYS A 32 8.69 3.99 -14.12
C LYS A 32 10.21 3.89 -14.09
N ALA A 33 10.74 2.81 -14.65
CA ALA A 33 12.18 2.59 -14.68
C ALA A 33 12.74 2.79 -16.09
N GLU A 34 14.06 2.86 -16.19
CA GLU A 34 14.71 3.05 -17.48
C GLU A 34 15.89 2.08 -17.65
N ASP A 35 16.68 1.95 -16.59
CA ASP A 35 17.83 1.06 -16.61
C ASP A 35 17.50 -0.28 -15.96
N LEU A 36 18.25 -1.32 -16.34
CA LEU A 36 18.03 -2.65 -15.79
C LEU A 36 19.06 -2.97 -14.71
N LEU A 37 20.33 -2.69 -15.01
CA LEU A 37 21.41 -2.95 -14.07
C LEU A 37 21.02 -2.52 -12.66
N ARG A 38 20.47 -1.31 -12.55
CA ARG A 38 20.04 -0.78 -11.26
C ARG A 38 18.59 -1.14 -10.97
N LYS A 39 18.25 -1.21 -9.69
CA LYS A 39 16.89 -1.55 -9.27
C LYS A 39 16.47 -0.72 -8.06
N PRO A 40 15.36 0.02 -8.20
CA PRO A 40 14.83 0.86 -7.12
C PRO A 40 14.25 0.04 -5.98
N THR A 41 14.34 0.58 -4.77
CA THR A 41 13.84 -0.10 -3.58
C THR A 41 12.67 0.65 -2.97
N ILE A 42 11.65 -0.08 -2.53
CA ILE A 42 10.48 0.52 -1.92
C ILE A 42 10.43 0.25 -0.41
N LYS A 43 9.81 1.16 0.33
CA LYS A 43 9.69 1.02 1.77
C LYS A 43 8.33 1.52 2.26
N TRP A 44 7.55 0.61 2.83
CA TRP A 44 6.22 0.95 3.34
C TRP A 44 6.30 1.40 4.79
N PHE A 45 5.61 2.50 5.11
CA PHE A 45 5.61 3.03 6.46
C PHE A 45 4.18 3.20 6.97
N LYS A 46 4.04 3.52 8.25
CA LYS A 46 2.73 3.72 8.86
C LYS A 46 2.86 4.49 10.18
N GLY A 47 1.85 5.31 10.47
CA GLY A 47 1.87 6.09 11.70
C GLY A 47 2.92 7.18 11.68
N LYS A 48 3.69 7.26 12.76
CA LYS A 48 4.75 8.27 12.86
C LYS A 48 6.12 7.64 12.66
N TRP A 49 6.43 6.62 13.47
CA TRP A 49 7.70 5.93 13.38
C TRP A 49 7.53 4.51 12.88
N MET A 50 6.39 3.90 13.22
CA MET A 50 6.09 2.54 12.81
C MET A 50 6.48 2.33 11.34
N ASP A 51 7.40 1.40 11.11
CA ASP A 51 7.86 1.09 9.76
C ASP A 51 7.44 -0.31 9.35
N LEU A 52 6.38 -0.39 8.54
CA LEU A 52 5.88 -1.68 8.07
C LEU A 52 7.01 -2.54 7.51
N ALA A 53 7.93 -1.91 6.81
CA ALA A 53 9.06 -2.61 6.22
C ALA A 53 9.65 -3.62 7.21
N SER A 54 9.91 -3.16 8.43
CA SER A 54 10.47 -4.02 9.46
C SER A 54 9.39 -4.91 10.08
N LYS A 55 8.13 -4.49 9.94
CA LYS A 55 7.02 -5.25 10.48
C LYS A 55 6.75 -6.50 9.65
N ALA A 56 7.08 -6.44 8.36
CA ALA A 56 6.88 -7.56 7.46
C ALA A 56 7.58 -8.81 7.99
N GLY A 57 6.79 -9.86 8.24
CA GLY A 57 7.36 -11.10 8.74
C GLY A 57 6.40 -12.27 8.60
N LYS A 58 5.31 -12.24 9.36
CA LYS A 58 4.32 -13.31 9.31
C LYS A 58 2.94 -12.75 8.97
N HIS A 59 2.42 -11.91 9.86
CA HIS A 59 1.11 -11.30 9.64
C HIS A 59 1.11 -10.40 8.42
N LEU A 60 2.27 -9.82 8.11
CA LEU A 60 2.41 -8.95 6.96
C LEU A 60 3.46 -9.48 5.98
N GLN A 61 3.24 -9.25 4.70
CA GLN A 61 4.16 -9.72 3.67
C GLN A 61 4.17 -8.76 2.47
N LEU A 62 5.35 -8.26 2.13
CA LEU A 62 5.49 -7.34 1.00
C LEU A 62 5.87 -8.09 -0.27
N LYS A 63 5.68 -7.44 -1.41
CA LYS A 63 6.00 -8.04 -2.70
C LYS A 63 6.67 -7.03 -3.62
N GLU A 64 7.60 -7.50 -4.44
CA GLU A 64 8.31 -6.63 -5.37
C GLU A 64 8.77 -7.40 -6.60
N THR A 65 8.41 -6.92 -7.78
CA THR A 65 8.78 -7.57 -9.03
C THR A 65 9.21 -6.55 -10.08
N PHE A 66 9.83 -7.03 -11.15
CA PHE A 66 10.28 -6.15 -12.22
C PHE A 66 9.78 -6.64 -13.58
N GLU A 67 9.46 -5.71 -14.46
CA GLU A 67 8.96 -6.05 -15.79
C GLU A 67 9.79 -5.36 -16.86
N ARG A 68 10.77 -6.08 -17.39
CA ARG A 68 11.64 -5.55 -18.44
C ARG A 68 10.85 -5.23 -19.70
N HIS A 69 9.76 -5.98 -19.91
CA HIS A 69 8.92 -5.77 -21.08
C HIS A 69 8.53 -4.31 -21.23
N SER A 70 8.27 -3.66 -20.10
CA SER A 70 7.87 -2.25 -20.10
C SER A 70 8.83 -1.43 -19.24
N ARG A 71 9.83 -2.08 -18.66
CA ARG A 71 10.80 -1.41 -17.82
C ARG A 71 10.13 -0.72 -16.64
N VAL A 72 9.26 -1.47 -15.95
CA VAL A 72 8.55 -0.93 -14.80
C VAL A 72 8.47 -1.95 -13.68
N TYR A 73 8.77 -1.51 -12.47
CA TYR A 73 8.74 -2.40 -11.30
C TYR A 73 7.36 -2.37 -10.64
N THR A 74 6.87 -3.55 -10.25
CA THR A 74 5.57 -3.66 -9.61
C THR A 74 5.72 -4.15 -8.17
N PHE A 75 5.52 -3.24 -7.21
CA PHE A 75 5.63 -3.59 -5.80
C PHE A 75 4.24 -3.65 -5.16
N GLU A 76 4.01 -4.71 -4.38
CA GLU A 76 2.73 -4.90 -3.71
C GLU A 76 2.92 -5.09 -2.21
N MET A 77 1.83 -5.01 -1.47
CA MET A 77 1.88 -5.16 -0.02
C MET A 77 0.76 -6.08 0.47
N GLN A 78 1.10 -7.35 0.71
CA GLN A 78 0.12 -8.32 1.18
C GLN A 78 0.02 -8.31 2.70
N ILE A 79 -1.11 -7.85 3.22
CA ILE A 79 -1.32 -7.80 4.66
C ILE A 79 -2.22 -8.93 5.13
N ILE A 80 -1.68 -9.80 5.97
CA ILE A 80 -2.44 -10.94 6.49
C ILE A 80 -2.89 -10.68 7.93
N LYS A 81 -4.16 -10.91 8.20
CA LYS A 81 -4.71 -10.70 9.53
C LYS A 81 -4.57 -9.25 9.96
N ALA A 82 -5.04 -8.34 9.13
CA ALA A 82 -4.97 -6.91 9.42
C ALA A 82 -5.67 -6.59 10.74
N LYS A 83 -4.90 -6.19 11.74
CA LYS A 83 -5.44 -5.85 13.05
C LYS A 83 -5.89 -4.39 13.09
N ASP A 84 -6.61 -4.03 14.14
CA ASP A 84 -7.09 -2.66 14.30
C ASP A 84 -5.93 -1.68 14.35
N ASN A 85 -4.72 -2.21 14.46
CA ASN A 85 -3.51 -1.38 14.52
C ASN A 85 -3.02 -1.04 13.12
N PHE A 86 -3.50 -1.79 12.14
CA PHE A 86 -3.10 -1.57 10.75
C PHE A 86 -3.85 -0.39 10.15
N ALA A 87 -4.80 0.16 10.90
CA ALA A 87 -5.59 1.30 10.45
C ALA A 87 -4.93 2.61 10.85
N GLY A 88 -4.69 3.47 9.87
CA GLY A 88 -4.07 4.75 10.15
C GLY A 88 -3.57 5.44 8.90
N ASN A 89 -2.34 5.96 8.96
CA ASN A 89 -1.76 6.66 7.81
C ASN A 89 -0.51 5.92 7.32
N TYR A 90 -0.51 5.56 6.04
CA TYR A 90 0.61 4.85 5.45
C TYR A 90 1.49 5.79 4.63
N ARG A 91 2.73 5.39 4.40
CA ARG A 91 3.66 6.20 3.63
C ARG A 91 4.72 5.33 2.95
N CYS A 92 4.81 5.46 1.63
CA CYS A 92 5.78 4.68 0.87
C CYS A 92 6.82 5.58 0.21
N GLU A 93 8.08 5.16 0.26
CA GLU A 93 9.16 5.94 -0.32
C GLU A 93 10.09 5.05 -1.13
N VAL A 94 10.42 5.49 -2.34
CA VAL A 94 11.30 4.73 -3.24
C VAL A 94 12.34 5.64 -3.88
N THR A 95 13.61 5.37 -3.59
CA THR A 95 14.70 6.16 -4.13
C THR A 95 15.36 5.45 -5.31
N TYR A 96 15.22 6.02 -6.50
CA TYR A 96 15.80 5.44 -7.71
C TYR A 96 16.99 6.26 -8.19
N LYS A 97 17.89 5.61 -8.91
CA LYS A 97 19.07 6.27 -9.43
C LYS A 97 18.70 7.52 -10.21
N ASP A 98 17.70 7.40 -11.07
CA ASP A 98 17.24 8.52 -11.88
C ASP A 98 16.65 9.63 -11.00
N LYS A 99 15.47 9.37 -10.45
CA LYS A 99 14.80 10.34 -9.59
C LYS A 99 14.15 9.64 -8.39
N PHE A 100 13.77 10.43 -7.39
CA PHE A 100 13.15 9.88 -6.19
C PHE A 100 11.77 10.51 -5.97
N ASP A 101 10.76 9.65 -5.84
CA ASP A 101 9.39 10.12 -5.63
C ASP A 101 8.69 9.27 -4.57
N SER A 102 7.79 9.90 -3.83
CA SER A 102 7.05 9.20 -2.78
C SER A 102 5.62 9.74 -2.67
N CYS A 103 4.79 9.03 -1.93
CA CYS A 103 3.40 9.43 -1.74
C CYS A 103 2.89 9.03 -0.36
N SER A 104 1.63 9.32 -0.09
CA SER A 104 1.02 8.99 1.20
C SER A 104 -0.42 8.52 1.02
N PHE A 105 -0.83 7.56 1.84
CA PHE A 105 -2.18 7.01 1.77
C PHE A 105 -2.71 6.71 3.17
N ASP A 106 -3.91 6.14 3.22
CA ASP A 106 -4.53 5.79 4.49
C ASP A 106 -5.17 4.41 4.42
N LEU A 107 -5.23 3.73 5.56
CA LEU A 107 -5.82 2.39 5.62
C LEU A 107 -6.82 2.30 6.77
N GLU A 108 -8.02 1.80 6.47
CA GLU A 108 -9.06 1.65 7.47
C GLU A 108 -9.27 0.19 7.83
N VAL A 109 -9.63 -0.07 9.09
CA VAL A 109 -9.85 -1.43 9.57
C VAL A 109 -11.21 -1.55 10.26
N HIS A 110 -12.04 -2.45 9.75
CA HIS A 110 -13.37 -2.66 10.31
C HIS A 110 -13.40 -3.94 11.15
N GLU A 111 -14.11 -3.89 12.28
CA GLU A 111 -14.22 -5.03 13.17
C GLU A 111 -14.94 -6.19 12.48
N SER A 112 -14.29 -7.34 12.43
CA SER A 112 -14.87 -8.52 11.79
C SER A 112 -15.97 -9.12 12.66
N THR A 113 -17.21 -8.91 12.25
CA THR A 113 -18.36 -9.43 12.99
C THR A 113 -19.44 -9.94 12.05
N GLY A 114 -19.73 -11.24 12.13
CA GLY A 114 -20.74 -11.83 11.28
C GLY A 114 -22.15 -11.49 11.73
N THR A 115 -22.94 -10.90 10.83
CA THR A 115 -24.31 -10.52 11.14
C THR A 115 -25.26 -11.69 10.95
N THR A 116 -26.08 -11.95 11.97
CA THR A 116 -27.04 -13.05 11.91
C THR A 116 -28.29 -12.64 11.14
N PRO A 117 -28.88 -13.60 10.41
CA PRO A 117 -30.09 -13.36 9.62
C PRO A 117 -31.32 -13.15 10.49
N ASN A 118 -32.44 -12.77 9.87
CA ASN A 118 -33.67 -12.53 10.60
C ASN A 118 -34.84 -13.23 9.90
N ILE A 119 -35.99 -13.26 10.59
CA ILE A 119 -37.18 -13.90 10.04
C ILE A 119 -38.30 -12.89 9.85
N ASP A 120 -39.05 -13.04 8.76
CA ASP A 120 -40.16 -12.14 8.47
C ASP A 120 -41.47 -12.72 8.95
N SER A 121 -42.46 -11.84 9.17
CA SER A 121 -43.77 -12.27 9.64
C SER A 121 -44.27 -13.47 8.85
N GLY A 122 -45.31 -14.12 9.35
CA GLY A 122 -45.86 -15.28 8.67
C GLY A 122 -47.29 -15.05 8.21
N PRO A 123 -47.79 -15.97 7.37
CA PRO A 123 -49.16 -15.88 6.82
C PRO A 123 -50.22 -16.12 7.90
N SER A 124 -51.49 -16.02 7.49
CA SER A 124 -52.59 -16.21 8.42
C SER A 124 -53.49 -17.35 7.94
N SER A 125 -54.42 -17.76 8.80
CA SER A 125 -55.34 -18.85 8.47
C SER A 125 -56.76 -18.31 8.24
N GLY A 126 -57.66 -19.21 7.86
CA GLY A 126 -59.04 -18.80 7.61
C GLY A 126 -59.94 -19.06 8.81
N GLY A 1 -4.68 27.53 -8.60
CA GLY A 1 -4.03 27.55 -7.31
C GLY A 1 -3.49 26.19 -6.90
N SER A 2 -2.69 25.60 -7.78
CA SER A 2 -2.12 24.28 -7.51
C SER A 2 -0.59 24.34 -7.53
N SER A 3 0.01 24.32 -6.35
CA SER A 3 1.46 24.38 -6.22
C SER A 3 2.03 23.01 -5.86
N GLY A 4 3.32 22.82 -6.11
CA GLY A 4 3.96 21.56 -5.81
C GLY A 4 5.02 21.19 -6.84
N SER A 5 5.07 19.91 -7.19
CA SER A 5 6.05 19.42 -8.16
C SER A 5 5.48 19.46 -9.57
N SER A 6 6.32 19.15 -10.55
CA SER A 6 5.91 19.15 -11.95
C SER A 6 6.03 17.75 -12.56
N GLY A 7 4.91 17.04 -12.61
CA GLY A 7 4.91 15.69 -13.16
C GLY A 7 4.87 14.63 -12.09
N ILE A 8 4.82 13.37 -12.51
CA ILE A 8 4.77 12.24 -11.59
C ILE A 8 5.67 11.11 -12.05
N LEU A 9 6.70 10.82 -11.27
CA LEU A 9 7.63 9.75 -11.59
C LEU A 9 7.04 8.39 -11.26
N PHE A 10 6.31 8.32 -10.15
CA PHE A 10 5.68 7.07 -9.73
C PHE A 10 4.49 6.73 -10.61
N ILE A 11 4.68 5.79 -11.52
CA ILE A 11 3.61 5.37 -12.42
C ILE A 11 2.28 5.27 -11.69
N GLU A 12 2.11 4.21 -10.89
CA GLU A 12 0.89 3.99 -10.14
C GLU A 12 1.13 4.20 -8.65
N LYS A 13 0.13 4.77 -7.97
CA LYS A 13 0.24 5.03 -6.53
C LYS A 13 -0.67 4.08 -5.75
N PRO A 14 -0.16 3.61 -4.60
CA PRO A 14 -0.90 2.69 -3.74
C PRO A 14 -2.09 3.36 -3.05
N GLN A 15 -3.21 3.45 -3.76
CA GLN A 15 -4.40 4.08 -3.22
C GLN A 15 -4.92 3.30 -2.01
N GLY A 16 -4.74 3.88 -0.83
CA GLY A 16 -5.18 3.24 0.40
C GLY A 16 -6.63 2.78 0.31
N GLY A 17 -7.05 1.95 1.27
CA GLY A 17 -8.41 1.45 1.28
C GLY A 17 -8.87 1.09 2.67
N THR A 18 -9.73 0.07 2.76
CA THR A 18 -10.26 -0.37 4.04
C THR A 18 -10.39 -1.88 4.09
N VAL A 19 -9.56 -2.52 4.90
CA VAL A 19 -9.58 -3.97 5.05
C VAL A 19 -10.20 -4.38 6.37
N LYS A 20 -10.98 -5.47 6.35
CA LYS A 20 -11.64 -5.97 7.55
C LYS A 20 -10.63 -6.66 8.46
N VAL A 21 -10.93 -6.67 9.77
CA VAL A 21 -10.06 -7.29 10.74
C VAL A 21 -9.93 -8.79 10.49
N GLY A 22 -8.70 -9.25 10.31
CA GLY A 22 -8.46 -10.66 10.07
C GLY A 22 -8.41 -10.99 8.59
N GLU A 23 -8.90 -10.07 7.76
CA GLU A 23 -8.91 -10.28 6.32
C GLU A 23 -7.51 -10.08 5.73
N ASP A 24 -7.42 -10.14 4.42
CA ASP A 24 -6.14 -9.97 3.73
C ASP A 24 -6.26 -8.95 2.61
N ILE A 25 -5.47 -7.88 2.69
CA ILE A 25 -5.48 -6.84 1.67
C ILE A 25 -4.11 -6.64 1.06
N THR A 26 -4.06 -6.20 -0.19
CA THR A 26 -2.81 -5.96 -0.89
C THR A 26 -2.84 -4.63 -1.63
N PHE A 27 -1.70 -3.94 -1.62
CA PHE A 27 -1.59 -2.65 -2.30
C PHE A 27 -0.74 -2.77 -3.56
N ILE A 28 -1.00 -1.88 -4.52
CA ILE A 28 -0.26 -1.88 -5.78
C ILE A 28 0.60 -0.64 -5.91
N ALA A 29 1.81 -0.80 -6.42
CA ALA A 29 2.74 0.31 -6.60
C ALA A 29 3.63 0.08 -7.82
N LYS A 30 3.52 0.96 -8.81
CA LYS A 30 4.32 0.86 -10.02
C LYS A 30 5.25 2.07 -10.16
N VAL A 31 6.41 1.85 -10.77
CA VAL A 31 7.38 2.92 -10.98
C VAL A 31 8.06 2.80 -12.33
N LYS A 32 8.25 3.93 -13.00
CA LYS A 32 8.90 3.94 -14.31
C LYS A 32 10.41 3.75 -14.17
N ALA A 33 10.95 2.79 -14.91
CA ALA A 33 12.38 2.50 -14.87
C ALA A 33 13.00 2.61 -16.27
N GLU A 34 14.31 2.79 -16.31
CA GLU A 34 15.02 2.90 -17.59
C GLU A 34 16.15 1.87 -17.68
N ASP A 35 16.90 1.74 -16.58
CA ASP A 35 18.02 0.81 -16.54
C ASP A 35 17.57 -0.53 -15.95
N LEU A 36 17.93 -1.62 -16.61
CA LEU A 36 17.57 -2.95 -16.15
C LEU A 36 18.41 -3.36 -14.95
N LEU A 37 19.73 -3.21 -15.06
CA LEU A 37 20.63 -3.55 -13.98
C LEU A 37 20.23 -2.85 -12.69
N ARG A 38 19.96 -1.56 -12.77
CA ARG A 38 19.56 -0.77 -11.61
C ARG A 38 18.12 -1.11 -11.19
N LYS A 39 17.88 -1.11 -9.89
CA LYS A 39 16.55 -1.42 -9.37
C LYS A 39 16.22 -0.52 -8.18
N PRO A 40 15.11 0.22 -8.29
CA PRO A 40 14.66 1.13 -7.23
C PRO A 40 14.15 0.40 -6.01
N THR A 41 14.49 0.90 -4.82
CA THR A 41 14.06 0.29 -3.58
C THR A 41 12.83 0.98 -3.02
N ILE A 42 11.95 0.20 -2.39
CA ILE A 42 10.72 0.73 -1.81
C ILE A 42 10.63 0.39 -0.33
N LYS A 43 10.01 1.28 0.44
CA LYS A 43 9.84 1.08 1.87
C LYS A 43 8.43 1.44 2.32
N TRP A 44 7.76 0.52 2.99
CA TRP A 44 6.40 0.76 3.48
C TRP A 44 6.42 1.20 4.94
N PHE A 45 5.80 2.34 5.20
CA PHE A 45 5.74 2.88 6.56
C PHE A 45 4.29 3.07 7.00
N LYS A 46 4.11 3.37 8.29
CA LYS A 46 2.78 3.58 8.84
C LYS A 46 2.85 4.35 10.15
N GLY A 47 1.84 5.19 10.40
CA GLY A 47 1.81 5.98 11.61
C GLY A 47 2.88 7.06 11.64
N LYS A 48 3.62 7.13 12.73
CA LYS A 48 4.67 8.13 12.88
C LYS A 48 6.05 7.50 12.69
N TRP A 49 6.33 6.48 13.50
CA TRP A 49 7.62 5.79 13.42
C TRP A 49 7.44 4.36 12.95
N MET A 50 6.29 3.77 13.26
CA MET A 50 5.99 2.41 12.86
C MET A 50 6.40 2.16 11.41
N ASP A 51 7.39 1.30 11.21
CA ASP A 51 7.86 0.98 9.86
C ASP A 51 7.45 -0.43 9.46
N LEU A 52 6.39 -0.53 8.66
CA LEU A 52 5.89 -1.82 8.21
C LEU A 52 7.04 -2.72 7.75
N ALA A 53 8.07 -2.11 7.17
CA ALA A 53 9.22 -2.85 6.69
C ALA A 53 9.70 -3.85 7.73
N SER A 54 9.89 -3.38 8.96
CA SER A 54 10.35 -4.24 10.05
C SER A 54 9.19 -5.04 10.64
N LYS A 55 7.97 -4.67 10.26
CA LYS A 55 6.78 -5.36 10.74
C LYS A 55 6.47 -6.58 9.88
N ALA A 56 7.03 -6.61 8.67
CA ALA A 56 6.82 -7.72 7.76
C ALA A 56 7.46 -9.00 8.29
N GLY A 57 6.63 -9.98 8.64
CA GLY A 57 7.13 -11.23 9.15
C GLY A 57 6.18 -12.38 8.91
N LYS A 58 5.06 -12.39 9.62
CA LYS A 58 4.06 -13.44 9.49
C LYS A 58 2.70 -12.86 9.15
N HIS A 59 2.29 -11.85 9.92
CA HIS A 59 1.00 -11.20 9.70
C HIS A 59 1.07 -10.25 8.50
N LEU A 60 2.28 -9.90 8.09
CA LEU A 60 2.48 -9.01 6.96
C LEU A 60 3.55 -9.55 6.02
N GLN A 61 3.38 -9.30 4.72
CA GLN A 61 4.33 -9.76 3.72
C GLN A 61 4.35 -8.82 2.51
N LEU A 62 5.53 -8.32 2.18
CA LEU A 62 5.68 -7.42 1.05
C LEU A 62 6.00 -8.18 -0.23
N LYS A 63 5.80 -7.54 -1.37
CA LYS A 63 6.07 -8.16 -2.66
C LYS A 63 6.77 -7.18 -3.61
N GLU A 64 7.61 -7.71 -4.48
CA GLU A 64 8.34 -6.88 -5.43
C GLU A 64 8.66 -7.67 -6.70
N THR A 65 8.32 -7.10 -7.85
CA THR A 65 8.57 -7.73 -9.14
C THR A 65 9.03 -6.72 -10.18
N PHE A 66 9.71 -7.22 -11.20
CA PHE A 66 10.22 -6.36 -12.27
C PHE A 66 9.80 -6.89 -13.64
N GLU A 67 9.52 -5.98 -14.57
CA GLU A 67 9.12 -6.35 -15.92
C GLU A 67 9.97 -5.65 -16.96
N ARG A 68 11.05 -6.31 -17.37
CA ARG A 68 11.97 -5.75 -18.36
C ARG A 68 11.23 -5.47 -19.67
N HIS A 69 10.14 -6.20 -19.90
CA HIS A 69 9.35 -6.02 -21.11
C HIS A 69 8.96 -4.55 -21.30
N SER A 70 8.70 -3.87 -20.20
CA SER A 70 8.31 -2.46 -20.25
C SER A 70 9.23 -1.62 -19.36
N ARG A 71 10.17 -2.28 -18.71
CA ARG A 71 11.11 -1.59 -17.83
C ARG A 71 10.37 -0.87 -16.69
N VAL A 72 9.42 -1.58 -16.08
CA VAL A 72 8.64 -1.02 -14.98
C VAL A 72 8.54 -2.00 -13.83
N TYR A 73 8.80 -1.51 -12.62
CA TYR A 73 8.74 -2.34 -11.42
C TYR A 73 7.36 -2.30 -10.80
N THR A 74 7.00 -3.35 -10.06
CA THR A 74 5.71 -3.43 -9.41
C THR A 74 5.84 -3.98 -7.99
N PHE A 75 5.70 -3.11 -7.00
CA PHE A 75 5.80 -3.50 -5.60
C PHE A 75 4.41 -3.57 -4.96
N GLU A 76 4.21 -4.60 -4.13
CA GLU A 76 2.93 -4.79 -3.45
C GLU A 76 3.14 -5.04 -1.96
N MET A 77 2.06 -4.95 -1.20
CA MET A 77 2.12 -5.18 0.24
C MET A 77 0.98 -6.07 0.71
N GLN A 78 1.27 -7.36 0.85
CA GLN A 78 0.26 -8.32 1.30
C GLN A 78 0.12 -8.31 2.81
N ILE A 79 -1.01 -7.82 3.30
CA ILE A 79 -1.27 -7.75 4.73
C ILE A 79 -2.20 -8.87 5.17
N ILE A 80 -1.67 -9.81 5.95
CA ILE A 80 -2.47 -10.93 6.45
C ILE A 80 -2.96 -10.66 7.86
N LYS A 81 -4.23 -10.99 8.11
CA LYS A 81 -4.83 -10.79 9.43
C LYS A 81 -4.68 -9.34 9.88
N ALA A 82 -5.08 -8.42 9.01
CA ALA A 82 -5.00 -6.99 9.32
C ALA A 82 -5.69 -6.68 10.65
N LYS A 83 -4.90 -6.24 11.63
CA LYS A 83 -5.43 -5.90 12.94
C LYS A 83 -5.85 -4.44 13.00
N ASP A 84 -6.47 -4.05 14.11
CA ASP A 84 -6.94 -2.68 14.30
C ASP A 84 -5.75 -1.72 14.34
N ASN A 85 -4.55 -2.27 14.36
CA ASN A 85 -3.33 -1.45 14.41
C ASN A 85 -2.85 -1.13 12.99
N PHE A 86 -3.41 -1.83 12.01
CA PHE A 86 -3.02 -1.62 10.61
C PHE A 86 -3.79 -0.44 10.02
N ALA A 87 -4.61 0.20 10.83
CA ALA A 87 -5.40 1.34 10.37
C ALA A 87 -4.75 2.65 10.82
N GLY A 88 -4.58 3.56 9.86
CA GLY A 88 -3.97 4.85 10.16
C GLY A 88 -3.46 5.54 8.92
N ASN A 89 -2.20 6.00 8.99
CA ASN A 89 -1.58 6.69 7.86
C ASN A 89 -0.39 5.90 7.33
N TYR A 90 -0.45 5.55 6.04
CA TYR A 90 0.62 4.80 5.41
C TYR A 90 1.51 5.70 4.56
N ARG A 91 2.82 5.52 4.68
CA ARG A 91 3.76 6.32 3.93
C ARG A 91 4.73 5.43 3.14
N CYS A 92 4.74 5.61 1.82
CA CYS A 92 5.61 4.83 0.96
C CYS A 92 6.67 5.71 0.30
N GLU A 93 7.90 5.20 0.24
CA GLU A 93 9.01 5.95 -0.35
C GLU A 93 9.72 5.10 -1.40
N VAL A 94 9.96 5.69 -2.57
CA VAL A 94 10.65 4.99 -3.65
C VAL A 94 11.85 5.79 -4.14
N THR A 95 13.05 5.24 -3.92
CA THR A 95 14.27 5.90 -4.33
C THR A 95 14.86 5.23 -5.56
N TYR A 96 14.86 5.94 -6.69
CA TYR A 96 15.39 5.41 -7.93
C TYR A 96 16.59 6.23 -8.40
N LYS A 97 17.64 5.54 -8.82
CA LYS A 97 18.85 6.19 -9.30
C LYS A 97 18.52 7.51 -10.02
N ASP A 98 17.54 7.44 -10.92
CA ASP A 98 17.12 8.62 -11.67
C ASP A 98 16.55 9.68 -10.74
N LYS A 99 15.34 9.43 -10.25
CA LYS A 99 14.68 10.36 -9.35
C LYS A 99 14.03 9.63 -8.18
N PHE A 100 13.76 10.36 -7.10
CA PHE A 100 13.14 9.78 -5.92
C PHE A 100 11.78 10.42 -5.65
N ASP A 101 10.73 9.60 -5.71
CA ASP A 101 9.37 10.07 -5.48
C ASP A 101 8.84 9.56 -4.13
N SER A 102 7.68 10.07 -3.73
CA SER A 102 7.06 9.68 -2.47
C SER A 102 5.56 9.54 -2.62
N CYS A 103 4.92 8.93 -1.63
CA CYS A 103 3.48 8.74 -1.64
C CYS A 103 2.94 8.49 -0.24
N SER A 104 1.72 8.94 0.01
CA SER A 104 1.09 8.78 1.32
C SER A 104 -0.39 8.48 1.17
N PHE A 105 -0.86 7.48 1.90
CA PHE A 105 -2.27 7.09 1.86
C PHE A 105 -2.80 6.83 3.27
N ASP A 106 -4.08 6.46 3.34
CA ASP A 106 -4.71 6.18 4.62
C ASP A 106 -5.41 4.82 4.59
N LEU A 107 -5.08 3.96 5.55
CA LEU A 107 -5.67 2.64 5.63
C LEU A 107 -6.67 2.56 6.78
N GLU A 108 -7.80 1.90 6.54
CA GLU A 108 -8.85 1.76 7.55
C GLU A 108 -9.09 0.28 7.87
N VAL A 109 -9.46 0.01 9.11
CA VAL A 109 -9.73 -1.35 9.55
C VAL A 109 -11.12 -1.47 10.16
N HIS A 110 -11.95 -2.32 9.56
CA HIS A 110 -13.31 -2.53 10.06
C HIS A 110 -13.42 -3.83 10.82
N GLU A 111 -14.19 -3.82 11.90
CA GLU A 111 -14.38 -5.02 12.73
C GLU A 111 -15.07 -6.12 11.93
N SER A 112 -14.39 -7.26 11.80
CA SER A 112 -14.93 -8.39 11.07
C SER A 112 -16.16 -8.97 11.78
N THR A 113 -17.18 -9.30 11.00
CA THR A 113 -18.41 -9.87 11.54
C THR A 113 -18.14 -11.16 12.30
N GLY A 114 -18.33 -11.13 13.61
CA GLY A 114 -18.10 -12.31 14.42
C GLY A 114 -18.78 -12.23 15.77
N THR A 115 -18.56 -11.14 16.49
CA THR A 115 -19.15 -10.95 17.80
C THR A 115 -20.51 -10.26 17.69
N THR A 116 -21.27 -10.27 18.78
CA THR A 116 -22.59 -9.65 18.81
C THR A 116 -22.53 -8.21 18.33
N PRO A 117 -23.53 -7.81 17.54
CA PRO A 117 -23.61 -6.45 17.00
C PRO A 117 -23.92 -5.42 18.07
N ASN A 118 -23.42 -4.20 17.87
CA ASN A 118 -23.65 -3.12 18.83
C ASN A 118 -24.34 -1.93 18.16
N ILE A 119 -24.64 -0.90 18.96
CA ILE A 119 -25.30 0.28 18.45
C ILE A 119 -24.35 1.47 18.40
N ASP A 120 -24.34 2.18 17.27
CA ASP A 120 -23.49 3.35 17.11
C ASP A 120 -24.25 4.51 16.48
N SER A 121 -24.57 5.50 17.30
CA SER A 121 -25.30 6.67 16.82
C SER A 121 -24.77 7.95 17.46
N GLY A 122 -25.01 9.08 16.81
CA GLY A 122 -24.55 10.36 17.32
C GLY A 122 -24.90 11.51 16.40
N PRO A 123 -23.87 12.13 15.81
CA PRO A 123 -24.05 13.28 14.91
C PRO A 123 -24.70 12.87 13.58
N SER A 124 -24.94 13.85 12.72
CA SER A 124 -25.54 13.59 11.42
C SER A 124 -24.63 12.74 10.55
N SER A 125 -25.19 12.17 9.49
CA SER A 125 -24.43 11.33 8.57
C SER A 125 -23.50 12.18 7.70
N GLY A 126 -22.21 11.89 7.76
CA GLY A 126 -21.25 12.64 6.97
C GLY A 126 -19.93 12.83 7.68
N GLY A 1 -7.05 23.56 -2.73
CA GLY A 1 -6.44 22.35 -3.26
C GLY A 1 -5.10 22.62 -3.91
N SER A 2 -4.03 22.27 -3.21
CA SER A 2 -2.68 22.49 -3.73
C SER A 2 -2.24 21.31 -4.59
N SER A 3 -1.99 21.58 -5.88
CA SER A 3 -1.57 20.56 -6.81
C SER A 3 -0.79 21.16 -7.98
N GLY A 4 0.04 20.34 -8.62
CA GLY A 4 0.82 20.82 -9.74
C GLY A 4 2.14 20.08 -9.88
N SER A 5 2.06 18.78 -10.15
CA SER A 5 3.26 17.96 -10.31
C SER A 5 3.22 17.18 -11.62
N SER A 6 4.13 17.51 -12.53
CA SER A 6 4.19 16.83 -13.83
C SER A 6 5.53 16.13 -14.01
N GLY A 7 5.55 15.11 -14.86
CA GLY A 7 6.77 14.36 -15.11
C GLY A 7 7.32 13.74 -13.84
N ILE A 8 6.65 12.71 -13.35
CA ILE A 8 7.09 12.02 -12.14
C ILE A 8 7.41 10.55 -12.43
N LEU A 9 8.24 9.95 -11.58
CA LEU A 9 8.62 8.55 -11.74
C LEU A 9 7.50 7.64 -11.28
N PHE A 10 7.00 7.87 -10.07
CA PHE A 10 5.94 7.06 -9.51
C PHE A 10 4.67 7.17 -10.35
N ILE A 11 4.66 6.49 -11.50
CA ILE A 11 3.52 6.52 -12.40
C ILE A 11 2.24 6.08 -11.68
N GLU A 12 2.37 5.04 -10.86
CA GLU A 12 1.22 4.53 -10.11
C GLU A 12 1.33 4.89 -8.63
N LYS A 13 0.18 4.97 -7.96
CA LYS A 13 0.14 5.32 -6.54
C LYS A 13 -0.93 4.52 -5.82
N PRO A 14 -0.60 4.00 -4.64
CA PRO A 14 -1.53 3.22 -3.81
C PRO A 14 -2.65 4.07 -3.24
N GLN A 15 -3.88 3.74 -3.60
CA GLN A 15 -5.05 4.48 -3.11
C GLN A 15 -5.60 3.83 -1.85
N GLY A 16 -4.74 3.16 -1.09
CA GLY A 16 -5.17 2.51 0.13
C GLY A 16 -6.54 1.88 0.00
N GLY A 17 -7.21 1.68 1.14
CA GLY A 17 -8.52 1.08 1.13
C GLY A 17 -9.02 0.75 2.52
N THR A 18 -9.95 -0.20 2.61
CA THR A 18 -10.51 -0.61 3.89
C THR A 18 -10.59 -2.12 4.00
N VAL A 19 -9.89 -2.69 4.98
CA VAL A 19 -9.88 -4.13 5.19
C VAL A 19 -10.48 -4.49 6.54
N LYS A 20 -11.20 -5.61 6.58
CA LYS A 20 -11.83 -6.07 7.82
C LYS A 20 -10.80 -6.74 8.73
N VAL A 21 -11.05 -6.69 10.04
CA VAL A 21 -10.16 -7.30 11.01
C VAL A 21 -10.04 -8.81 10.78
N GLY A 22 -8.84 -9.25 10.46
CA GLY A 22 -8.61 -10.67 10.21
C GLY A 22 -8.58 -11.00 8.74
N GLU A 23 -9.01 -10.06 7.91
CA GLU A 23 -9.04 -10.27 6.47
C GLU A 23 -7.65 -10.07 5.86
N ASP A 24 -7.57 -10.18 4.54
CA ASP A 24 -6.30 -10.01 3.84
C ASP A 24 -6.44 -9.01 2.70
N ILE A 25 -5.64 -7.96 2.75
CA ILE A 25 -5.66 -6.93 1.72
C ILE A 25 -4.30 -6.75 1.08
N THR A 26 -4.29 -6.30 -0.18
CA THR A 26 -3.04 -6.08 -0.90
C THR A 26 -3.07 -4.77 -1.68
N PHE A 27 -1.98 -4.02 -1.61
CA PHE A 27 -1.88 -2.75 -2.30
C PHE A 27 -0.97 -2.86 -3.53
N ILE A 28 -1.19 -1.98 -4.50
CA ILE A 28 -0.39 -1.97 -5.72
C ILE A 28 0.41 -0.68 -5.84
N ALA A 29 1.68 -0.82 -6.20
CA ALA A 29 2.55 0.34 -6.36
C ALA A 29 3.68 0.04 -7.34
N LYS A 30 3.66 0.71 -8.49
CA LYS A 30 4.67 0.51 -9.51
C LYS A 30 5.49 1.80 -9.71
N VAL A 31 6.64 1.66 -10.37
CA VAL A 31 7.51 2.80 -10.63
C VAL A 31 8.10 2.73 -12.04
N LYS A 32 8.27 3.89 -12.66
CA LYS A 32 8.83 3.97 -14.00
C LYS A 32 10.34 3.78 -13.97
N ALA A 33 10.82 2.78 -14.69
CA ALA A 33 12.26 2.49 -14.75
C ALA A 33 12.76 2.50 -16.19
N GLU A 34 14.00 2.94 -16.37
CA GLU A 34 14.60 2.99 -17.70
C GLU A 34 15.83 2.09 -17.79
N ASP A 35 16.69 2.17 -16.78
CA ASP A 35 17.91 1.37 -16.74
C ASP A 35 17.64 0.03 -16.04
N LEU A 36 17.86 -1.06 -16.76
CA LEU A 36 17.65 -2.40 -16.23
C LEU A 36 18.65 -2.70 -15.10
N LEU A 37 19.92 -2.41 -15.36
CA LEU A 37 20.97 -2.65 -14.38
C LEU A 37 20.60 -2.04 -13.04
N ARG A 38 20.01 -0.84 -13.07
CA ARG A 38 19.61 -0.16 -11.85
C ARG A 38 18.27 -0.69 -11.35
N LYS A 39 18.18 -0.88 -10.03
CA LYS A 39 16.95 -1.38 -9.43
C LYS A 39 16.54 -0.52 -8.24
N PRO A 40 15.34 0.08 -8.32
CA PRO A 40 14.80 0.93 -7.26
C PRO A 40 14.44 0.15 -6.00
N THR A 41 14.16 0.88 -4.92
CA THR A 41 13.80 0.24 -3.66
C THR A 41 12.59 0.93 -3.03
N ILE A 42 11.63 0.12 -2.60
CA ILE A 42 10.42 0.65 -1.97
C ILE A 42 10.35 0.26 -0.51
N LYS A 43 10.01 1.23 0.34
CA LYS A 43 9.90 0.98 1.78
C LYS A 43 8.56 1.49 2.31
N TRP A 44 7.75 0.58 2.84
CA TRP A 44 6.45 0.93 3.38
C TRP A 44 6.57 1.38 4.84
N PHE A 45 5.83 2.42 5.19
CA PHE A 45 5.85 2.95 6.55
C PHE A 45 4.43 3.15 7.08
N LYS A 46 4.33 3.38 8.38
CA LYS A 46 3.03 3.59 9.02
C LYS A 46 3.14 4.60 10.16
N GLY A 47 2.04 5.28 10.45
CA GLY A 47 2.03 6.26 11.53
C GLY A 47 3.00 7.40 11.27
N LYS A 48 3.87 7.67 12.24
CA LYS A 48 4.84 8.74 12.11
C LYS A 48 6.23 8.18 11.79
N TRP A 49 6.75 7.35 12.69
CA TRP A 49 8.06 6.74 12.50
C TRP A 49 7.99 5.22 12.67
N MET A 50 6.90 4.63 12.18
CA MET A 50 6.71 3.19 12.27
C MET A 50 7.19 2.49 11.00
N ASP A 51 8.07 1.51 11.16
CA ASP A 51 8.60 0.77 10.02
C ASP A 51 7.84 -0.54 9.81
N LEU A 52 7.25 -0.69 8.63
CA LEU A 52 6.48 -1.89 8.31
C LEU A 52 7.40 -3.00 7.83
N ALA A 53 8.39 -2.65 7.02
CA ALA A 53 9.34 -3.62 6.50
C ALA A 53 9.77 -4.61 7.59
N SER A 54 10.03 -4.07 8.78
CA SER A 54 10.46 -4.90 9.89
C SER A 54 9.31 -5.74 10.43
N LYS A 55 8.10 -5.17 10.38
CA LYS A 55 6.91 -5.87 10.86
C LYS A 55 6.60 -7.09 9.99
N ALA A 56 6.87 -6.96 8.69
CA ALA A 56 6.62 -8.04 7.75
C ALA A 56 7.32 -9.32 8.20
N GLY A 57 6.53 -10.32 8.58
CA GLY A 57 7.09 -11.58 9.02
C GLY A 57 6.11 -12.73 8.90
N LYS A 58 4.96 -12.61 9.56
CA LYS A 58 3.93 -13.64 9.53
C LYS A 58 2.57 -13.04 9.19
N HIS A 59 2.12 -12.09 10.02
CA HIS A 59 0.84 -11.44 9.80
C HIS A 59 0.89 -10.53 8.58
N LEU A 60 2.08 -10.03 8.27
CA LEU A 60 2.26 -9.14 7.13
C LEU A 60 3.32 -9.69 6.18
N GLN A 61 3.12 -9.45 4.89
CA GLN A 61 4.06 -9.92 3.87
C GLN A 61 4.09 -8.97 2.68
N LEU A 62 5.29 -8.51 2.34
CA LEU A 62 5.46 -7.59 1.22
C LEU A 62 5.80 -8.34 -0.07
N LYS A 63 5.62 -7.68 -1.20
CA LYS A 63 5.90 -8.29 -2.50
C LYS A 63 6.65 -7.31 -3.41
N GLU A 64 7.52 -7.85 -4.25
CA GLU A 64 8.30 -7.03 -5.17
C GLU A 64 8.68 -7.83 -6.42
N THR A 65 8.40 -7.25 -7.58
CA THR A 65 8.71 -7.90 -8.84
C THR A 65 9.18 -6.89 -9.89
N PHE A 66 9.80 -7.39 -10.95
CA PHE A 66 10.29 -6.53 -12.02
C PHE A 66 9.74 -6.96 -13.37
N GLU A 67 9.48 -5.99 -14.25
CA GLU A 67 8.96 -6.28 -15.58
C GLU A 67 9.78 -5.58 -16.65
N ARG A 68 10.79 -6.28 -17.16
CA ARG A 68 11.66 -5.73 -18.19
C ARG A 68 10.86 -5.38 -19.45
N HIS A 69 9.80 -6.15 -19.71
CA HIS A 69 8.96 -5.92 -20.87
C HIS A 69 8.77 -4.42 -21.12
N SER A 70 8.42 -3.69 -20.06
CA SER A 70 8.21 -2.25 -20.16
C SER A 70 9.19 -1.50 -19.29
N ARG A 71 10.09 -2.23 -18.64
CA ARG A 71 11.08 -1.62 -17.77
C ARG A 71 10.42 -0.94 -16.58
N VAL A 72 9.40 -1.59 -16.02
CA VAL A 72 8.67 -1.04 -14.88
C VAL A 72 8.59 -2.05 -13.74
N TYR A 73 8.85 -1.59 -12.52
CA TYR A 73 8.81 -2.45 -11.35
C TYR A 73 7.41 -2.45 -10.72
N THR A 74 7.07 -3.55 -10.06
CA THR A 74 5.77 -3.68 -9.41
C THR A 74 5.91 -4.17 -7.98
N PHE A 75 5.55 -3.32 -7.02
CA PHE A 75 5.64 -3.67 -5.61
C PHE A 75 4.26 -3.75 -4.98
N GLU A 76 4.06 -4.73 -4.10
CA GLU A 76 2.78 -4.92 -3.43
C GLU A 76 2.98 -5.17 -1.94
N MET A 77 1.90 -5.09 -1.18
CA MET A 77 1.95 -5.30 0.26
C MET A 77 0.81 -6.20 0.72
N GLN A 78 1.10 -7.47 0.92
CA GLN A 78 0.09 -8.43 1.35
C GLN A 78 -0.04 -8.42 2.88
N ILE A 79 -1.16 -7.89 3.36
CA ILE A 79 -1.41 -7.83 4.80
C ILE A 79 -2.34 -8.94 5.25
N ILE A 80 -1.84 -9.85 6.07
CA ILE A 80 -2.63 -10.96 6.57
C ILE A 80 -3.12 -10.69 7.99
N LYS A 81 -4.40 -10.98 8.23
CA LYS A 81 -4.99 -10.76 9.55
C LYS A 81 -4.85 -9.30 9.97
N ALA A 82 -5.20 -8.39 9.08
CA ALA A 82 -5.11 -6.97 9.37
C ALA A 82 -5.77 -6.64 10.70
N LYS A 83 -4.97 -6.19 11.66
CA LYS A 83 -5.48 -5.84 12.99
C LYS A 83 -5.90 -4.37 13.03
N ASP A 84 -6.64 -4.01 14.08
CA ASP A 84 -7.11 -2.65 14.25
C ASP A 84 -5.95 -1.66 14.23
N ASN A 85 -4.76 -2.15 14.60
CA ASN A 85 -3.57 -1.31 14.64
C ASN A 85 -3.09 -1.00 13.22
N PHE A 86 -3.57 -1.78 12.25
CA PHE A 86 -3.19 -1.58 10.86
C PHE A 86 -3.96 -0.41 10.25
N ALA A 87 -4.91 0.13 11.00
CA ALA A 87 -5.71 1.25 10.53
C ALA A 87 -5.05 2.59 10.86
N GLY A 88 -4.67 3.33 9.83
CA GLY A 88 -4.02 4.61 10.04
C GLY A 88 -3.50 5.21 8.75
N ASN A 89 -2.47 6.05 8.87
CA ASN A 89 -1.86 6.69 7.70
C ASN A 89 -0.63 5.93 7.24
N TYR A 90 -0.65 5.46 6.01
CA TYR A 90 0.48 4.72 5.44
C TYR A 90 1.36 5.63 4.59
N ARG A 91 2.65 5.31 4.52
CA ARG A 91 3.60 6.10 3.75
C ARG A 91 4.51 5.20 2.93
N CYS A 92 5.06 5.74 1.85
CA CYS A 92 5.95 4.98 0.97
C CYS A 92 7.06 5.88 0.42
N GLU A 93 8.25 5.29 0.26
CA GLU A 93 9.38 6.04 -0.26
C GLU A 93 10.20 5.19 -1.24
N VAL A 94 10.31 5.67 -2.47
CA VAL A 94 11.06 4.95 -3.50
C VAL A 94 12.10 5.85 -4.16
N THR A 95 13.36 5.65 -3.79
CA THR A 95 14.45 6.44 -4.34
C THR A 95 15.08 5.76 -5.54
N TYR A 96 15.01 6.41 -6.70
CA TYR A 96 15.58 5.85 -7.92
C TYR A 96 16.84 6.61 -8.34
N LYS A 97 17.62 6.02 -9.23
CA LYS A 97 18.85 6.63 -9.71
C LYS A 97 18.57 8.01 -10.29
N ASP A 98 17.58 8.09 -11.18
CA ASP A 98 17.21 9.35 -11.81
C ASP A 98 16.67 10.33 -10.78
N LYS A 99 15.47 10.04 -10.26
CA LYS A 99 14.84 10.90 -9.27
C LYS A 99 14.20 10.07 -8.15
N PHE A 100 13.81 10.75 -7.08
CA PHE A 100 13.18 10.07 -5.94
C PHE A 100 11.75 10.54 -5.76
N ASP A 101 10.83 9.58 -5.67
CA ASP A 101 9.42 9.90 -5.48
C ASP A 101 8.87 9.22 -4.24
N SER A 102 7.89 9.86 -3.60
CA SER A 102 7.28 9.33 -2.39
C SER A 102 5.80 9.65 -2.34
N CYS A 103 5.00 8.68 -1.90
CA CYS A 103 3.55 8.87 -1.81
C CYS A 103 3.01 8.22 -0.53
N SER A 104 1.78 8.56 -0.19
CA SER A 104 1.14 8.02 1.01
C SER A 104 -0.35 7.76 0.77
N PHE A 105 -0.96 6.97 1.65
CA PHE A 105 -2.37 6.65 1.53
C PHE A 105 -3.01 6.49 2.90
N ASP A 106 -4.29 6.11 2.91
CA ASP A 106 -5.02 5.92 4.17
C ASP A 106 -5.69 4.55 4.19
N LEU A 107 -5.40 3.78 5.24
CA LEU A 107 -5.98 2.45 5.39
C LEU A 107 -6.95 2.41 6.56
N GLU A 108 -8.11 1.79 6.34
CA GLU A 108 -9.13 1.68 7.37
C GLU A 108 -9.35 0.22 7.78
N VAL A 109 -9.61 0.02 9.06
CA VAL A 109 -9.84 -1.33 9.57
C VAL A 109 -11.18 -1.44 10.30
N HIS A 110 -12.07 -2.26 9.77
CA HIS A 110 -13.39 -2.45 10.36
C HIS A 110 -13.46 -3.75 11.13
N GLU A 111 -14.16 -3.73 12.27
CA GLU A 111 -14.30 -4.91 13.10
C GLU A 111 -15.03 -6.03 12.35
N SER A 112 -14.43 -7.22 12.34
CA SER A 112 -15.03 -8.36 11.65
C SER A 112 -16.14 -8.99 12.49
N THR A 113 -17.38 -8.75 12.10
CA THR A 113 -18.53 -9.29 12.81
C THR A 113 -19.06 -10.55 12.13
N GLY A 114 -19.33 -10.44 10.84
CA GLY A 114 -19.85 -11.59 10.09
C GLY A 114 -21.12 -11.26 9.34
N THR A 115 -21.01 -11.16 8.02
CA THR A 115 -22.16 -10.86 7.17
C THR A 115 -22.80 -12.12 6.63
N THR A 116 -24.06 -12.02 6.23
CA THR A 116 -24.79 -13.16 5.69
C THR A 116 -24.03 -13.79 4.52
N PRO A 117 -24.14 -15.13 4.39
CA PRO A 117 -23.48 -15.87 3.32
C PRO A 117 -24.08 -15.58 1.95
N ASN A 118 -23.30 -14.93 1.09
CA ASN A 118 -23.76 -14.59 -0.25
C ASN A 118 -24.01 -15.86 -1.07
N ILE A 119 -24.62 -15.68 -2.23
CA ILE A 119 -24.92 -16.81 -3.12
C ILE A 119 -24.37 -16.57 -4.52
N ASP A 120 -23.64 -17.55 -5.03
CA ASP A 120 -23.05 -17.45 -6.36
C ASP A 120 -23.80 -18.34 -7.35
N SER A 121 -23.66 -18.04 -8.64
CA SER A 121 -24.33 -18.79 -9.69
C SER A 121 -23.83 -20.24 -9.72
N GLY A 122 -24.70 -21.15 -10.12
CA GLY A 122 -24.32 -22.56 -10.19
C GLY A 122 -22.89 -22.75 -10.66
N PRO A 123 -21.99 -23.00 -9.70
CA PRO A 123 -20.57 -23.22 -9.99
C PRO A 123 -20.31 -24.53 -10.72
N SER A 124 -19.04 -24.81 -11.01
CA SER A 124 -18.68 -26.04 -11.71
C SER A 124 -19.09 -27.26 -10.90
N SER A 125 -18.55 -27.39 -9.69
CA SER A 125 -18.87 -28.51 -8.83
C SER A 125 -19.39 -28.03 -7.47
N GLY A 126 -20.21 -28.86 -6.83
CA GLY A 126 -20.76 -28.50 -5.53
C GLY A 126 -19.98 -29.10 -4.38
N GLY A 1 6.93 26.10 -3.94
CA GLY A 1 6.97 25.57 -5.29
C GLY A 1 7.83 26.41 -6.21
N SER A 2 8.88 25.80 -6.75
CA SER A 2 9.78 26.51 -7.66
C SER A 2 9.62 26.00 -9.09
N SER A 3 9.80 24.70 -9.27
CA SER A 3 9.68 24.10 -10.59
C SER A 3 9.13 22.67 -10.49
N GLY A 4 8.51 22.20 -11.57
CA GLY A 4 7.95 20.87 -11.58
C GLY A 4 8.65 19.95 -12.56
N SER A 5 9.14 18.82 -12.06
CA SER A 5 9.85 17.86 -12.91
C SER A 5 9.04 17.54 -14.16
N SER A 6 9.59 16.69 -15.01
CA SER A 6 8.91 16.30 -16.25
C SER A 6 8.53 14.82 -16.21
N GLY A 7 7.36 14.54 -15.65
CA GLY A 7 6.89 13.17 -15.56
C GLY A 7 7.00 12.60 -14.17
N ILE A 8 5.91 12.01 -13.68
CA ILE A 8 5.90 11.42 -12.34
C ILE A 8 6.64 10.10 -12.30
N LEU A 9 7.65 10.02 -11.44
CA LEU A 9 8.45 8.80 -11.31
C LEU A 9 7.58 7.62 -10.89
N PHE A 10 6.81 7.81 -9.83
CA PHE A 10 5.93 6.76 -9.33
C PHE A 10 4.72 6.59 -10.23
N ILE A 11 4.90 5.82 -11.30
CA ILE A 11 3.82 5.58 -12.25
C ILE A 11 2.47 5.51 -11.55
N GLU A 12 2.22 4.41 -10.86
CA GLU A 12 0.96 4.22 -10.14
C GLU A 12 1.14 4.55 -8.65
N LYS A 13 0.03 4.88 -7.99
CA LYS A 13 0.06 5.22 -6.57
C LYS A 13 -1.03 4.48 -5.82
N PRO A 14 -0.65 3.80 -4.73
CA PRO A 14 -1.59 3.04 -3.90
C PRO A 14 -2.53 3.94 -3.11
N GLN A 15 -3.80 3.99 -3.53
CA GLN A 15 -4.79 4.81 -2.86
C GLN A 15 -5.35 4.11 -1.62
N GLY A 16 -4.46 3.42 -0.89
CA GLY A 16 -4.89 2.72 0.30
C GLY A 16 -6.25 2.07 0.14
N GLY A 17 -6.90 1.79 1.27
CA GLY A 17 -8.21 1.16 1.23
C GLY A 17 -8.72 0.81 2.62
N THR A 18 -9.63 -0.15 2.67
CA THR A 18 -10.21 -0.59 3.94
C THR A 18 -10.31 -2.11 4.01
N VAL A 19 -9.62 -2.71 4.98
CA VAL A 19 -9.66 -4.16 5.15
C VAL A 19 -10.29 -4.54 6.47
N LYS A 20 -11.06 -5.63 6.46
CA LYS A 20 -11.74 -6.10 7.66
C LYS A 20 -10.74 -6.77 8.61
N VAL A 21 -11.08 -6.79 9.90
CA VAL A 21 -10.23 -7.40 10.91
C VAL A 21 -10.04 -8.88 10.65
N GLY A 22 -8.77 -9.30 10.53
CA GLY A 22 -8.48 -10.71 10.28
C GLY A 22 -8.38 -11.02 8.80
N GLU A 23 -8.91 -10.12 7.96
CA GLU A 23 -8.87 -10.31 6.52
C GLU A 23 -7.48 -10.03 5.97
N ASP A 24 -7.35 -10.10 4.65
CA ASP A 24 -6.07 -9.85 3.99
C ASP A 24 -6.24 -8.88 2.83
N ILE A 25 -5.37 -7.87 2.77
CA ILE A 25 -5.42 -6.88 1.71
C ILE A 25 -4.06 -6.71 1.05
N THR A 26 -4.06 -6.20 -0.18
CA THR A 26 -2.83 -5.98 -0.92
C THR A 26 -2.85 -4.65 -1.66
N PHE A 27 -1.73 -3.93 -1.62
CA PHE A 27 -1.63 -2.64 -2.28
C PHE A 27 -0.74 -2.74 -3.52
N ILE A 28 -1.09 -1.97 -4.56
CA ILE A 28 -0.33 -1.97 -5.79
C ILE A 28 0.54 -0.72 -5.90
N ALA A 29 1.71 -0.87 -6.53
CA ALA A 29 2.63 0.24 -6.71
C ALA A 29 3.61 -0.02 -7.85
N LYS A 30 3.51 0.79 -8.91
CA LYS A 30 4.38 0.65 -10.05
C LYS A 30 5.38 1.79 -10.14
N VAL A 31 6.57 1.51 -10.67
CA VAL A 31 7.60 2.52 -10.80
C VAL A 31 8.25 2.46 -12.18
N LYS A 32 8.51 3.64 -12.76
CA LYS A 32 9.13 3.72 -14.07
C LYS A 32 10.62 3.44 -13.99
N ALA A 33 11.11 2.59 -14.89
CA ALA A 33 12.53 2.24 -14.92
C ALA A 33 13.07 2.32 -16.34
N GLU A 34 14.39 2.52 -16.45
CA GLU A 34 15.04 2.63 -17.75
C GLU A 34 16.22 1.67 -17.84
N ASP A 35 17.03 1.65 -16.79
CA ASP A 35 18.21 0.77 -16.74
C ASP A 35 17.90 -0.50 -15.97
N LEU A 36 17.99 -1.63 -16.65
CA LEU A 36 17.73 -2.92 -16.04
C LEU A 36 18.64 -3.15 -14.83
N LEU A 37 19.92 -2.87 -15.01
CA LEU A 37 20.90 -3.04 -13.94
C LEU A 37 20.47 -2.27 -12.68
N ARG A 38 19.98 -1.05 -12.88
CA ARG A 38 19.53 -0.22 -11.77
C ARG A 38 18.18 -0.69 -11.25
N LYS A 39 18.12 -0.99 -9.96
CA LYS A 39 16.88 -1.46 -9.33
C LYS A 39 16.53 -0.59 -8.13
N PRO A 40 15.38 0.10 -8.21
CA PRO A 40 14.90 0.97 -7.13
C PRO A 40 14.46 0.18 -5.90
N THR A 41 14.35 0.86 -4.77
CA THR A 41 13.94 0.22 -3.53
C THR A 41 12.67 0.88 -2.97
N ILE A 42 11.78 0.05 -2.43
CA ILE A 42 10.53 0.54 -1.87
C ILE A 42 10.42 0.18 -0.39
N LYS A 43 10.08 1.18 0.42
CA LYS A 43 9.93 0.97 1.86
C LYS A 43 8.61 1.54 2.36
N TRP A 44 7.74 0.65 2.85
CA TRP A 44 6.44 1.07 3.36
C TRP A 44 6.55 1.52 4.81
N PHE A 45 5.91 2.64 5.13
CA PHE A 45 5.93 3.19 6.49
C PHE A 45 4.51 3.50 6.98
N LYS A 46 4.33 3.51 8.29
CA LYS A 46 3.04 3.79 8.89
C LYS A 46 3.19 4.67 10.13
N GLY A 47 2.08 5.28 10.54
CA GLY A 47 2.11 6.15 11.71
C GLY A 47 3.06 7.31 11.56
N LYS A 48 3.96 7.48 12.51
CA LYS A 48 4.93 8.57 12.48
C LYS A 48 6.31 8.05 12.07
N TRP A 49 6.83 7.11 12.85
CA TRP A 49 8.14 6.53 12.57
C TRP A 49 8.08 5.02 12.55
N MET A 50 6.87 4.49 12.36
CA MET A 50 6.67 3.04 12.31
C MET A 50 7.08 2.48 10.95
N ASP A 51 7.92 1.44 10.98
CA ASP A 51 8.38 0.82 9.75
C ASP A 51 7.73 -0.54 9.55
N LEU A 52 6.90 -0.64 8.52
CA LEU A 52 6.20 -1.89 8.21
C LEU A 52 7.18 -2.98 7.81
N ALA A 53 8.27 -2.56 7.15
CA ALA A 53 9.30 -3.50 6.72
C ALA A 53 9.69 -4.45 7.84
N SER A 54 9.68 -3.95 9.07
CA SER A 54 10.04 -4.75 10.23
C SER A 54 8.91 -5.68 10.62
N LYS A 55 7.68 -5.25 10.37
CA LYS A 55 6.50 -6.04 10.70
C LYS A 55 6.36 -7.22 9.75
N ALA A 56 6.91 -7.08 8.54
CA ALA A 56 6.85 -8.13 7.54
C ALA A 56 7.45 -9.43 8.08
N GLY A 57 6.60 -10.45 8.22
CA GLY A 57 7.07 -11.72 8.72
C GLY A 57 6.03 -12.82 8.59
N LYS A 58 5.04 -12.79 9.48
CA LYS A 58 3.97 -13.79 9.46
C LYS A 58 2.61 -13.12 9.26
N HIS A 59 2.42 -11.96 9.89
CA HIS A 59 1.17 -11.23 9.79
C HIS A 59 1.13 -10.42 8.49
N LEU A 60 2.28 -9.90 8.09
CA LEU A 60 2.37 -9.10 6.87
C LEU A 60 3.47 -9.64 5.95
N GLN A 61 3.21 -9.60 4.65
CA GLN A 61 4.18 -10.08 3.67
C GLN A 61 4.20 -9.18 2.44
N LEU A 62 5.36 -8.55 2.20
CA LEU A 62 5.50 -7.65 1.06
C LEU A 62 5.84 -8.43 -0.21
N LYS A 63 5.69 -7.78 -1.35
CA LYS A 63 5.98 -8.41 -2.64
C LYS A 63 6.73 -7.45 -3.56
N GLU A 64 7.49 -8.02 -4.50
CA GLU A 64 8.26 -7.22 -5.43
C GLU A 64 8.48 -7.98 -6.74
N THR A 65 8.23 -7.30 -7.86
CA THR A 65 8.40 -7.90 -9.17
C THR A 65 8.83 -6.87 -10.20
N PHE A 66 9.42 -7.34 -11.30
CA PHE A 66 9.89 -6.47 -12.37
C PHE A 66 9.38 -6.93 -13.72
N GLU A 67 9.20 -5.98 -14.63
CA GLU A 67 8.71 -6.29 -15.98
C GLU A 67 9.61 -5.67 -17.04
N ARG A 68 10.54 -6.48 -17.56
CA ARG A 68 11.47 -6.02 -18.58
C ARG A 68 10.73 -5.60 -19.84
N HIS A 69 9.55 -6.16 -20.03
CA HIS A 69 8.73 -5.86 -21.20
C HIS A 69 8.58 -4.34 -21.38
N SER A 70 8.34 -3.65 -20.27
CA SER A 70 8.17 -2.20 -20.30
C SER A 70 9.18 -1.51 -19.39
N ARG A 71 10.11 -2.30 -18.85
CA ARG A 71 11.13 -1.78 -17.95
C ARG A 71 10.49 -1.07 -16.77
N VAL A 72 9.39 -1.61 -16.27
CA VAL A 72 8.68 -1.03 -15.14
C VAL A 72 8.59 -2.01 -13.98
N TYR A 73 8.85 -1.51 -12.77
CA TYR A 73 8.81 -2.35 -11.58
C TYR A 73 7.43 -2.30 -10.92
N THR A 74 7.09 -3.35 -10.20
CA THR A 74 5.80 -3.43 -9.52
C THR A 74 5.95 -4.00 -8.11
N PHE A 75 5.79 -3.15 -7.11
CA PHE A 75 5.91 -3.58 -5.72
C PHE A 75 4.55 -3.61 -5.04
N GLU A 76 4.28 -4.69 -4.32
CA GLU A 76 3.01 -4.86 -3.62
C GLU A 76 3.23 -5.04 -2.12
N MET A 77 2.14 -4.94 -1.35
CA MET A 77 2.22 -5.09 0.09
C MET A 77 1.02 -5.89 0.61
N GLN A 78 1.27 -7.13 0.99
CA GLN A 78 0.22 -8.00 1.51
C GLN A 78 0.16 -7.94 3.03
N ILE A 79 -1.06 -7.78 3.57
CA ILE A 79 -1.25 -7.69 5.01
C ILE A 79 -2.20 -8.78 5.50
N ILE A 80 -1.63 -9.78 6.17
CA ILE A 80 -2.43 -10.89 6.70
C ILE A 80 -2.87 -10.61 8.13
N LYS A 81 -4.15 -10.83 8.41
CA LYS A 81 -4.70 -10.61 9.74
C LYS A 81 -4.65 -9.13 10.11
N ALA A 82 -5.13 -8.28 9.21
CA ALA A 82 -5.15 -6.84 9.44
C ALA A 82 -5.85 -6.51 10.75
N LYS A 83 -5.07 -6.15 11.76
CA LYS A 83 -5.63 -5.80 13.07
C LYS A 83 -6.11 -4.35 13.08
N ASP A 84 -6.89 -4.01 14.11
CA ASP A 84 -7.43 -2.66 14.24
C ASP A 84 -6.30 -1.64 14.37
N ASN A 85 -5.09 -2.14 14.64
CA ASN A 85 -3.93 -1.27 14.79
C ASN A 85 -3.29 -0.97 13.44
N PHE A 86 -3.82 -1.61 12.39
CA PHE A 86 -3.30 -1.41 11.04
C PHE A 86 -3.98 -0.22 10.36
N ALA A 87 -5.04 0.27 10.99
CA ALA A 87 -5.78 1.41 10.45
C ALA A 87 -5.12 2.72 10.84
N GLY A 88 -4.58 3.42 9.85
CA GLY A 88 -3.92 4.69 10.10
C GLY A 88 -3.40 5.34 8.84
N ASN A 89 -2.31 6.09 8.96
CA ASN A 89 -1.72 6.77 7.81
C ASN A 89 -0.44 6.08 7.37
N TYR A 90 -0.44 5.59 6.13
CA TYR A 90 0.72 4.90 5.58
C TYR A 90 1.56 5.83 4.72
N ARG A 91 2.76 5.40 4.36
CA ARG A 91 3.65 6.19 3.54
C ARG A 91 4.53 5.31 2.66
N CYS A 92 4.71 5.72 1.41
CA CYS A 92 5.53 4.96 0.47
C CYS A 92 6.75 5.76 0.03
N GLU A 93 7.93 5.16 0.18
CA GLU A 93 9.18 5.81 -0.19
C GLU A 93 9.95 4.97 -1.21
N VAL A 94 10.24 5.56 -2.36
CA VAL A 94 10.98 4.87 -3.41
C VAL A 94 12.00 5.80 -4.06
N THR A 95 13.27 5.42 -3.97
CA THR A 95 14.35 6.21 -4.55
C THR A 95 14.85 5.59 -5.86
N TYR A 96 15.46 6.41 -6.70
CA TYR A 96 15.99 5.94 -7.98
C TYR A 96 17.21 6.75 -8.39
N LYS A 97 17.81 6.36 -9.51
CA LYS A 97 18.99 7.06 -10.03
C LYS A 97 18.93 8.55 -9.71
N ASP A 98 18.04 9.26 -10.40
CA ASP A 98 17.88 10.70 -10.18
C ASP A 98 16.40 11.06 -10.05
N LYS A 99 15.60 10.10 -9.60
CA LYS A 99 14.18 10.32 -9.43
C LYS A 99 13.68 9.70 -8.12
N PHE A 100 13.06 10.53 -7.28
CA PHE A 100 12.55 10.06 -6.00
C PHE A 100 11.22 10.74 -5.66
N ASP A 101 10.21 9.95 -5.37
CA ASP A 101 8.89 10.47 -5.03
C ASP A 101 8.21 9.60 -3.97
N SER A 102 7.64 10.25 -2.96
CA SER A 102 6.97 9.53 -1.89
C SER A 102 5.49 9.92 -1.82
N CYS A 103 4.64 8.93 -1.56
CA CYS A 103 3.20 9.16 -1.47
C CYS A 103 2.62 8.48 -0.24
N SER A 104 1.69 9.17 0.42
CA SER A 104 1.06 8.63 1.62
C SER A 104 -0.42 8.36 1.37
N PHE A 105 -0.91 7.24 1.93
CA PHE A 105 -2.31 6.87 1.76
C PHE A 105 -2.98 6.67 3.11
N ASP A 106 -4.24 6.26 3.09
CA ASP A 106 -4.99 6.04 4.32
C ASP A 106 -5.60 4.63 4.33
N LEU A 107 -5.32 3.90 5.39
CA LEU A 107 -5.83 2.53 5.54
C LEU A 107 -6.79 2.43 6.71
N GLU A 108 -7.98 1.90 6.45
CA GLU A 108 -9.00 1.75 7.49
C GLU A 108 -9.21 0.27 7.83
N VAL A 109 -9.71 0.02 9.03
CA VAL A 109 -9.97 -1.34 9.47
C VAL A 109 -11.35 -1.47 10.11
N HIS A 110 -12.18 -2.35 9.55
CA HIS A 110 -13.53 -2.57 10.06
C HIS A 110 -13.60 -3.86 10.87
N GLU A 111 -14.44 -3.86 11.90
CA GLU A 111 -14.60 -5.03 12.75
C GLU A 111 -15.27 -6.17 11.98
N SER A 112 -14.60 -7.32 11.94
CA SER A 112 -15.14 -8.48 11.22
C SER A 112 -16.38 -9.01 11.94
N THR A 113 -16.22 -9.37 13.20
CA THR A 113 -17.33 -9.90 13.99
C THR A 113 -18.56 -9.01 13.88
N GLY A 114 -19.65 -9.58 13.39
CA GLY A 114 -20.88 -8.83 13.24
C GLY A 114 -21.53 -8.49 14.57
N THR A 115 -21.35 -7.26 15.02
CA THR A 115 -21.92 -6.82 16.29
C THR A 115 -22.50 -5.43 16.18
N THR A 116 -23.27 -5.03 17.19
CA THR A 116 -23.89 -3.71 17.19
C THR A 116 -22.87 -2.62 17.43
N PRO A 117 -23.05 -1.48 16.75
CA PRO A 117 -22.14 -0.33 16.87
C PRO A 117 -22.25 0.36 18.23
N ASN A 118 -21.51 1.45 18.39
CA ASN A 118 -21.53 2.21 19.64
C ASN A 118 -21.43 3.70 19.38
N ILE A 119 -21.73 4.50 20.40
CA ILE A 119 -21.67 5.94 20.29
C ILE A 119 -20.35 6.49 20.82
N ASP A 120 -19.57 7.10 19.94
CA ASP A 120 -18.28 7.66 20.33
C ASP A 120 -18.42 9.14 20.68
N SER A 121 -18.19 9.47 21.94
CA SER A 121 -18.30 10.85 22.41
C SER A 121 -17.05 11.64 22.04
N GLY A 122 -17.24 12.90 21.67
CA GLY A 122 -16.12 13.75 21.31
C GLY A 122 -15.67 14.65 22.44
N PRO A 123 -14.38 15.03 22.42
CA PRO A 123 -13.80 15.89 23.45
C PRO A 123 -14.32 17.32 23.37
N SER A 124 -13.94 18.14 24.35
CA SER A 124 -14.38 19.54 24.39
C SER A 124 -13.20 20.47 24.64
N SER A 125 -13.47 21.77 24.69
CA SER A 125 -12.44 22.76 24.92
C SER A 125 -11.17 22.41 24.15
N GLY A 126 -11.34 22.03 22.89
CA GLY A 126 -10.20 21.66 22.06
C GLY A 126 -9.38 22.87 21.65
N GLY A 1 7.27 31.99 -11.59
CA GLY A 1 6.23 31.21 -12.22
C GLY A 1 6.03 29.86 -11.58
N SER A 2 5.83 28.84 -12.41
CA SER A 2 5.63 27.48 -11.92
C SER A 2 6.82 26.59 -12.26
N SER A 3 6.88 25.42 -11.62
CA SER A 3 7.96 24.47 -11.86
C SER A 3 7.45 23.24 -12.59
N GLY A 4 8.38 22.35 -12.95
CA GLY A 4 8.01 21.14 -13.65
C GLY A 4 9.12 20.62 -14.55
N SER A 5 9.51 19.37 -14.34
CA SER A 5 10.57 18.76 -15.13
C SER A 5 10.02 17.64 -16.00
N SER A 6 10.88 17.07 -16.85
CA SER A 6 10.49 15.98 -17.73
C SER A 6 10.61 14.64 -17.04
N GLY A 7 9.65 13.75 -17.29
CA GLY A 7 9.68 12.43 -16.68
C GLY A 7 8.74 12.33 -15.50
N ILE A 8 8.28 11.11 -15.20
CA ILE A 8 7.37 10.87 -14.09
C ILE A 8 7.74 9.61 -13.35
N LEU A 9 8.00 9.74 -12.04
CA LEU A 9 8.36 8.59 -11.21
C LEU A 9 7.14 8.06 -10.48
N PHE A 10 7.14 6.76 -10.19
CA PHE A 10 6.03 6.13 -9.49
C PHE A 10 4.77 6.15 -10.32
N ILE A 11 4.85 5.63 -11.54
CA ILE A 11 3.71 5.60 -12.44
C ILE A 11 2.41 5.46 -11.67
N GLU A 12 2.22 4.31 -11.02
CA GLU A 12 1.01 4.05 -10.24
C GLU A 12 1.27 4.30 -8.76
N LYS A 13 0.19 4.56 -8.02
CA LYS A 13 0.29 4.82 -6.58
C LYS A 13 -0.64 3.90 -5.80
N PRO A 14 -0.19 3.45 -4.63
CA PRO A 14 -0.97 2.56 -3.77
C PRO A 14 -2.17 3.27 -3.13
N GLN A 15 -3.34 3.10 -3.75
CA GLN A 15 -4.56 3.72 -3.25
C GLN A 15 -5.04 3.02 -1.98
N GLY A 16 -4.92 3.70 -0.85
CA GLY A 16 -5.34 3.13 0.41
C GLY A 16 -6.74 2.55 0.34
N GLY A 17 -7.13 1.82 1.38
CA GLY A 17 -8.44 1.20 1.40
C GLY A 17 -8.88 0.81 2.80
N THR A 18 -9.88 -0.05 2.88
CA THR A 18 -10.39 -0.51 4.17
C THR A 18 -10.50 -2.04 4.20
N VAL A 19 -9.69 -2.67 5.05
CA VAL A 19 -9.71 -4.13 5.18
C VAL A 19 -10.31 -4.55 6.52
N LYS A 20 -11.11 -5.61 6.50
CA LYS A 20 -11.74 -6.11 7.71
C LYS A 20 -10.72 -6.83 8.59
N VAL A 21 -10.94 -6.79 9.90
CA VAL A 21 -10.05 -7.44 10.84
C VAL A 21 -9.95 -8.94 10.57
N GLY A 22 -8.74 -9.40 10.26
CA GLY A 22 -8.54 -10.81 9.98
C GLY A 22 -8.46 -11.10 8.49
N GLU A 23 -8.93 -10.16 7.69
CA GLU A 23 -8.91 -10.31 6.24
C GLU A 23 -7.51 -10.04 5.68
N ASP A 24 -7.39 -10.11 4.36
CA ASP A 24 -6.12 -9.87 3.69
C ASP A 24 -6.27 -8.82 2.59
N ILE A 25 -5.39 -7.83 2.61
CA ILE A 25 -5.42 -6.76 1.61
C ILE A 25 -4.04 -6.55 0.99
N THR A 26 -4.03 -6.06 -0.25
CA THR A 26 -2.78 -5.82 -0.96
C THR A 26 -2.83 -4.50 -1.71
N PHE A 27 -1.72 -3.77 -1.72
CA PHE A 27 -1.63 -2.48 -2.40
C PHE A 27 -0.73 -2.58 -3.63
N ILE A 28 -1.12 -1.89 -4.70
CA ILE A 28 -0.35 -1.90 -5.93
C ILE A 28 0.47 -0.62 -6.07
N ALA A 29 1.72 -0.77 -6.48
CA ALA A 29 2.61 0.37 -6.66
C ALA A 29 3.60 0.12 -7.80
N LYS A 30 3.45 0.90 -8.86
CA LYS A 30 4.33 0.76 -10.03
C LYS A 30 5.28 1.95 -10.12
N VAL A 31 6.46 1.71 -10.71
CA VAL A 31 7.46 2.75 -10.85
C VAL A 31 8.11 2.70 -12.24
N LYS A 32 8.30 3.86 -12.85
CA LYS A 32 8.91 3.95 -14.17
C LYS A 32 10.42 3.74 -14.08
N ALA A 33 10.93 2.80 -14.87
CA ALA A 33 12.36 2.50 -14.90
C ALA A 33 12.92 2.64 -16.30
N GLU A 34 14.25 2.71 -16.40
CA GLU A 34 14.92 2.85 -17.68
C GLU A 34 16.02 1.80 -17.83
N ASP A 35 16.82 1.64 -16.79
CA ASP A 35 17.92 0.67 -16.80
C ASP A 35 17.49 -0.63 -16.13
N LEU A 36 17.62 -1.73 -16.86
CA LEU A 36 17.25 -3.05 -16.34
C LEU A 36 18.06 -3.38 -15.09
N LEU A 37 19.36 -3.13 -15.14
CA LEU A 37 20.24 -3.39 -14.00
C LEU A 37 19.81 -2.59 -12.78
N ARG A 38 19.71 -1.27 -12.95
CA ARG A 38 19.31 -0.40 -11.86
C ARG A 38 17.96 -0.81 -11.28
N LYS A 39 17.93 -1.06 -9.98
CA LYS A 39 16.70 -1.47 -9.32
C LYS A 39 16.42 -0.58 -8.11
N PRO A 40 15.27 0.11 -8.14
CA PRO A 40 14.85 1.01 -7.06
C PRO A 40 14.47 0.25 -5.79
N THR A 41 14.24 0.99 -4.71
CA THR A 41 13.88 0.39 -3.43
C THR A 41 12.62 1.05 -2.86
N ILE A 42 11.67 0.22 -2.43
CA ILE A 42 10.43 0.73 -1.86
C ILE A 42 10.31 0.35 -0.39
N LYS A 43 10.14 1.35 0.46
CA LYS A 43 10.01 1.13 1.90
C LYS A 43 8.65 1.63 2.41
N TRP A 44 7.85 0.71 2.93
CA TRP A 44 6.54 1.06 3.47
C TRP A 44 6.64 1.53 4.91
N PHE A 45 5.77 2.45 5.29
CA PHE A 45 5.76 2.99 6.65
C PHE A 45 4.33 3.24 7.13
N LYS A 46 4.16 3.33 8.44
CA LYS A 46 2.85 3.56 9.03
C LYS A 46 2.96 4.41 10.29
N GLY A 47 1.96 5.26 10.52
CA GLY A 47 1.96 6.12 11.70
C GLY A 47 3.04 7.18 11.63
N LYS A 48 3.77 7.35 12.72
CA LYS A 48 4.83 8.35 12.78
C LYS A 48 6.21 7.69 12.66
N TRP A 49 6.45 6.68 13.47
CA TRP A 49 7.72 5.96 13.45
C TRP A 49 7.53 4.51 13.00
N MET A 50 6.39 3.93 13.37
CA MET A 50 6.08 2.55 13.00
C MET A 50 6.44 2.28 11.53
N ASP A 51 7.31 1.32 11.31
CA ASP A 51 7.73 0.97 9.96
C ASP A 51 7.24 -0.43 9.58
N LEU A 52 6.33 -0.49 8.62
CA LEU A 52 5.78 -1.77 8.17
C LEU A 52 6.89 -2.71 7.71
N ALA A 53 7.89 -2.15 7.04
CA ALA A 53 9.02 -2.94 6.55
C ALA A 53 9.51 -3.91 7.61
N SER A 54 9.69 -3.40 8.83
CA SER A 54 10.17 -4.22 9.94
C SER A 54 9.06 -5.15 10.44
N LYS A 55 7.82 -4.72 10.28
CA LYS A 55 6.67 -5.52 10.71
C LYS A 55 6.48 -6.73 9.81
N ALA A 56 6.87 -6.60 8.55
CA ALA A 56 6.74 -7.68 7.59
C ALA A 56 7.45 -8.93 8.08
N GLY A 57 6.71 -10.03 8.20
CA GLY A 57 7.28 -11.28 8.65
C GLY A 57 6.26 -12.41 8.70
N LYS A 58 5.15 -12.16 9.39
CA LYS A 58 4.09 -13.16 9.51
C LYS A 58 2.74 -12.57 9.14
N HIS A 59 2.22 -11.71 10.02
CA HIS A 59 0.92 -11.07 9.78
C HIS A 59 0.99 -10.14 8.56
N LEU A 60 2.21 -9.82 8.14
CA LEU A 60 2.41 -8.95 6.99
C LEU A 60 3.46 -9.52 6.04
N GLN A 61 3.25 -9.32 4.75
CA GLN A 61 4.17 -9.82 3.74
C GLN A 61 4.20 -8.89 2.53
N LEU A 62 5.40 -8.39 2.20
CA LEU A 62 5.57 -7.49 1.06
C LEU A 62 5.89 -8.28 -0.21
N LYS A 63 5.76 -7.62 -1.36
CA LYS A 63 6.04 -8.25 -2.63
C LYS A 63 6.77 -7.29 -3.56
N GLU A 64 7.56 -7.83 -4.48
CA GLU A 64 8.31 -7.03 -5.43
C GLU A 64 8.57 -7.79 -6.73
N THR A 65 8.37 -7.12 -7.85
CA THR A 65 8.57 -7.73 -9.16
C THR A 65 9.14 -6.73 -10.16
N PHE A 66 9.63 -7.24 -11.28
CA PHE A 66 10.21 -6.39 -12.32
C PHE A 66 9.67 -6.77 -13.70
N GLU A 67 9.41 -5.76 -14.53
CA GLU A 67 8.90 -6.00 -15.87
C GLU A 67 9.78 -5.34 -16.91
N ARG A 68 10.72 -6.10 -17.46
CA ARG A 68 11.63 -5.58 -18.47
C ARG A 68 10.88 -5.18 -19.73
N HIS A 69 9.75 -5.84 -19.97
CA HIS A 69 8.93 -5.55 -21.15
C HIS A 69 8.79 -4.05 -21.36
N SER A 70 8.43 -3.34 -20.29
CA SER A 70 8.25 -1.90 -20.36
C SER A 70 9.19 -1.19 -19.39
N ARG A 71 10.10 -1.95 -18.79
CA ARG A 71 11.06 -1.40 -17.83
C ARG A 71 10.33 -0.70 -16.69
N VAL A 72 9.39 -1.40 -16.07
CA VAL A 72 8.63 -0.85 -14.96
C VAL A 72 8.61 -1.81 -13.77
N TYR A 73 8.95 -1.28 -12.60
CA TYR A 73 8.98 -2.10 -11.38
C TYR A 73 7.64 -2.02 -10.64
N THR A 74 7.15 -3.17 -10.20
CA THR A 74 5.89 -3.24 -9.48
C THR A 74 6.07 -3.83 -8.09
N PHE A 75 5.81 -3.04 -7.06
CA PHE A 75 5.95 -3.50 -5.68
C PHE A 75 4.60 -3.52 -4.97
N GLU A 76 4.28 -4.66 -4.37
CA GLU A 76 3.02 -4.81 -3.66
C GLU A 76 3.25 -5.01 -2.16
N MET A 77 2.18 -4.93 -1.39
CA MET A 77 2.26 -5.11 0.06
C MET A 77 1.06 -5.88 0.59
N GLN A 78 1.27 -7.15 0.92
CA GLN A 78 0.20 -7.99 1.44
C GLN A 78 0.09 -7.86 2.96
N ILE A 79 -1.15 -7.82 3.44
CA ILE A 79 -1.40 -7.69 4.87
C ILE A 79 -2.33 -8.80 5.38
N ILE A 80 -1.75 -9.83 5.98
CA ILE A 80 -2.53 -10.94 6.50
C ILE A 80 -3.00 -10.65 7.92
N LYS A 81 -4.22 -11.10 8.23
CA LYS A 81 -4.80 -10.90 9.56
C LYS A 81 -4.68 -9.45 9.98
N ALA A 82 -5.08 -8.54 9.09
CA ALA A 82 -5.03 -7.11 9.38
C ALA A 82 -5.69 -6.79 10.72
N LYS A 83 -4.91 -6.26 11.65
CA LYS A 83 -5.42 -5.92 12.97
C LYS A 83 -5.86 -4.46 13.02
N ASP A 84 -6.58 -4.09 14.07
CA ASP A 84 -7.06 -2.72 14.24
C ASP A 84 -5.90 -1.73 14.23
N ASN A 85 -4.72 -2.22 14.61
CA ASN A 85 -3.53 -1.38 14.65
C ASN A 85 -3.03 -1.06 13.24
N PHE A 86 -3.52 -1.82 12.27
CA PHE A 86 -3.13 -1.61 10.88
C PHE A 86 -3.87 -0.42 10.27
N ALA A 87 -4.86 0.08 11.01
CA ALA A 87 -5.64 1.21 10.54
C ALA A 87 -5.00 2.54 10.95
N GLY A 88 -4.72 3.38 9.96
CA GLY A 88 -4.10 4.66 10.23
C GLY A 88 -3.50 5.29 8.98
N ASN A 89 -2.47 6.12 9.18
CA ASN A 89 -1.81 6.79 8.07
C ASN A 89 -0.63 5.96 7.57
N TYR A 90 -0.60 5.72 6.27
CA TYR A 90 0.48 4.94 5.66
C TYR A 90 1.39 5.83 4.82
N ARG A 91 2.70 5.63 4.97
CA ARG A 91 3.68 6.41 4.22
C ARG A 91 4.67 5.50 3.50
N CYS A 92 5.02 5.87 2.27
CA CYS A 92 5.96 5.09 1.48
C CYS A 92 7.05 5.97 0.90
N GLU A 93 8.18 5.36 0.54
CA GLU A 93 9.31 6.09 -0.01
C GLU A 93 10.08 5.24 -1.01
N VAL A 94 10.13 5.69 -2.26
CA VAL A 94 10.84 4.97 -3.30
C VAL A 94 11.86 5.87 -4.01
N THR A 95 13.13 5.60 -3.79
CA THR A 95 14.20 6.38 -4.39
C THR A 95 14.83 5.64 -5.57
N TYR A 96 14.89 6.31 -6.71
CA TYR A 96 15.47 5.71 -7.92
C TYR A 96 16.73 6.46 -8.35
N LYS A 97 17.53 5.81 -9.19
CA LYS A 97 18.77 6.41 -9.69
C LYS A 97 18.49 7.77 -10.32
N ASP A 98 17.42 7.86 -11.10
CA ASP A 98 17.04 9.10 -11.76
C ASP A 98 16.49 10.10 -10.75
N LYS A 99 15.30 9.83 -10.24
CA LYS A 99 14.66 10.71 -9.26
C LYS A 99 14.00 9.91 -8.15
N PHE A 100 13.61 10.59 -7.08
CA PHE A 100 12.97 9.94 -5.95
C PHE A 100 11.51 10.38 -5.82
N ASP A 101 10.62 9.41 -5.62
CA ASP A 101 9.20 9.69 -5.48
C ASP A 101 8.70 9.30 -4.09
N SER A 102 7.64 9.97 -3.64
CA SER A 102 7.08 9.70 -2.33
C SER A 102 5.57 9.95 -2.33
N CYS A 103 4.82 9.03 -1.74
CA CYS A 103 3.37 9.14 -1.67
C CYS A 103 2.82 8.39 -0.45
N SER A 104 1.90 9.03 0.25
CA SER A 104 1.30 8.44 1.44
C SER A 104 -0.19 8.20 1.23
N PHE A 105 -0.73 7.20 1.93
CA PHE A 105 -2.15 6.88 1.82
C PHE A 105 -2.74 6.60 3.20
N ASP A 106 -4.02 6.19 3.22
CA ASP A 106 -4.70 5.88 4.46
C ASP A 106 -5.35 4.51 4.41
N LEU A 107 -5.26 3.77 5.52
CA LEU A 107 -5.84 2.43 5.60
C LEU A 107 -6.79 2.33 6.78
N GLU A 108 -8.01 1.86 6.51
CA GLU A 108 -9.01 1.70 7.56
C GLU A 108 -9.23 0.22 7.87
N VAL A 109 -9.64 -0.05 9.11
CA VAL A 109 -9.89 -1.42 9.55
C VAL A 109 -11.23 -1.53 10.27
N HIS A 110 -12.12 -2.35 9.73
CA HIS A 110 -13.44 -2.54 10.33
C HIS A 110 -13.51 -3.87 11.07
N GLU A 111 -14.22 -3.88 12.19
CA GLU A 111 -14.37 -5.09 12.99
C GLU A 111 -15.07 -6.19 12.21
N SER A 112 -14.44 -7.37 12.16
CA SER A 112 -15.00 -8.50 11.44
C SER A 112 -16.13 -9.15 12.23
N THR A 113 -16.03 -9.08 13.55
CA THR A 113 -17.05 -9.67 14.42
C THR A 113 -18.26 -8.73 14.57
N GLY A 114 -18.15 -7.55 13.97
CA GLY A 114 -19.24 -6.59 14.03
C GLY A 114 -19.76 -6.21 12.67
N THR A 115 -20.79 -6.92 12.21
CA THR A 115 -21.39 -6.65 10.91
C THR A 115 -22.90 -6.77 10.95
N THR A 116 -23.58 -6.03 10.09
CA THR A 116 -25.04 -6.07 10.03
C THR A 116 -25.55 -7.46 9.70
N PRO A 117 -26.67 -7.84 10.33
CA PRO A 117 -27.29 -9.16 10.11
C PRO A 117 -27.90 -9.29 8.72
N ASN A 118 -28.24 -10.52 8.34
CA ASN A 118 -28.82 -10.79 7.03
C ASN A 118 -30.27 -10.28 6.97
N ILE A 119 -30.89 -10.45 5.81
CA ILE A 119 -32.28 -10.02 5.63
C ILE A 119 -33.24 -10.91 6.41
N ASP A 120 -34.17 -10.28 7.13
CA ASP A 120 -35.15 -11.01 7.92
C ASP A 120 -36.36 -11.38 7.07
N SER A 121 -37.23 -12.23 7.61
CA SER A 121 -38.42 -12.67 6.90
C SER A 121 -39.31 -11.48 6.55
N GLY A 122 -39.89 -11.51 5.35
CA GLY A 122 -40.75 -10.43 4.91
C GLY A 122 -42.16 -10.57 5.45
N PRO A 123 -43.13 -9.95 4.76
CA PRO A 123 -44.54 -9.99 5.14
C PRO A 123 -45.16 -11.37 4.95
N SER A 124 -46.46 -11.48 5.22
CA SER A 124 -47.16 -12.75 5.08
C SER A 124 -48.59 -12.52 4.60
N SER A 125 -49.11 -13.47 3.84
CA SER A 125 -50.47 -13.37 3.32
C SER A 125 -51.44 -12.95 4.41
N GLY A 126 -52.42 -12.13 4.04
CA GLY A 126 -53.40 -11.67 5.00
C GLY A 126 -54.37 -10.67 4.40
N GLY A 1 -1.25 24.38 -12.23
CA GLY A 1 -1.89 23.19 -12.76
C GLY A 1 -1.19 22.66 -14.00
N SER A 2 -1.95 22.47 -15.07
CA SER A 2 -1.41 21.95 -16.32
C SER A 2 -0.08 22.65 -16.65
N SER A 3 -0.09 23.97 -16.60
CA SER A 3 1.11 24.76 -16.89
C SER A 3 1.93 25.00 -15.63
N GLY A 4 3.17 24.54 -15.64
CA GLY A 4 4.04 24.72 -14.49
C GLY A 4 5.17 23.71 -14.44
N SER A 5 5.75 23.52 -13.26
CA SER A 5 6.84 22.58 -13.09
C SER A 5 6.44 21.44 -12.16
N SER A 6 6.61 20.21 -12.63
CA SER A 6 6.27 19.03 -11.84
C SER A 6 7.31 17.93 -12.00
N GLY A 7 7.40 17.05 -11.02
CA GLY A 7 8.36 15.97 -11.08
C GLY A 7 7.87 14.72 -10.36
N ILE A 8 7.03 13.96 -11.03
CA ILE A 8 6.48 12.73 -10.45
C ILE A 8 6.83 11.52 -11.30
N LEU A 9 7.64 10.62 -10.75
CA LEU A 9 8.04 9.41 -11.46
C LEU A 9 7.46 8.17 -10.80
N PHE A 10 6.17 7.94 -11.02
CA PHE A 10 5.49 6.78 -10.45
C PHE A 10 4.30 6.37 -11.31
N ILE A 11 4.36 5.18 -11.88
CA ILE A 11 3.29 4.66 -12.71
C ILE A 11 1.99 4.54 -11.93
N GLU A 12 1.90 3.52 -11.08
CA GLU A 12 0.72 3.29 -10.27
C GLU A 12 0.92 3.81 -8.85
N LYS A 13 -0.19 4.06 -8.16
CA LYS A 13 -0.14 4.56 -6.79
C LYS A 13 -1.01 3.71 -5.87
N PRO A 14 -0.44 3.30 -4.73
CA PRO A 14 -1.15 2.48 -3.74
C PRO A 14 -2.24 3.25 -3.03
N GLN A 15 -3.41 3.35 -3.66
CA GLN A 15 -4.55 4.06 -3.08
C GLN A 15 -5.11 3.30 -1.88
N GLY A 16 -4.79 3.77 -0.69
CA GLY A 16 -5.28 3.13 0.52
C GLY A 16 -6.74 2.74 0.41
N GLY A 17 -7.18 1.88 1.33
CA GLY A 17 -8.56 1.44 1.32
C GLY A 17 -9.06 1.05 2.70
N THR A 18 -9.90 0.03 2.76
CA THR A 18 -10.45 -0.43 4.03
C THR A 18 -10.58 -1.95 4.05
N VAL A 19 -9.87 -2.58 4.99
CA VAL A 19 -9.91 -4.04 5.12
C VAL A 19 -10.51 -4.45 6.46
N LYS A 20 -11.25 -5.56 6.45
CA LYS A 20 -11.87 -6.07 7.66
C LYS A 20 -10.84 -6.76 8.56
N VAL A 21 -11.12 -6.78 9.86
CA VAL A 21 -10.23 -7.39 10.82
C VAL A 21 -10.07 -8.88 10.55
N GLY A 22 -8.83 -9.31 10.29
CA GLY A 22 -8.56 -10.71 10.02
C GLY A 22 -8.49 -11.00 8.53
N GLU A 23 -8.98 -10.07 7.72
CA GLU A 23 -8.97 -10.23 6.27
C GLU A 23 -7.58 -9.98 5.71
N ASP A 24 -7.44 -10.12 4.40
CA ASP A 24 -6.16 -9.91 3.72
C ASP A 24 -6.30 -8.90 2.60
N ILE A 25 -5.51 -7.82 2.67
CA ILE A 25 -5.54 -6.79 1.65
C ILE A 25 -4.17 -6.58 1.03
N THR A 26 -4.15 -6.13 -0.23
CA THR A 26 -2.90 -5.90 -0.94
C THR A 26 -2.93 -4.57 -1.68
N PHE A 27 -1.80 -3.87 -1.68
CA PHE A 27 -1.70 -2.58 -2.36
C PHE A 27 -0.82 -2.68 -3.60
N ILE A 28 -1.20 -1.97 -4.66
CA ILE A 28 -0.45 -1.98 -5.90
C ILE A 28 0.41 -0.72 -6.04
N ALA A 29 1.62 -0.89 -6.52
CA ALA A 29 2.54 0.24 -6.70
C ALA A 29 3.54 -0.05 -7.82
N LYS A 30 3.45 0.73 -8.90
CA LYS A 30 4.34 0.57 -10.03
C LYS A 30 5.22 1.80 -10.22
N VAL A 31 6.37 1.61 -10.87
CA VAL A 31 7.29 2.72 -11.12
C VAL A 31 7.93 2.60 -12.49
N LYS A 32 8.04 3.73 -13.19
CA LYS A 32 8.64 3.75 -14.52
C LYS A 32 10.16 3.67 -14.43
N ALA A 33 10.73 2.61 -14.99
CA ALA A 33 12.17 2.42 -14.98
C ALA A 33 12.75 2.46 -16.39
N GLU A 34 14.01 2.86 -16.51
CA GLU A 34 14.68 2.95 -17.80
C GLU A 34 15.84 1.97 -17.88
N ASP A 35 16.67 1.97 -16.84
CA ASP A 35 17.83 1.09 -16.79
C ASP A 35 17.47 -0.25 -16.15
N LEU A 36 18.30 -1.26 -16.40
CA LEU A 36 18.06 -2.59 -15.85
C LEU A 36 19.01 -2.87 -14.68
N LEU A 37 20.27 -2.48 -14.85
CA LEU A 37 21.28 -2.69 -13.81
C LEU A 37 20.85 -2.05 -12.51
N ARG A 38 20.10 -0.96 -12.60
CA ARG A 38 19.61 -0.26 -11.41
C ARG A 38 18.20 -0.70 -11.05
N LYS A 39 17.92 -0.79 -9.75
CA LYS A 39 16.61 -1.20 -9.28
C LYS A 39 16.13 -0.29 -8.16
N PRO A 40 14.98 0.35 -8.37
CA PRO A 40 14.38 1.26 -7.38
C PRO A 40 13.87 0.52 -6.16
N THR A 41 14.43 0.84 -4.99
CA THR A 41 14.03 0.21 -3.75
C THR A 41 12.80 0.88 -3.16
N ILE A 42 11.84 0.08 -2.70
CA ILE A 42 10.62 0.61 -2.11
C ILE A 42 10.52 0.24 -0.64
N LYS A 43 10.33 1.25 0.21
CA LYS A 43 10.21 1.05 1.64
C LYS A 43 8.86 1.56 2.16
N TRP A 44 8.06 0.65 2.69
CA TRP A 44 6.75 1.00 3.22
C TRP A 44 6.87 1.51 4.65
N PHE A 45 6.03 2.49 5.00
CA PHE A 45 6.03 3.06 6.34
C PHE A 45 4.62 3.33 6.82
N LYS A 46 4.47 3.54 8.13
CA LYS A 46 3.17 3.82 8.71
C LYS A 46 3.32 4.51 10.08
N GLY A 47 2.38 5.40 10.39
CA GLY A 47 2.43 6.11 11.65
C GLY A 47 3.45 7.22 11.65
N LYS A 48 4.28 7.26 12.70
CA LYS A 48 5.32 8.28 12.82
C LYS A 48 6.69 7.70 12.50
N TRP A 49 7.04 6.61 13.19
CA TRP A 49 8.32 5.96 12.98
C TRP A 49 8.14 4.51 12.58
N MET A 50 7.02 3.92 12.98
CA MET A 50 6.73 2.53 12.66
C MET A 50 7.07 2.23 11.21
N ASP A 51 7.82 1.15 11.00
CA ASP A 51 8.23 0.74 9.65
C ASP A 51 7.66 -0.63 9.32
N LEU A 52 6.67 -0.66 8.45
CA LEU A 52 6.04 -1.91 8.04
C LEU A 52 7.08 -2.90 7.52
N ALA A 53 8.13 -2.37 6.90
CA ALA A 53 9.19 -3.21 6.37
C ALA A 53 9.64 -4.25 7.39
N SER A 54 9.98 -3.80 8.59
CA SER A 54 10.42 -4.70 9.65
C SER A 54 9.24 -5.46 10.25
N LYS A 55 8.03 -5.01 9.92
CA LYS A 55 6.82 -5.64 10.42
C LYS A 55 6.45 -6.86 9.56
N ALA A 56 6.76 -6.79 8.27
CA ALA A 56 6.46 -7.89 7.36
C ALA A 56 7.18 -9.16 7.78
N GLY A 57 6.41 -10.18 8.17
CA GLY A 57 6.99 -11.43 8.59
C GLY A 57 6.03 -12.27 9.41
N LYS A 58 5.20 -11.61 10.21
CA LYS A 58 4.23 -12.30 11.06
C LYS A 58 2.84 -12.24 10.43
N HIS A 59 2.21 -11.07 10.46
CA HIS A 59 0.88 -10.88 9.89
C HIS A 59 0.94 -9.98 8.67
N LEU A 60 2.15 -9.64 8.23
CA LEU A 60 2.33 -8.79 7.07
C LEU A 60 3.35 -9.39 6.11
N GLN A 61 3.14 -9.17 4.81
CA GLN A 61 4.02 -9.70 3.79
C GLN A 61 4.05 -8.78 2.56
N LEU A 62 5.25 -8.33 2.20
CA LEU A 62 5.40 -7.44 1.05
C LEU A 62 5.78 -8.24 -0.20
N LYS A 63 5.67 -7.60 -1.36
CA LYS A 63 6.00 -8.24 -2.63
C LYS A 63 6.72 -7.27 -3.55
N GLU A 64 7.59 -7.81 -4.41
CA GLU A 64 8.35 -6.99 -5.35
C GLU A 64 8.70 -7.78 -6.60
N THR A 65 8.41 -7.22 -7.76
CA THR A 65 8.71 -7.88 -9.03
C THR A 65 9.12 -6.86 -10.09
N PHE A 66 9.81 -7.35 -11.12
CA PHE A 66 10.26 -6.48 -12.20
C PHE A 66 9.79 -7.00 -13.55
N GLU A 67 9.51 -6.08 -14.48
CA GLU A 67 9.04 -6.45 -15.80
C GLU A 67 9.87 -5.74 -16.88
N ARG A 68 10.91 -6.41 -17.34
CA ARG A 68 11.79 -5.86 -18.37
C ARG A 68 10.99 -5.55 -19.65
N HIS A 69 9.99 -6.37 -19.92
CA HIS A 69 9.16 -6.19 -21.10
C HIS A 69 8.88 -4.70 -21.35
N SER A 70 8.59 -3.97 -20.28
CA SER A 70 8.30 -2.55 -20.39
C SER A 70 9.23 -1.74 -19.50
N ARG A 71 10.16 -2.44 -18.83
CA ARG A 71 11.10 -1.78 -17.94
C ARG A 71 10.38 -1.09 -16.79
N VAL A 72 9.40 -1.78 -16.21
CA VAL A 72 8.64 -1.22 -15.10
C VAL A 72 8.62 -2.18 -13.91
N TYR A 73 8.76 -1.64 -12.72
CA TYR A 73 8.77 -2.44 -11.50
C TYR A 73 7.40 -2.42 -10.83
N THR A 74 7.04 -3.55 -10.22
CA THR A 74 5.74 -3.67 -9.54
C THR A 74 5.92 -4.16 -8.11
N PHE A 75 5.71 -3.25 -7.15
CA PHE A 75 5.85 -3.59 -5.74
C PHE A 75 4.49 -3.61 -5.05
N GLU A 76 4.17 -4.74 -4.42
CA GLU A 76 2.90 -4.89 -3.72
C GLU A 76 3.12 -5.02 -2.22
N MET A 77 2.04 -4.87 -1.45
CA MET A 77 2.12 -4.97 -0.01
C MET A 77 0.96 -5.80 0.54
N GLN A 78 1.25 -7.07 0.86
CA GLN A 78 0.23 -7.98 1.38
C GLN A 78 0.10 -7.81 2.89
N ILE A 79 -1.14 -7.71 3.36
CA ILE A 79 -1.41 -7.56 4.78
C ILE A 79 -2.34 -8.66 5.28
N ILE A 80 -1.76 -9.62 5.99
CA ILE A 80 -2.54 -10.74 6.54
C ILE A 80 -3.05 -10.41 7.93
N LYS A 81 -4.22 -10.95 8.26
CA LYS A 81 -4.83 -10.71 9.57
C LYS A 81 -4.74 -9.25 9.96
N ALA A 82 -5.18 -8.37 9.07
CA ALA A 82 -5.14 -6.93 9.32
C ALA A 82 -5.78 -6.60 10.66
N LYS A 83 -4.96 -6.25 11.64
CA LYS A 83 -5.45 -5.90 12.97
C LYS A 83 -5.98 -4.47 13.00
N ASP A 84 -6.83 -4.19 13.97
CA ASP A 84 -7.40 -2.85 14.12
C ASP A 84 -6.31 -1.80 14.24
N ASN A 85 -5.09 -2.25 14.55
CA ASN A 85 -3.97 -1.34 14.69
C ASN A 85 -3.38 -0.97 13.34
N PHE A 86 -3.66 -1.81 12.33
CA PHE A 86 -3.17 -1.56 10.98
C PHE A 86 -3.81 -0.31 10.38
N ALA A 87 -4.76 0.25 11.11
CA ALA A 87 -5.46 1.45 10.65
C ALA A 87 -4.69 2.71 11.03
N GLY A 88 -4.43 3.56 10.04
CA GLY A 88 -3.71 4.79 10.29
C GLY A 88 -3.23 5.46 9.02
N ASN A 89 -2.10 6.14 9.10
CA ASN A 89 -1.54 6.83 7.94
C ASN A 89 -0.32 6.08 7.40
N TYR A 90 -0.40 5.64 6.15
CA TYR A 90 0.69 4.92 5.52
C TYR A 90 1.52 5.84 4.64
N ARG A 91 2.77 5.45 4.40
CA ARG A 91 3.68 6.24 3.58
C ARG A 91 4.71 5.34 2.88
N CYS A 92 4.81 5.48 1.56
CA CYS A 92 5.74 4.69 0.79
C CYS A 92 6.85 5.56 0.21
N GLU A 93 8.05 5.00 0.09
CA GLU A 93 9.20 5.73 -0.44
C GLU A 93 9.86 4.95 -1.56
N VAL A 94 9.91 5.55 -2.75
CA VAL A 94 10.52 4.91 -3.91
C VAL A 94 11.73 5.70 -4.39
N THR A 95 12.92 5.16 -4.15
CA THR A 95 14.16 5.81 -4.57
C THR A 95 14.67 5.24 -5.88
N TYR A 96 15.47 6.02 -6.59
CA TYR A 96 16.03 5.60 -7.86
C TYR A 96 17.30 6.38 -8.20
N LYS A 97 17.91 6.05 -9.32
CA LYS A 97 19.13 6.71 -9.76
C LYS A 97 19.14 8.17 -9.32
N ASP A 98 18.34 9.00 -10.00
CA ASP A 98 18.26 10.41 -9.68
C ASP A 98 16.79 10.87 -9.62
N LYS A 99 15.90 9.92 -9.36
CA LYS A 99 14.47 10.23 -9.28
C LYS A 99 13.83 9.49 -8.10
N PHE A 100 13.40 10.25 -7.10
CA PHE A 100 12.76 9.66 -5.92
C PHE A 100 11.38 10.26 -5.70
N ASP A 101 10.43 9.42 -5.32
CA ASP A 101 9.06 9.87 -5.07
C ASP A 101 8.56 9.36 -3.72
N SER A 102 7.57 10.05 -3.16
CA SER A 102 7.00 9.66 -1.88
C SER A 102 5.50 9.91 -1.85
N CYS A 103 4.73 8.86 -1.57
CA CYS A 103 3.28 8.96 -1.52
C CYS A 103 2.76 8.48 -0.17
N SER A 104 1.51 8.86 0.14
CA SER A 104 0.89 8.47 1.41
C SER A 104 -0.57 8.10 1.20
N PHE A 105 -1.00 7.04 1.88
CA PHE A 105 -2.39 6.59 1.77
C PHE A 105 -2.98 6.32 3.15
N ASP A 106 -4.31 6.25 3.22
CA ASP A 106 -5.00 6.00 4.47
C ASP A 106 -5.67 4.62 4.47
N LEU A 107 -5.34 3.80 5.45
CA LEU A 107 -5.91 2.46 5.55
C LEU A 107 -6.86 2.37 6.74
N GLU A 108 -8.06 1.86 6.48
CA GLU A 108 -9.07 1.71 7.52
C GLU A 108 -9.28 0.24 7.88
N VAL A 109 -9.66 -0.02 9.12
CA VAL A 109 -9.90 -1.38 9.58
C VAL A 109 -11.25 -1.49 10.28
N HIS A 110 -12.13 -2.32 9.72
CA HIS A 110 -13.46 -2.52 10.29
C HIS A 110 -13.53 -3.85 11.03
N GLU A 111 -14.29 -3.88 12.12
CA GLU A 111 -14.44 -5.09 12.92
C GLU A 111 -15.13 -6.19 12.11
N SER A 112 -14.54 -7.37 12.12
CA SER A 112 -15.09 -8.51 11.38
C SER A 112 -16.20 -9.19 12.19
N THR A 113 -16.71 -8.49 13.19
CA THR A 113 -17.77 -9.02 14.04
C THR A 113 -19.07 -8.25 13.84
N GLY A 114 -20.18 -8.99 13.77
CA GLY A 114 -21.48 -8.37 13.57
C GLY A 114 -22.23 -8.96 12.41
N THR A 115 -23.56 -9.02 12.52
CA THR A 115 -24.40 -9.57 11.47
C THR A 115 -24.91 -8.47 10.54
N THR A 116 -25.30 -8.86 9.34
CA THR A 116 -25.81 -7.91 8.35
C THR A 116 -27.02 -7.15 8.90
N PRO A 117 -27.08 -5.85 8.58
CA PRO A 117 -28.18 -4.98 9.03
C PRO A 117 -29.49 -5.32 8.33
N ASN A 118 -30.38 -6.01 9.05
CA ASN A 118 -31.67 -6.39 8.51
C ASN A 118 -32.36 -5.19 7.85
N ILE A 119 -33.24 -5.47 6.89
CA ILE A 119 -33.97 -4.41 6.19
C ILE A 119 -35.47 -4.56 6.41
N ASP A 120 -36.15 -3.43 6.56
CA ASP A 120 -37.59 -3.43 6.77
C ASP A 120 -38.29 -4.31 5.75
N SER A 121 -38.75 -5.48 6.20
CA SER A 121 -39.43 -6.42 5.32
C SER A 121 -40.68 -6.98 6.00
N GLY A 122 -41.59 -7.51 5.18
CA GLY A 122 -42.82 -8.07 5.72
C GLY A 122 -42.75 -9.57 5.87
N PRO A 123 -43.09 -10.06 7.08
CA PRO A 123 -43.07 -11.50 7.38
C PRO A 123 -44.16 -12.27 6.65
N SER A 124 -43.77 -13.33 5.94
CA SER A 124 -44.72 -14.14 5.19
C SER A 124 -45.68 -14.87 6.13
N SER A 125 -45.13 -15.41 7.21
CA SER A 125 -45.93 -16.14 8.19
C SER A 125 -45.85 -15.48 9.56
N GLY A 126 -46.94 -14.88 10.01
CA GLY A 126 -46.96 -14.23 11.30
C GLY A 126 -47.44 -15.14 12.40
N GLY A 1 -5.46 24.54 -4.06
CA GLY A 1 -4.03 24.44 -3.81
C GLY A 1 -3.21 24.78 -5.03
N SER A 2 -1.94 25.10 -4.82
CA SER A 2 -1.04 25.46 -5.91
C SER A 2 -0.51 24.20 -6.60
N SER A 3 0.03 24.39 -7.81
CA SER A 3 0.57 23.28 -8.58
C SER A 3 1.63 23.76 -9.56
N GLY A 4 2.41 22.82 -10.08
CA GLY A 4 3.46 23.17 -11.02
C GLY A 4 4.43 22.03 -11.26
N SER A 5 5.01 21.50 -10.19
CA SER A 5 5.95 20.41 -10.29
C SER A 5 5.46 19.34 -11.25
N SER A 6 6.20 19.15 -12.35
CA SER A 6 5.82 18.16 -13.35
C SER A 6 7.02 17.29 -13.74
N GLY A 7 6.90 16.00 -13.52
CA GLY A 7 7.98 15.08 -13.85
C GLY A 7 8.29 14.12 -12.72
N ILE A 8 7.81 12.88 -12.85
CA ILE A 8 8.05 11.87 -11.82
C ILE A 8 8.13 10.48 -12.44
N LEU A 9 8.53 9.50 -11.64
CA LEU A 9 8.64 8.13 -12.10
C LEU A 9 7.48 7.28 -11.60
N PHE A 10 7.14 7.45 -10.32
CA PHE A 10 6.06 6.70 -9.71
C PHE A 10 4.77 6.84 -10.53
N ILE A 11 4.60 5.94 -11.49
CA ILE A 11 3.41 5.96 -12.35
C ILE A 11 2.17 5.50 -11.58
N GLU A 12 2.30 4.38 -10.87
CA GLU A 12 1.19 3.84 -10.09
C GLU A 12 1.18 4.42 -8.68
N LYS A 13 -0.01 4.62 -8.15
CA LYS A 13 -0.16 5.17 -6.81
C LYS A 13 -1.10 4.30 -5.97
N PRO A 14 -0.55 3.69 -4.91
CA PRO A 14 -1.31 2.82 -4.01
C PRO A 14 -2.30 3.60 -3.15
N GLN A 15 -3.56 3.64 -3.60
CA GLN A 15 -4.60 4.36 -2.87
C GLN A 15 -5.09 3.54 -1.68
N GLY A 16 -4.86 4.06 -0.48
CA GLY A 16 -5.29 3.36 0.72
C GLY A 16 -6.68 2.77 0.58
N GLY A 17 -6.99 1.79 1.43
CA GLY A 17 -8.29 1.15 1.38
C GLY A 17 -8.80 0.77 2.75
N THR A 18 -9.72 -0.19 2.80
CA THR A 18 -10.30 -0.64 4.06
C THR A 18 -10.41 -2.16 4.10
N VAL A 19 -9.66 -2.78 5.01
CA VAL A 19 -9.67 -4.23 5.15
C VAL A 19 -10.31 -4.64 6.47
N LYS A 20 -11.06 -5.74 6.44
CA LYS A 20 -11.72 -6.25 7.63
C LYS A 20 -10.72 -6.95 8.56
N VAL A 21 -11.00 -6.91 9.86
CA VAL A 21 -10.14 -7.54 10.85
C VAL A 21 -10.00 -9.03 10.58
N GLY A 22 -8.78 -9.46 10.25
CA GLY A 22 -8.54 -10.86 9.97
C GLY A 22 -8.50 -11.16 8.49
N GLU A 23 -8.90 -10.20 7.67
CA GLU A 23 -8.92 -10.37 6.23
C GLU A 23 -7.53 -10.12 5.64
N ASP A 24 -7.40 -10.30 4.33
CA ASP A 24 -6.13 -10.10 3.65
C ASP A 24 -6.27 -9.06 2.54
N ILE A 25 -5.52 -7.97 2.65
CA ILE A 25 -5.56 -6.92 1.65
C ILE A 25 -4.22 -6.76 0.94
N THR A 26 -4.25 -6.25 -0.28
CA THR A 26 -3.04 -6.06 -1.07
C THR A 26 -3.05 -4.70 -1.76
N PHE A 27 -1.93 -3.98 -1.66
CA PHE A 27 -1.81 -2.67 -2.28
C PHE A 27 -0.85 -2.72 -3.46
N ILE A 28 -1.26 -2.12 -4.57
CA ILE A 28 -0.43 -2.10 -5.78
C ILE A 28 0.43 -0.84 -5.82
N ALA A 29 1.73 -1.03 -6.01
CA ALA A 29 2.67 0.08 -6.08
C ALA A 29 3.85 -0.25 -6.97
N LYS A 30 3.94 0.44 -8.11
CA LYS A 30 5.02 0.22 -9.07
C LYS A 30 5.70 1.54 -9.43
N VAL A 31 6.96 1.45 -9.87
CA VAL A 31 7.71 2.64 -10.25
C VAL A 31 8.18 2.55 -11.70
N LYS A 32 8.25 3.69 -12.37
CA LYS A 32 8.69 3.74 -13.76
C LYS A 32 10.21 3.64 -13.85
N ALA A 33 10.69 2.53 -14.40
CA ALA A 33 12.12 2.32 -14.55
C ALA A 33 12.54 2.38 -16.02
N GLU A 34 13.78 2.75 -16.26
CA GLU A 34 14.31 2.85 -17.63
C GLU A 34 15.55 1.99 -17.80
N ASP A 35 16.48 2.10 -16.86
CA ASP A 35 17.72 1.33 -16.91
C ASP A 35 17.53 -0.05 -16.28
N LEU A 36 18.13 -1.07 -16.89
CA LEU A 36 18.02 -2.43 -16.39
C LEU A 36 19.02 -2.68 -15.26
N LEU A 37 20.27 -2.33 -15.51
CA LEU A 37 21.32 -2.51 -14.52
C LEU A 37 20.89 -1.98 -13.16
N ARG A 38 20.22 -0.84 -13.16
CA ARG A 38 19.74 -0.22 -11.92
C ARG A 38 18.40 -0.82 -11.50
N LYS A 39 18.13 -0.77 -10.20
CA LYS A 39 16.88 -1.31 -9.67
C LYS A 39 16.40 -0.49 -8.47
N PRO A 40 15.20 0.08 -8.60
CA PRO A 40 14.59 0.90 -7.55
C PRO A 40 14.18 0.08 -6.33
N THR A 41 13.90 0.76 -5.23
CA THR A 41 13.50 0.09 -4.00
C THR A 41 12.35 0.83 -3.31
N ILE A 42 11.34 0.09 -2.88
CA ILE A 42 10.19 0.67 -2.22
C ILE A 42 10.24 0.42 -0.71
N LYS A 43 9.61 1.30 0.05
CA LYS A 43 9.58 1.18 1.50
C LYS A 43 8.24 1.63 2.06
N TRP A 44 7.57 0.74 2.79
CA TRP A 44 6.28 1.05 3.38
C TRP A 44 6.42 1.46 4.84
N PHE A 45 5.80 2.58 5.20
CA PHE A 45 5.87 3.09 6.57
C PHE A 45 4.47 3.32 7.13
N LYS A 46 4.36 3.33 8.46
CA LYS A 46 3.08 3.54 9.13
C LYS A 46 3.23 4.51 10.29
N GLY A 47 2.19 5.30 10.54
CA GLY A 47 2.22 6.25 11.64
C GLY A 47 3.29 7.31 11.44
N LYS A 48 4.09 7.54 12.48
CA LYS A 48 5.16 8.53 12.42
C LYS A 48 6.52 7.86 12.26
N TRP A 49 6.78 6.87 13.11
CA TRP A 49 8.05 6.15 13.06
C TRP A 49 7.82 4.68 12.72
N MET A 50 6.71 4.13 13.19
CA MET A 50 6.38 2.73 12.92
C MET A 50 6.67 2.36 11.47
N ASP A 51 7.64 1.48 11.26
CA ASP A 51 8.02 1.05 9.93
C ASP A 51 7.48 -0.34 9.63
N LEU A 52 6.62 -0.44 8.62
CA LEU A 52 6.03 -1.72 8.24
C LEU A 52 7.10 -2.67 7.72
N ALA A 53 8.02 -2.14 6.91
CA ALA A 53 9.10 -2.94 6.35
C ALA A 53 9.69 -3.88 7.39
N SER A 54 9.72 -3.43 8.63
CA SER A 54 10.26 -4.24 9.72
C SER A 54 9.20 -5.17 10.29
N LYS A 55 7.95 -4.73 10.22
CA LYS A 55 6.83 -5.53 10.73
C LYS A 55 6.57 -6.74 9.83
N ALA A 56 6.90 -6.60 8.55
CA ALA A 56 6.70 -7.68 7.59
C ALA A 56 7.39 -8.96 8.07
N GLY A 57 6.58 -9.94 8.46
CA GLY A 57 7.13 -11.20 8.93
C GLY A 57 6.13 -12.34 8.82
N LYS A 58 5.03 -12.22 9.55
CA LYS A 58 3.99 -13.25 9.54
C LYS A 58 2.63 -12.65 9.19
N HIS A 59 2.19 -11.68 10.01
CA HIS A 59 0.91 -11.02 9.78
C HIS A 59 0.97 -10.12 8.56
N LEU A 60 2.18 -9.77 8.13
CA LEU A 60 2.37 -8.91 6.98
C LEU A 60 3.42 -9.49 6.04
N GLN A 61 3.23 -9.29 4.74
CA GLN A 61 4.16 -9.79 3.74
C GLN A 61 4.21 -8.86 2.53
N LEU A 62 5.40 -8.40 2.18
CA LEU A 62 5.58 -7.51 1.05
C LEU A 62 5.93 -8.29 -0.21
N LYS A 63 5.68 -7.69 -1.37
CA LYS A 63 5.96 -8.34 -2.65
C LYS A 63 6.65 -7.36 -3.60
N GLU A 64 7.52 -7.89 -4.45
CA GLU A 64 8.24 -7.07 -5.42
C GLU A 64 8.57 -7.87 -6.67
N THR A 65 8.30 -7.28 -7.84
CA THR A 65 8.56 -7.93 -9.11
C THR A 65 8.96 -6.92 -10.17
N PHE A 66 9.75 -7.38 -11.15
CA PHE A 66 10.21 -6.51 -12.24
C PHE A 66 9.72 -7.03 -13.58
N GLU A 67 9.31 -6.10 -14.45
CA GLU A 67 8.81 -6.46 -15.77
C GLU A 67 9.64 -5.77 -16.86
N ARG A 68 10.71 -6.44 -17.28
CA ARG A 68 11.59 -5.90 -18.31
C ARG A 68 10.78 -5.53 -19.56
N HIS A 69 9.67 -6.22 -19.77
CA HIS A 69 8.81 -5.95 -20.92
C HIS A 69 8.46 -4.47 -21.01
N SER A 70 8.29 -3.83 -19.85
CA SER A 70 7.94 -2.42 -19.80
C SER A 70 8.96 -1.64 -18.97
N ARG A 71 9.88 -2.36 -18.34
CA ARG A 71 10.91 -1.74 -17.52
C ARG A 71 10.29 -1.05 -16.31
N VAL A 72 9.40 -1.75 -15.62
CA VAL A 72 8.72 -1.20 -14.45
C VAL A 72 8.61 -2.26 -13.35
N TYR A 73 9.00 -1.88 -12.13
CA TYR A 73 8.93 -2.79 -11.00
C TYR A 73 7.58 -2.69 -10.29
N THR A 74 6.88 -3.81 -10.21
CA THR A 74 5.57 -3.85 -9.57
C THR A 74 5.68 -4.35 -8.13
N PHE A 75 5.60 -3.43 -7.18
CA PHE A 75 5.69 -3.78 -5.77
C PHE A 75 4.30 -3.84 -5.13
N GLU A 76 4.07 -4.87 -4.32
CA GLU A 76 2.79 -5.04 -3.65
C GLU A 76 2.98 -5.21 -2.15
N MET A 77 1.89 -5.10 -1.40
CA MET A 77 1.94 -5.24 0.05
C MET A 77 0.80 -6.13 0.55
N GLN A 78 1.11 -7.41 0.79
CA GLN A 78 0.11 -8.35 1.28
C GLN A 78 -0.01 -8.30 2.80
N ILE A 79 -1.14 -7.80 3.28
CA ILE A 79 -1.39 -7.70 4.71
C ILE A 79 -2.32 -8.80 5.19
N ILE A 80 -1.76 -9.77 5.92
CA ILE A 80 -2.54 -10.88 6.45
C ILE A 80 -3.04 -10.58 7.85
N LYS A 81 -4.22 -11.10 8.19
CA LYS A 81 -4.81 -10.90 9.51
C LYS A 81 -4.68 -9.44 9.93
N ALA A 82 -5.13 -8.53 9.06
CA ALA A 82 -5.07 -7.11 9.36
C ALA A 82 -5.79 -6.79 10.66
N LYS A 83 -5.08 -6.14 11.59
CA LYS A 83 -5.65 -5.78 12.88
C LYS A 83 -6.08 -4.31 12.89
N ASP A 84 -6.69 -3.88 13.99
CA ASP A 84 -7.14 -2.51 14.12
C ASP A 84 -5.96 -1.55 14.14
N ASN A 85 -4.75 -2.11 14.19
CA ASN A 85 -3.54 -1.29 14.21
C ASN A 85 -3.04 -1.03 12.79
N PHE A 86 -3.54 -1.80 11.84
CA PHE A 86 -3.14 -1.65 10.44
C PHE A 86 -3.90 -0.50 9.78
N ALA A 87 -4.85 0.07 10.51
CA ALA A 87 -5.65 1.18 10.00
C ALA A 87 -5.12 2.51 10.49
N GLY A 88 -4.60 3.31 9.58
CA GLY A 88 -4.05 4.61 9.94
C GLY A 88 -3.49 5.37 8.75
N ASN A 89 -2.32 5.97 8.94
CA ASN A 89 -1.67 6.73 7.87
C ASN A 89 -0.42 6.00 7.38
N TYR A 90 -0.45 5.59 6.12
CA TYR A 90 0.67 4.88 5.52
C TYR A 90 1.57 5.84 4.74
N ARG A 91 2.85 5.50 4.65
CA ARG A 91 3.80 6.34 3.93
C ARG A 91 4.75 5.48 3.08
N CYS A 92 4.75 5.72 1.78
CA CYS A 92 5.60 4.97 0.87
C CYS A 92 6.71 5.86 0.30
N GLU A 93 7.91 5.31 0.21
CA GLU A 93 9.05 6.06 -0.31
C GLU A 93 9.91 5.17 -1.22
N VAL A 94 10.09 5.61 -2.46
CA VAL A 94 10.89 4.87 -3.43
C VAL A 94 11.94 5.76 -4.09
N THR A 95 13.19 5.58 -3.70
CA THR A 95 14.29 6.36 -4.24
C THR A 95 14.93 5.66 -5.43
N TYR A 96 14.99 6.35 -6.56
CA TYR A 96 15.58 5.79 -7.77
C TYR A 96 16.84 6.56 -8.16
N LYS A 97 17.58 6.00 -9.12
CA LYS A 97 18.81 6.63 -9.60
C LYS A 97 18.52 8.01 -10.18
N ASP A 98 17.53 8.09 -11.06
CA ASP A 98 17.15 9.36 -11.68
C ASP A 98 16.64 10.35 -10.63
N LYS A 99 15.44 10.10 -10.13
CA LYS A 99 14.84 10.97 -9.12
C LYS A 99 14.18 10.15 -8.02
N PHE A 100 13.82 10.82 -6.93
CA PHE A 100 13.17 10.14 -5.80
C PHE A 100 11.73 10.61 -5.65
N ASP A 101 10.81 9.65 -5.60
CA ASP A 101 9.39 9.97 -5.45
C ASP A 101 8.84 9.39 -4.16
N SER A 102 7.78 10.00 -3.64
CA SER A 102 7.16 9.55 -2.40
C SER A 102 5.66 9.82 -2.41
N CYS A 103 4.93 9.08 -1.58
CA CYS A 103 3.48 9.23 -1.50
C CYS A 103 2.96 8.76 -0.15
N SER A 104 1.74 9.18 0.20
CA SER A 104 1.14 8.80 1.47
C SER A 104 -0.35 8.50 1.29
N PHE A 105 -0.90 7.72 2.21
CA PHE A 105 -2.31 7.36 2.16
C PHE A 105 -2.83 6.98 3.54
N ASP A 106 -4.11 6.60 3.60
CA ASP A 106 -4.72 6.21 4.86
C ASP A 106 -5.46 4.88 4.73
N LEU A 107 -5.26 3.99 5.69
CA LEU A 107 -5.90 2.69 5.69
C LEU A 107 -6.90 2.56 6.83
N GLU A 108 -8.02 1.88 6.56
CA GLU A 108 -9.04 1.69 7.57
C GLU A 108 -9.26 0.20 7.85
N VAL A 109 -9.73 -0.10 9.06
CA VAL A 109 -9.97 -1.48 9.46
C VAL A 109 -11.31 -1.62 10.17
N HIS A 110 -12.18 -2.46 9.62
CA HIS A 110 -13.50 -2.69 10.19
C HIS A 110 -13.55 -4.02 10.95
N GLU A 111 -14.30 -4.04 12.05
CA GLU A 111 -14.42 -5.24 12.85
C GLU A 111 -15.10 -6.37 12.06
N SER A 112 -14.46 -7.53 12.03
CA SER A 112 -15.00 -8.67 11.30
C SER A 112 -16.16 -9.30 12.06
N THR A 113 -17.38 -9.01 11.62
CA THR A 113 -18.58 -9.55 12.25
C THR A 113 -19.77 -9.54 11.29
N GLY A 114 -20.51 -10.64 11.27
CA GLY A 114 -21.66 -10.74 10.38
C GLY A 114 -22.45 -9.44 10.30
N THR A 115 -23.02 -9.17 9.14
CA THR A 115 -23.80 -7.96 8.94
C THR A 115 -25.19 -8.29 8.40
N THR A 116 -26.21 -7.64 8.96
CA THR A 116 -27.59 -7.87 8.54
C THR A 116 -27.86 -7.17 7.20
N PRO A 117 -28.78 -7.75 6.42
CA PRO A 117 -29.16 -7.22 5.11
C PRO A 117 -29.95 -5.91 5.23
N ASN A 118 -30.28 -5.32 4.08
CA ASN A 118 -31.03 -4.07 4.06
C ASN A 118 -32.19 -4.14 3.08
N ILE A 119 -32.99 -3.08 3.03
CA ILE A 119 -34.14 -3.03 2.12
C ILE A 119 -33.77 -2.37 0.81
N ASP A 120 -33.90 -3.13 -0.28
CA ASP A 120 -33.58 -2.61 -1.62
C ASP A 120 -34.76 -1.84 -2.19
N SER A 121 -34.55 -1.24 -3.36
CA SER A 121 -35.59 -0.46 -4.01
C SER A 121 -36.25 -1.27 -5.13
N GLY A 122 -37.39 -0.79 -5.62
CA GLY A 122 -38.09 -1.49 -6.69
C GLY A 122 -37.77 -0.92 -8.06
N PRO A 123 -38.16 -1.65 -9.10
CA PRO A 123 -37.92 -1.24 -10.49
C PRO A 123 -38.76 -0.03 -10.89
N SER A 124 -38.13 1.14 -10.90
CA SER A 124 -38.83 2.38 -11.26
C SER A 124 -38.71 2.65 -12.75
N SER A 125 -39.56 3.53 -13.26
CA SER A 125 -39.57 3.88 -14.67
C SER A 125 -38.19 4.39 -15.11
N GLY A 126 -37.95 4.41 -16.41
CA GLY A 126 -36.68 4.87 -16.93
C GLY A 126 -36.30 6.23 -16.39
N GLY A 1 -3.02 30.03 -13.85
CA GLY A 1 -2.34 28.79 -14.18
C GLY A 1 -0.85 28.88 -13.95
N SER A 2 -0.35 28.11 -12.98
CA SER A 2 1.07 28.11 -12.66
C SER A 2 1.78 26.94 -13.33
N SER A 3 2.49 27.22 -14.42
CA SER A 3 3.20 26.19 -15.16
C SER A 3 4.26 25.53 -14.29
N GLY A 4 4.40 24.22 -14.42
CA GLY A 4 5.39 23.49 -13.64
C GLY A 4 5.28 21.99 -13.83
N SER A 5 5.08 21.56 -15.08
CA SER A 5 4.96 20.14 -15.40
C SER A 5 6.33 19.52 -15.63
N SER A 6 6.89 18.93 -14.58
CA SER A 6 8.21 18.30 -14.68
C SER A 6 8.07 16.81 -15.00
N GLY A 7 7.36 16.09 -14.14
CA GLY A 7 7.17 14.67 -14.34
C GLY A 7 7.26 13.87 -13.05
N ILE A 8 6.32 12.95 -12.86
CA ILE A 8 6.30 12.12 -11.67
C ILE A 8 6.63 10.67 -11.99
N LEU A 9 7.88 10.29 -11.75
CA LEU A 9 8.33 8.92 -12.01
C LEU A 9 7.27 7.91 -11.59
N PHE A 10 6.78 8.05 -10.36
CA PHE A 10 5.76 7.14 -9.85
C PHE A 10 4.50 7.20 -10.70
N ILE A 11 4.52 6.50 -11.82
CA ILE A 11 3.38 6.47 -12.73
C ILE A 11 2.12 6.00 -12.01
N GLU A 12 2.28 5.08 -11.08
CA GLU A 12 1.16 4.55 -10.31
C GLU A 12 1.28 4.92 -8.83
N LYS A 13 0.15 4.96 -8.14
CA LYS A 13 0.12 5.30 -6.73
C LYS A 13 -0.93 4.49 -5.98
N PRO A 14 -0.60 4.03 -4.77
CA PRO A 14 -1.51 3.25 -3.94
C PRO A 14 -2.68 4.08 -3.41
N GLN A 15 -3.89 3.68 -3.80
CA GLN A 15 -5.09 4.39 -3.37
C GLN A 15 -5.63 3.81 -2.06
N GLY A 16 -4.76 3.10 -1.34
CA GLY A 16 -5.17 2.51 -0.07
C GLY A 16 -6.55 1.87 -0.16
N GLY A 17 -7.16 1.66 1.01
CA GLY A 17 -8.48 1.05 1.04
C GLY A 17 -8.92 0.71 2.45
N THR A 18 -9.75 -0.32 2.58
CA THR A 18 -10.25 -0.74 3.88
C THR A 18 -10.32 -2.26 3.98
N VAL A 19 -9.57 -2.81 4.93
CA VAL A 19 -9.55 -4.26 5.14
C VAL A 19 -10.19 -4.63 6.47
N LYS A 20 -10.96 -5.71 6.46
CA LYS A 20 -11.63 -6.19 7.67
C LYS A 20 -10.63 -6.85 8.62
N VAL A 21 -10.96 -6.85 9.91
CA VAL A 21 -10.10 -7.45 10.91
C VAL A 21 -9.93 -8.95 10.66
N GLY A 22 -8.69 -9.37 10.44
CA GLY A 22 -8.41 -10.78 10.19
C GLY A 22 -8.35 -11.10 8.71
N GLU A 23 -8.89 -10.20 7.89
CA GLU A 23 -8.90 -10.41 6.44
C GLU A 23 -7.51 -10.18 5.86
N ASP A 24 -7.42 -10.25 4.53
CA ASP A 24 -6.14 -10.05 3.85
C ASP A 24 -6.29 -9.07 2.69
N ILE A 25 -5.51 -7.99 2.74
CA ILE A 25 -5.56 -6.98 1.70
C ILE A 25 -4.20 -6.80 1.04
N THR A 26 -4.20 -6.35 -0.22
CA THR A 26 -2.97 -6.15 -0.96
C THR A 26 -2.99 -4.81 -1.71
N PHE A 27 -1.94 -4.02 -1.53
CA PHE A 27 -1.84 -2.73 -2.18
C PHE A 27 -0.98 -2.81 -3.44
N ILE A 28 -1.24 -1.94 -4.40
CA ILE A 28 -0.49 -1.92 -5.65
C ILE A 28 0.29 -0.62 -5.80
N ALA A 29 1.55 -0.73 -6.22
CA ALA A 29 2.40 0.44 -6.41
C ALA A 29 3.55 0.14 -7.36
N LYS A 30 3.54 0.78 -8.52
CA LYS A 30 4.59 0.56 -9.51
C LYS A 30 5.41 1.84 -9.70
N VAL A 31 6.53 1.71 -10.42
CA VAL A 31 7.40 2.84 -10.67
C VAL A 31 7.98 2.79 -12.08
N LYS A 32 8.07 3.95 -12.72
CA LYS A 32 8.62 4.03 -14.08
C LYS A 32 10.14 3.90 -14.06
N ALA A 33 10.65 2.87 -14.73
CA ALA A 33 12.09 2.65 -14.79
C ALA A 33 12.58 2.73 -16.23
N GLU A 34 13.89 2.97 -16.38
CA GLU A 34 14.49 3.07 -17.71
C GLU A 34 15.63 2.06 -17.87
N ASP A 35 16.51 2.01 -16.88
CA ASP A 35 17.64 1.10 -16.90
C ASP A 35 17.28 -0.25 -16.28
N LEU A 36 18.04 -1.28 -16.60
CA LEU A 36 17.80 -2.61 -16.07
C LEU A 36 18.81 -2.97 -14.99
N LEU A 37 20.08 -2.67 -15.26
CA LEU A 37 21.15 -2.96 -14.31
C LEU A 37 20.80 -2.42 -12.91
N ARG A 38 20.22 -1.23 -12.88
CA ARG A 38 19.83 -0.61 -11.61
C ARG A 38 18.43 -1.05 -11.19
N LYS A 39 18.18 -1.07 -9.89
CA LYS A 39 16.88 -1.46 -9.36
C LYS A 39 16.52 -0.65 -8.13
N PRO A 40 15.38 0.05 -8.20
CA PRO A 40 14.90 0.89 -7.08
C PRO A 40 14.44 0.05 -5.90
N THR A 41 14.11 0.73 -4.79
CA THR A 41 13.66 0.06 -3.59
C THR A 41 12.46 0.77 -2.98
N ILE A 42 11.49 -0.01 -2.49
CA ILE A 42 10.30 0.55 -1.88
C ILE A 42 10.22 0.19 -0.40
N LYS A 43 10.03 1.20 0.45
CA LYS A 43 9.94 1.00 1.88
C LYS A 43 8.60 1.51 2.42
N TRP A 44 7.79 0.59 2.95
CA TRP A 44 6.49 0.95 3.50
C TRP A 44 6.61 1.39 4.95
N PHE A 45 5.99 2.51 5.27
CA PHE A 45 6.02 3.04 6.64
C PHE A 45 4.62 3.30 7.16
N LYS A 46 4.45 3.17 8.47
CA LYS A 46 3.15 3.39 9.10
C LYS A 46 3.26 4.41 10.22
N GLY A 47 2.24 5.25 10.35
CA GLY A 47 2.23 6.27 11.39
C GLY A 47 3.35 7.28 11.21
N LYS A 48 4.09 7.54 12.28
CA LYS A 48 5.19 8.51 12.23
C LYS A 48 6.53 7.78 12.20
N TRP A 49 6.74 6.89 13.15
CA TRP A 49 7.98 6.14 13.24
C TRP A 49 7.76 4.67 12.87
N MET A 50 6.62 4.12 13.28
CA MET A 50 6.28 2.74 12.98
C MET A 50 6.64 2.38 11.55
N ASP A 51 7.58 1.45 11.39
CA ASP A 51 8.00 1.01 10.07
C ASP A 51 7.50 -0.40 9.77
N LEU A 52 6.66 -0.51 8.76
CA LEU A 52 6.11 -1.80 8.36
C LEU A 52 7.21 -2.76 7.92
N ALA A 53 8.15 -2.25 7.14
CA ALA A 53 9.27 -3.06 6.65
C ALA A 53 9.81 -3.97 7.76
N SER A 54 9.79 -3.46 8.99
CA SER A 54 10.28 -4.22 10.12
C SER A 54 9.19 -5.14 10.69
N LYS A 55 7.94 -4.74 10.50
CA LYS A 55 6.80 -5.51 10.98
C LYS A 55 6.56 -6.74 10.09
N ALA A 56 6.91 -6.61 8.81
CA ALA A 56 6.74 -7.71 7.87
C ALA A 56 7.45 -8.96 8.36
N GLY A 57 6.67 -9.97 8.73
CA GLY A 57 7.23 -11.22 9.21
C GLY A 57 6.30 -12.40 8.99
N LYS A 58 5.14 -12.35 9.62
CA LYS A 58 4.16 -13.43 9.50
C LYS A 58 2.77 -12.87 9.17
N HIS A 59 2.33 -11.89 9.96
CA HIS A 59 1.04 -11.26 9.75
C HIS A 59 1.05 -10.35 8.52
N LEU A 60 2.24 -9.88 8.17
CA LEU A 60 2.40 -9.00 7.02
C LEU A 60 3.46 -9.52 6.07
N GLN A 61 3.26 -9.29 4.77
CA GLN A 61 4.20 -9.73 3.76
C GLN A 61 4.21 -8.79 2.56
N LEU A 62 5.40 -8.30 2.21
CA LEU A 62 5.55 -7.39 1.08
C LEU A 62 5.89 -8.14 -0.19
N LYS A 63 5.76 -7.47 -1.33
CA LYS A 63 6.07 -8.07 -2.62
C LYS A 63 6.76 -7.08 -3.54
N GLU A 64 7.66 -7.57 -4.38
CA GLU A 64 8.39 -6.72 -5.31
C GLU A 64 8.81 -7.51 -6.55
N THR A 65 8.45 -6.98 -7.72
CA THR A 65 8.79 -7.64 -8.98
C THR A 65 9.18 -6.62 -10.04
N PHE A 66 9.82 -7.08 -11.11
CA PHE A 66 10.25 -6.22 -12.19
C PHE A 66 9.76 -6.73 -13.54
N GLU A 67 9.39 -5.81 -14.42
CA GLU A 67 8.89 -6.18 -15.75
C GLU A 67 9.75 -5.54 -16.84
N ARG A 68 10.75 -6.28 -17.30
CA ARG A 68 11.65 -5.79 -18.35
C ARG A 68 10.87 -5.47 -19.62
N HIS A 69 9.74 -6.16 -19.80
CA HIS A 69 8.91 -5.95 -20.98
C HIS A 69 8.54 -4.47 -21.13
N SER A 70 8.33 -3.81 -20.01
CA SER A 70 7.96 -2.39 -20.01
C SER A 70 8.94 -1.57 -19.19
N ARG A 71 9.92 -2.25 -18.59
CA ARG A 71 10.93 -1.60 -17.78
C ARG A 71 10.29 -0.91 -16.57
N VAL A 72 9.24 -1.53 -16.03
CA VAL A 72 8.54 -1.00 -14.87
C VAL A 72 8.46 -2.02 -13.75
N TYR A 73 8.63 -1.55 -12.52
CA TYR A 73 8.59 -2.43 -11.35
C TYR A 73 7.20 -2.42 -10.72
N THR A 74 6.81 -3.53 -10.12
CA THR A 74 5.51 -3.66 -9.48
C THR A 74 5.65 -4.07 -8.02
N PHE A 75 5.48 -3.12 -7.11
CA PHE A 75 5.59 -3.39 -5.69
C PHE A 75 4.21 -3.54 -5.06
N GLU A 76 4.06 -4.57 -4.21
CA GLU A 76 2.79 -4.83 -3.54
C GLU A 76 3.00 -5.06 -2.05
N MET A 77 1.92 -4.99 -1.29
CA MET A 77 1.98 -5.19 0.15
C MET A 77 0.86 -6.10 0.63
N GLN A 78 1.18 -7.38 0.82
CA GLN A 78 0.19 -8.35 1.28
C GLN A 78 0.06 -8.34 2.79
N ILE A 79 -1.05 -7.82 3.29
CA ILE A 79 -1.29 -7.74 4.72
C ILE A 79 -2.22 -8.86 5.18
N ILE A 80 -1.69 -9.76 6.00
CA ILE A 80 -2.48 -10.88 6.51
C ILE A 80 -2.97 -10.60 7.92
N LYS A 81 -4.22 -10.96 8.18
CA LYS A 81 -4.82 -10.75 9.50
C LYS A 81 -4.71 -9.29 9.92
N ALA A 82 -5.11 -8.38 9.03
CA ALA A 82 -5.06 -6.96 9.31
C ALA A 82 -5.74 -6.63 10.63
N LYS A 83 -4.95 -6.19 11.61
CA LYS A 83 -5.49 -5.84 12.93
C LYS A 83 -5.90 -4.37 12.97
N ASP A 84 -6.62 -4.00 14.02
CA ASP A 84 -7.07 -2.63 14.19
C ASP A 84 -5.89 -1.67 14.22
N ASN A 85 -4.70 -2.20 14.43
CA ASN A 85 -3.49 -1.40 14.50
C ASN A 85 -2.99 -1.07 13.09
N PHE A 86 -3.51 -1.80 12.10
CA PHE A 86 -3.11 -1.59 10.72
C PHE A 86 -3.86 -0.40 10.10
N ALA A 87 -4.88 0.07 10.82
CA ALA A 87 -5.68 1.19 10.35
C ALA A 87 -5.04 2.52 10.75
N GLY A 88 -4.88 3.41 9.78
CA GLY A 88 -4.28 4.70 10.05
C GLY A 88 -3.72 5.36 8.80
N ASN A 89 -2.56 5.99 8.93
CA ASN A 89 -1.92 6.66 7.81
C ASN A 89 -0.63 5.94 7.41
N TYR A 90 -0.52 5.64 6.12
CA TYR A 90 0.66 4.94 5.59
C TYR A 90 1.56 5.90 4.81
N ARG A 91 2.80 5.49 4.59
CA ARG A 91 3.76 6.31 3.86
C ARG A 91 4.74 5.44 3.09
N CYS A 92 4.87 5.70 1.80
CA CYS A 92 5.79 4.94 0.95
C CYS A 92 6.90 5.83 0.42
N GLU A 93 8.06 5.23 0.18
CA GLU A 93 9.21 5.97 -0.33
C GLU A 93 10.04 5.11 -1.30
N VAL A 94 10.18 5.58 -2.53
CA VAL A 94 10.94 4.85 -3.54
C VAL A 94 12.05 5.72 -4.12
N THR A 95 13.28 5.40 -3.76
CA THR A 95 14.44 6.15 -4.24
C THR A 95 15.13 5.42 -5.40
N TYR A 96 15.00 5.97 -6.60
CA TYR A 96 15.60 5.36 -7.78
C TYR A 96 16.84 6.14 -8.21
N LYS A 97 17.77 5.45 -8.85
CA LYS A 97 19.01 6.07 -9.32
C LYS A 97 18.72 7.40 -9.99
N ASP A 98 17.75 7.41 -10.90
CA ASP A 98 17.38 8.63 -11.61
C ASP A 98 16.84 9.69 -10.65
N LYS A 99 15.64 9.43 -10.13
CA LYS A 99 15.01 10.36 -9.20
C LYS A 99 14.35 9.60 -8.05
N PHE A 100 13.96 10.33 -7.01
CA PHE A 100 13.31 9.73 -5.85
C PHE A 100 11.91 10.31 -5.65
N ASP A 101 10.91 9.43 -5.65
CA ASP A 101 9.53 9.86 -5.46
C ASP A 101 8.87 9.10 -4.31
N SER A 102 7.97 9.78 -3.61
CA SER A 102 7.28 9.17 -2.47
C SER A 102 5.80 9.54 -2.48
N CYS A 103 5.01 8.82 -1.70
CA CYS A 103 3.58 9.06 -1.62
C CYS A 103 3.00 8.50 -0.32
N SER A 104 1.79 8.94 0.02
CA SER A 104 1.13 8.49 1.24
C SER A 104 -0.34 8.19 0.99
N PHE A 105 -0.88 7.21 1.70
CA PHE A 105 -2.28 6.84 1.54
C PHE A 105 -2.94 6.63 2.91
N ASP A 106 -4.19 6.19 2.89
CA ASP A 106 -4.93 5.96 4.13
C ASP A 106 -5.53 4.56 4.15
N LEU A 107 -5.36 3.87 5.28
CA LEU A 107 -5.89 2.51 5.42
C LEU A 107 -6.85 2.42 6.60
N GLU A 108 -8.01 1.81 6.37
CA GLU A 108 -9.01 1.65 7.41
C GLU A 108 -9.21 0.18 7.77
N VAL A 109 -9.65 -0.07 8.99
CA VAL A 109 -9.89 -1.43 9.45
C VAL A 109 -11.23 -1.55 10.16
N HIS A 110 -12.12 -2.38 9.62
CA HIS A 110 -13.44 -2.57 10.20
C HIS A 110 -13.51 -3.90 10.96
N GLU A 111 -14.23 -3.90 12.07
CA GLU A 111 -14.37 -5.10 12.88
C GLU A 111 -15.03 -6.23 12.09
N SER A 112 -14.40 -7.40 12.12
CA SER A 112 -14.93 -8.56 11.40
C SER A 112 -16.06 -9.21 12.18
N THR A 113 -17.28 -8.76 11.95
CA THR A 113 -18.45 -9.30 12.64
C THR A 113 -19.49 -9.78 11.64
N GLY A 114 -20.25 -10.81 12.03
CA GLY A 114 -21.27 -11.35 11.16
C GLY A 114 -22.64 -11.36 11.80
N THR A 115 -23.65 -10.90 11.07
CA THR A 115 -25.01 -10.85 11.58
C THR A 115 -25.73 -12.18 11.36
N THR A 116 -26.33 -12.70 12.43
CA THR A 116 -27.05 -13.96 12.36
C THR A 116 -28.48 -13.82 12.88
N PRO A 117 -29.41 -14.54 12.25
CA PRO A 117 -30.83 -14.51 12.63
C PRO A 117 -31.07 -15.18 13.97
N ASN A 118 -31.14 -14.37 15.03
CA ASN A 118 -31.37 -14.89 16.38
C ASN A 118 -32.85 -15.20 16.59
N ILE A 119 -33.17 -15.77 17.74
CA ILE A 119 -34.55 -16.10 18.08
C ILE A 119 -35.50 -14.99 17.66
N ASP A 120 -36.41 -15.31 16.74
CA ASP A 120 -37.38 -14.32 16.26
C ASP A 120 -38.40 -14.00 17.33
N SER A 121 -38.71 -12.71 17.49
CA SER A 121 -39.67 -12.27 18.49
C SER A 121 -40.97 -13.06 18.38
N GLY A 122 -41.38 -13.68 19.49
CA GLY A 122 -42.60 -14.46 19.50
C GLY A 122 -43.72 -13.78 20.27
N PRO A 123 -44.46 -12.89 19.59
CA PRO A 123 -45.57 -12.16 20.20
C PRO A 123 -46.76 -13.05 20.51
N SER A 124 -46.63 -14.33 20.16
CA SER A 124 -47.70 -15.30 20.41
C SER A 124 -48.37 -15.04 21.75
N SER A 125 -47.58 -15.12 22.82
CA SER A 125 -48.10 -14.89 24.17
C SER A 125 -49.36 -15.71 24.41
N GLY A 126 -49.45 -16.86 23.76
CA GLY A 126 -50.60 -17.73 23.91
C GLY A 126 -50.23 -19.16 24.20
N GLY A 1 -1.82 32.33 -14.87
CA GLY A 1 -1.89 31.04 -14.20
C GLY A 1 -0.52 30.44 -13.97
N SER A 2 -0.33 29.86 -12.79
CA SER A 2 0.95 29.25 -12.44
C SER A 2 1.22 28.00 -13.28
N SER A 3 2.49 27.63 -13.38
CA SER A 3 2.89 26.46 -14.16
C SER A 3 2.82 25.19 -13.32
N GLY A 4 2.46 24.08 -13.95
CA GLY A 4 2.37 22.82 -13.24
C GLY A 4 2.88 21.65 -14.08
N SER A 5 4.20 21.50 -14.12
CA SER A 5 4.81 20.42 -14.88
C SER A 5 6.08 19.91 -14.19
N SER A 6 6.27 18.60 -14.22
CA SER A 6 7.44 17.98 -13.59
C SER A 6 7.50 16.49 -13.92
N GLY A 7 8.72 15.96 -13.97
CA GLY A 7 8.90 14.55 -14.27
C GLY A 7 8.08 13.66 -13.36
N ILE A 8 7.73 12.48 -13.86
CA ILE A 8 6.94 11.53 -13.08
C ILE A 8 7.69 10.22 -12.88
N LEU A 9 7.93 9.86 -11.62
CA LEU A 9 8.64 8.63 -11.30
C LEU A 9 7.67 7.54 -10.84
N PHE A 10 6.68 7.94 -10.04
CA PHE A 10 5.69 7.00 -9.54
C PHE A 10 4.48 6.94 -10.48
N ILE A 11 4.63 6.22 -11.58
CA ILE A 11 3.55 6.08 -12.55
C ILE A 11 2.23 5.76 -11.86
N GLU A 12 2.27 4.88 -10.88
CA GLU A 12 1.08 4.50 -10.14
C GLU A 12 1.17 4.93 -8.68
N LYS A 13 0.03 5.05 -8.02
CA LYS A 13 -0.02 5.45 -6.63
C LYS A 13 -1.07 4.65 -5.86
N PRO A 14 -0.67 4.11 -4.70
CA PRO A 14 -1.56 3.31 -3.85
C PRO A 14 -2.65 4.17 -3.19
N GLN A 15 -3.89 3.92 -3.58
CA GLN A 15 -5.02 4.66 -3.02
C GLN A 15 -5.53 4.00 -1.76
N GLY A 16 -4.64 3.31 -1.04
CA GLY A 16 -5.02 2.65 0.19
C GLY A 16 -6.41 2.03 0.11
N GLY A 17 -7.02 1.84 1.27
CA GLY A 17 -8.35 1.26 1.31
C GLY A 17 -8.79 0.90 2.72
N THR A 18 -9.72 -0.04 2.83
CA THR A 18 -10.23 -0.45 4.13
C THR A 18 -10.41 -1.97 4.19
N VAL A 19 -9.65 -2.62 5.05
CA VAL A 19 -9.72 -4.06 5.21
C VAL A 19 -10.33 -4.44 6.56
N LYS A 20 -11.15 -5.49 6.55
CA LYS A 20 -11.80 -5.96 7.77
C LYS A 20 -10.81 -6.66 8.68
N VAL A 21 -11.07 -6.64 9.98
CA VAL A 21 -10.20 -7.28 10.96
C VAL A 21 -10.10 -8.78 10.69
N GLY A 22 -8.88 -9.25 10.43
CA GLY A 22 -8.66 -10.66 10.17
C GLY A 22 -8.60 -10.97 8.69
N GLU A 23 -9.09 -10.04 7.87
CA GLU A 23 -9.10 -10.22 6.44
C GLU A 23 -7.71 -9.98 5.84
N ASP A 24 -7.59 -10.12 4.53
CA ASP A 24 -6.32 -9.92 3.85
C ASP A 24 -6.46 -8.89 2.73
N ILE A 25 -5.62 -7.88 2.75
CA ILE A 25 -5.65 -6.83 1.73
C ILE A 25 -4.31 -6.70 1.02
N THR A 26 -4.33 -6.18 -0.21
CA THR A 26 -3.11 -6.01 -0.99
C THR A 26 -3.12 -4.68 -1.73
N PHE A 27 -1.99 -3.99 -1.72
CA PHE A 27 -1.86 -2.71 -2.38
C PHE A 27 -0.99 -2.82 -3.63
N ILE A 28 -1.31 -2.03 -4.64
CA ILE A 28 -0.56 -2.04 -5.90
C ILE A 28 0.24 -0.75 -6.07
N ALA A 29 1.52 -0.89 -6.39
CA ALA A 29 2.39 0.25 -6.59
C ALA A 29 3.48 -0.05 -7.61
N LYS A 30 3.42 0.62 -8.75
CA LYS A 30 4.41 0.41 -9.81
C LYS A 30 5.29 1.64 -9.98
N VAL A 31 6.45 1.46 -10.60
CA VAL A 31 7.39 2.56 -10.81
C VAL A 31 7.97 2.51 -12.22
N LYS A 32 8.01 3.67 -12.88
CA LYS A 32 8.54 3.76 -14.23
C LYS A 32 10.06 3.72 -14.23
N ALA A 33 10.62 2.67 -14.80
CA ALA A 33 12.07 2.51 -14.86
C ALA A 33 12.55 2.38 -16.32
N GLU A 34 13.72 2.94 -16.60
CA GLU A 34 14.29 2.88 -17.94
C GLU A 34 15.50 1.96 -17.98
N ASP A 35 16.44 2.17 -17.06
CA ASP A 35 17.64 1.35 -16.99
C ASP A 35 17.38 0.07 -16.21
N LEU A 36 18.26 -0.91 -16.39
CA LEU A 36 18.13 -2.20 -15.70
C LEU A 36 19.13 -2.30 -14.55
N LEU A 37 20.34 -1.82 -14.79
CA LEU A 37 21.39 -1.85 -13.77
C LEU A 37 20.87 -1.33 -12.44
N ARG A 38 20.15 -0.21 -12.49
CA ARG A 38 19.60 0.40 -11.28
C ARG A 38 18.26 -0.24 -10.91
N LYS A 39 18.08 -0.52 -9.63
CA LYS A 39 16.85 -1.13 -9.14
C LYS A 39 16.17 -0.24 -8.12
N PRO A 40 14.94 0.19 -8.44
CA PRO A 40 14.15 1.07 -7.55
C PRO A 40 13.68 0.33 -6.30
N THR A 41 14.31 0.63 -5.18
CA THR A 41 13.95 0.00 -3.90
C THR A 41 12.80 0.74 -3.24
N ILE A 42 11.77 -0.01 -2.85
CA ILE A 42 10.61 0.57 -2.19
C ILE A 42 10.57 0.21 -0.71
N LYS A 43 10.07 1.13 0.10
CA LYS A 43 9.98 0.90 1.54
C LYS A 43 8.65 1.42 2.08
N TRP A 44 7.84 0.51 2.61
CA TRP A 44 6.54 0.88 3.17
C TRP A 44 6.68 1.35 4.61
N PHE A 45 6.00 2.46 4.92
CA PHE A 45 6.05 3.02 6.27
C PHE A 45 4.65 3.24 6.83
N LYS A 46 4.57 3.47 8.13
CA LYS A 46 3.27 3.69 8.79
C LYS A 46 3.43 4.62 9.98
N GLY A 47 2.36 5.32 10.33
CA GLY A 47 2.39 6.24 11.45
C GLY A 47 3.33 7.40 11.22
N LYS A 48 4.18 7.69 12.20
CA LYS A 48 5.13 8.78 12.10
C LYS A 48 6.54 8.25 11.83
N TRP A 49 6.98 7.31 12.66
CA TRP A 49 8.31 6.72 12.51
C TRP A 49 8.24 5.21 12.61
N MET A 50 7.19 4.63 12.05
CA MET A 50 7.02 3.18 12.07
C MET A 50 7.48 2.56 10.76
N ASP A 51 8.23 1.46 10.86
CA ASP A 51 8.73 0.78 9.67
C ASP A 51 8.04 -0.58 9.51
N LEU A 52 7.31 -0.74 8.42
CA LEU A 52 6.60 -1.99 8.15
C LEU A 52 7.57 -3.07 7.71
N ALA A 53 8.55 -2.70 6.90
CA ALA A 53 9.55 -3.65 6.41
C ALA A 53 9.98 -4.59 7.52
N SER A 54 10.20 -4.05 8.71
CA SER A 54 10.63 -4.86 9.86
C SER A 54 9.46 -5.67 10.42
N LYS A 55 8.27 -5.07 10.40
CA LYS A 55 7.08 -5.74 10.90
C LYS A 55 6.72 -6.95 10.03
N ALA A 56 7.00 -6.85 8.74
CA ALA A 56 6.73 -7.93 7.81
C ALA A 56 7.37 -9.24 8.28
N GLY A 57 6.54 -10.16 8.74
CA GLY A 57 7.04 -11.44 9.22
C GLY A 57 6.08 -12.58 8.94
N LYS A 58 4.94 -12.55 9.62
CA LYS A 58 3.92 -13.59 9.45
C LYS A 58 2.57 -12.98 9.10
N HIS A 59 2.09 -12.09 9.95
CA HIS A 59 0.81 -11.43 9.74
C HIS A 59 0.86 -10.53 8.50
N LEU A 60 2.04 -9.97 8.23
CA LEU A 60 2.22 -9.10 7.08
C LEU A 60 3.27 -9.65 6.14
N GLN A 61 3.08 -9.41 4.84
CA GLN A 61 4.02 -9.89 3.83
C GLN A 61 4.04 -8.96 2.62
N LEU A 62 5.23 -8.51 2.25
CA LEU A 62 5.40 -7.61 1.12
C LEU A 62 5.70 -8.39 -0.16
N LYS A 63 5.52 -7.73 -1.30
CA LYS A 63 5.77 -8.37 -2.59
C LYS A 63 6.52 -7.42 -3.52
N GLU A 64 7.38 -7.99 -4.36
CA GLU A 64 8.16 -7.20 -5.31
C GLU A 64 8.49 -8.00 -6.56
N THR A 65 8.24 -7.40 -7.72
CA THR A 65 8.51 -8.06 -8.99
C THR A 65 8.95 -7.06 -10.05
N PHE A 66 9.78 -7.52 -10.98
CA PHE A 66 10.27 -6.66 -12.06
C PHE A 66 9.88 -7.21 -13.43
N GLU A 67 9.58 -6.31 -14.35
CA GLU A 67 9.18 -6.71 -15.70
C GLU A 67 10.00 -5.96 -16.75
N ARG A 68 11.14 -6.54 -17.12
CA ARG A 68 12.01 -5.93 -18.12
C ARG A 68 11.23 -5.54 -19.36
N HIS A 69 10.25 -6.36 -19.73
CA HIS A 69 9.43 -6.11 -20.91
C HIS A 69 9.20 -4.62 -21.09
N SER A 70 8.53 -3.99 -20.12
CA SER A 70 8.25 -2.56 -20.19
C SER A 70 9.20 -1.78 -19.29
N ARG A 71 10.08 -2.50 -18.59
CA ARG A 71 11.04 -1.87 -17.70
C ARG A 71 10.33 -1.17 -16.54
N VAL A 72 9.26 -1.78 -16.06
CA VAL A 72 8.49 -1.22 -14.96
C VAL A 72 8.44 -2.18 -13.78
N TYR A 73 8.74 -1.66 -12.58
CA TYR A 73 8.73 -2.48 -11.37
C TYR A 73 7.35 -2.47 -10.72
N THR A 74 6.94 -3.63 -10.21
CA THR A 74 5.64 -3.76 -9.56
C THR A 74 5.79 -4.25 -8.12
N PHE A 75 5.52 -3.36 -7.17
CA PHE A 75 5.61 -3.70 -5.76
C PHE A 75 4.24 -3.74 -5.10
N GLU A 76 4.02 -4.76 -4.29
CA GLU A 76 2.73 -4.92 -3.60
C GLU A 76 2.94 -5.17 -2.11
N MET A 77 1.86 -5.08 -1.34
CA MET A 77 1.92 -5.29 0.09
C MET A 77 0.78 -6.18 0.56
N GLN A 78 1.09 -7.45 0.81
CA GLN A 78 0.07 -8.41 1.26
C GLN A 78 -0.04 -8.39 2.78
N ILE A 79 -1.17 -7.89 3.27
CA ILE A 79 -1.41 -7.81 4.71
C ILE A 79 -2.35 -8.92 5.17
N ILE A 80 -1.83 -9.83 5.98
CA ILE A 80 -2.63 -10.93 6.49
C ILE A 80 -3.10 -10.67 7.92
N LYS A 81 -4.37 -10.95 8.18
CA LYS A 81 -4.95 -10.74 9.51
C LYS A 81 -4.82 -9.28 9.93
N ALA A 82 -5.19 -8.37 9.03
CA ALA A 82 -5.11 -6.94 9.32
C ALA A 82 -5.82 -6.61 10.64
N LYS A 83 -5.03 -6.21 11.63
CA LYS A 83 -5.57 -5.85 12.93
C LYS A 83 -5.98 -4.39 12.98
N ASP A 84 -6.83 -4.04 13.94
CA ASP A 84 -7.30 -2.67 14.10
C ASP A 84 -6.12 -1.71 14.23
N ASN A 85 -4.96 -2.24 14.60
CA ASN A 85 -3.76 -1.43 14.77
C ASN A 85 -3.18 -1.04 13.41
N PHE A 86 -3.51 -1.82 12.39
CA PHE A 86 -3.02 -1.57 11.03
C PHE A 86 -3.68 -0.32 10.44
N ALA A 87 -4.80 0.09 11.04
CA ALA A 87 -5.52 1.26 10.57
C ALA A 87 -4.80 2.54 10.96
N GLY A 88 -4.25 3.23 9.97
CA GLY A 88 -3.53 4.47 10.23
C GLY A 88 -2.96 5.08 8.98
N ASN A 89 -1.96 5.95 9.14
CA ASN A 89 -1.33 6.61 8.01
C ASN A 89 -0.22 5.75 7.43
N TYR A 90 -0.20 5.62 6.11
CA TYR A 90 0.80 4.82 5.43
C TYR A 90 1.62 5.67 4.46
N ARG A 91 2.94 5.65 4.63
CA ARG A 91 3.82 6.43 3.77
C ARG A 91 4.72 5.50 2.94
N CYS A 92 4.63 5.62 1.63
CA CYS A 92 5.43 4.80 0.73
C CYS A 92 6.56 5.61 0.11
N GLU A 93 7.78 5.09 0.19
CA GLU A 93 8.95 5.76 -0.35
C GLU A 93 9.81 4.80 -1.15
N VAL A 94 9.96 5.06 -2.45
CA VAL A 94 10.76 4.21 -3.32
C VAL A 94 11.64 5.05 -4.23
N THR A 95 12.95 4.98 -4.01
CA THR A 95 13.90 5.73 -4.82
C THR A 95 14.42 4.90 -5.98
N TYR A 96 14.87 5.56 -7.05
CA TYR A 96 15.39 4.88 -8.22
C TYR A 96 16.87 5.22 -8.44
N LYS A 97 17.12 6.43 -8.89
CA LYS A 97 18.50 6.88 -9.15
C LYS A 97 18.83 8.10 -8.30
N ASP A 98 18.34 9.26 -8.72
CA ASP A 98 18.58 10.50 -8.00
C ASP A 98 17.26 11.16 -7.57
N LYS A 99 16.32 11.23 -8.51
CA LYS A 99 15.02 11.83 -8.24
C LYS A 99 13.93 10.77 -8.15
N PHE A 100 13.26 10.69 -7.01
CA PHE A 100 12.20 9.72 -6.80
C PHE A 100 10.88 10.41 -6.47
N ASP A 101 9.81 9.63 -6.45
CA ASP A 101 8.49 10.17 -6.14
C ASP A 101 7.75 9.27 -5.15
N SER A 102 7.49 9.79 -3.96
CA SER A 102 6.80 9.03 -2.92
C SER A 102 5.36 9.50 -2.78
N CYS A 103 4.57 8.75 -2.01
CA CYS A 103 3.17 9.10 -1.79
C CYS A 103 2.72 8.66 -0.40
N SER A 104 1.47 8.99 -0.06
CA SER A 104 0.92 8.64 1.24
C SER A 104 -0.54 8.22 1.12
N PHE A 105 -0.91 7.16 1.83
CA PHE A 105 -2.28 6.66 1.80
C PHE A 105 -2.75 6.28 3.21
N ASP A 106 -4.06 6.32 3.41
CA ASP A 106 -4.65 5.99 4.71
C ASP A 106 -5.32 4.63 4.66
N LEU A 107 -5.03 3.78 5.64
CA LEU A 107 -5.62 2.45 5.71
C LEU A 107 -6.63 2.36 6.85
N GLU A 108 -7.85 1.94 6.52
CA GLU A 108 -8.90 1.80 7.53
C GLU A 108 -9.14 0.33 7.86
N VAL A 109 -9.61 0.09 9.08
CA VAL A 109 -9.89 -1.27 9.54
C VAL A 109 -11.23 -1.36 10.24
N HIS A 110 -12.12 -2.19 9.70
CA HIS A 110 -13.45 -2.36 10.28
C HIS A 110 -13.54 -3.67 11.05
N GLU A 111 -14.33 -3.67 12.12
CA GLU A 111 -14.49 -4.86 12.95
C GLU A 111 -15.24 -5.95 12.20
N SER A 112 -14.64 -7.12 12.13
CA SER A 112 -15.25 -8.26 11.43
C SER A 112 -16.44 -8.80 12.20
N THR A 113 -17.51 -9.11 11.48
CA THR A 113 -18.73 -9.64 12.10
C THR A 113 -18.39 -10.74 13.11
N GLY A 114 -19.16 -10.77 14.20
CA GLY A 114 -18.93 -11.77 15.23
C GLY A 114 -18.97 -11.19 16.62
N THR A 115 -20.10 -10.60 16.98
CA THR A 115 -20.26 -9.99 18.30
C THR A 115 -21.64 -10.28 18.87
N THR A 116 -21.72 -10.42 20.19
CA THR A 116 -22.98 -10.70 20.86
C THR A 116 -23.78 -9.41 21.06
N PRO A 117 -25.12 -9.54 21.03
CA PRO A 117 -26.03 -8.41 21.21
C PRO A 117 -26.02 -7.88 22.63
N ASN A 118 -25.73 -6.59 22.78
CA ASN A 118 -25.69 -5.96 24.09
C ASN A 118 -27.00 -5.25 24.40
N ILE A 119 -27.17 -4.84 25.65
CA ILE A 119 -28.38 -4.14 26.07
C ILE A 119 -28.21 -2.62 25.93
N ASP A 120 -29.22 -1.97 25.38
CA ASP A 120 -29.18 -0.53 25.19
C ASP A 120 -30.39 0.13 25.86
N SER A 121 -30.25 1.41 26.19
CA SER A 121 -31.32 2.16 26.83
C SER A 121 -31.71 3.38 26.00
N GLY A 122 -32.98 3.78 26.12
CA GLY A 122 -33.46 4.94 25.37
C GLY A 122 -34.66 5.58 26.02
N PRO A 123 -34.73 6.93 25.93
CA PRO A 123 -35.84 7.69 26.52
C PRO A 123 -37.15 7.47 25.77
N SER A 124 -38.27 7.72 26.45
CA SER A 124 -39.58 7.54 25.86
C SER A 124 -40.43 8.80 26.04
N SER A 125 -41.28 9.08 25.05
CA SER A 125 -42.14 10.25 25.09
C SER A 125 -43.34 10.01 26.00
N GLY A 126 -43.74 11.05 26.73
CA GLY A 126 -44.88 10.93 27.62
C GLY A 126 -46.20 11.18 26.93
N GLY A 1 3.87 27.00 3.37
CA GLY A 1 2.49 26.58 3.41
C GLY A 1 2.30 25.16 2.91
N SER A 2 1.44 25.01 1.90
CA SER A 2 1.17 23.70 1.33
C SER A 2 2.46 23.02 0.86
N SER A 3 2.75 21.85 1.41
CA SER A 3 3.95 21.10 1.05
C SER A 3 3.59 19.79 0.37
N GLY A 4 4.57 19.20 -0.32
CA GLY A 4 4.33 17.95 -1.01
C GLY A 4 5.30 17.73 -2.16
N SER A 5 5.07 16.68 -2.94
CA SER A 5 5.92 16.36 -4.07
C SER A 5 5.10 16.27 -5.36
N SER A 6 5.79 16.29 -6.49
CA SER A 6 5.13 16.22 -7.79
C SER A 6 4.54 14.84 -8.01
N GLY A 7 5.38 13.80 -7.97
CA GLY A 7 4.91 12.45 -8.17
C GLY A 7 4.66 12.13 -9.63
N ILE A 8 5.72 11.75 -10.33
CA ILE A 8 5.61 11.41 -11.76
C ILE A 8 6.20 10.04 -12.04
N LEU A 9 7.45 9.83 -11.61
CA LEU A 9 8.12 8.55 -11.82
C LEU A 9 7.26 7.39 -11.35
N PHE A 10 6.54 7.61 -10.26
CA PHE A 10 5.67 6.57 -9.70
C PHE A 10 4.45 6.34 -10.59
N ILE A 11 4.60 5.47 -11.57
CA ILE A 11 3.52 5.16 -12.50
C ILE A 11 2.18 5.05 -11.76
N GLU A 12 2.01 3.97 -11.00
CA GLU A 12 0.79 3.76 -10.25
C GLU A 12 0.98 4.10 -8.77
N LYS A 13 -0.08 4.58 -8.14
CA LYS A 13 -0.03 4.95 -6.74
C LYS A 13 -1.11 4.22 -5.94
N PRO A 14 -0.70 3.57 -4.84
CA PRO A 14 -1.62 2.82 -3.97
C PRO A 14 -2.56 3.75 -3.20
N GLN A 15 -3.83 3.77 -3.60
CA GLN A 15 -4.82 4.61 -2.94
C GLN A 15 -5.39 3.92 -1.70
N GLY A 16 -4.52 3.22 -0.97
CA GLY A 16 -4.95 2.52 0.23
C GLY A 16 -6.33 1.91 0.08
N GLY A 17 -7.00 1.70 1.20
CA GLY A 17 -8.33 1.11 1.16
C GLY A 17 -8.86 0.79 2.54
N THR A 18 -9.70 -0.23 2.63
CA THR A 18 -10.28 -0.64 3.91
C THR A 18 -10.39 -2.15 4.01
N VAL A 19 -9.64 -2.75 4.93
CA VAL A 19 -9.66 -4.19 5.13
C VAL A 19 -10.25 -4.55 6.48
N LYS A 20 -11.01 -5.64 6.52
CA LYS A 20 -11.64 -6.10 7.76
C LYS A 20 -10.61 -6.73 8.68
N VAL A 21 -10.87 -6.68 9.98
CA VAL A 21 -9.96 -7.26 10.98
C VAL A 21 -9.81 -8.77 10.77
N GLY A 22 -8.59 -9.19 10.44
CA GLY A 22 -8.33 -10.60 10.23
C GLY A 22 -8.32 -10.97 8.75
N GLU A 23 -8.69 -10.01 7.90
CA GLU A 23 -8.73 -10.24 6.47
C GLU A 23 -7.35 -10.01 5.84
N ASP A 24 -7.29 -10.11 4.52
CA ASP A 24 -6.03 -9.92 3.80
C ASP A 24 -6.20 -8.88 2.69
N ILE A 25 -5.31 -7.89 2.69
CA ILE A 25 -5.36 -6.84 1.68
C ILE A 25 -4.02 -6.68 0.97
N THR A 26 -4.05 -6.11 -0.22
CA THR A 26 -2.83 -5.91 -1.01
C THR A 26 -2.82 -4.53 -1.67
N PHE A 27 -1.67 -3.88 -1.65
CA PHE A 27 -1.53 -2.56 -2.25
C PHE A 27 -0.66 -2.62 -3.50
N ILE A 28 -1.07 -1.87 -4.53
CA ILE A 28 -0.31 -1.83 -5.78
C ILE A 28 0.53 -0.57 -5.88
N ALA A 29 1.73 -0.72 -6.45
CA ALA A 29 2.64 0.41 -6.61
C ALA A 29 3.65 0.14 -7.71
N LYS A 30 3.55 0.91 -8.80
CA LYS A 30 4.47 0.75 -9.93
C LYS A 30 5.37 1.97 -10.06
N VAL A 31 6.55 1.76 -10.64
CA VAL A 31 7.51 2.84 -10.84
C VAL A 31 8.15 2.77 -12.21
N LYS A 32 8.28 3.91 -12.87
CA LYS A 32 8.89 3.97 -14.20
C LYS A 32 10.41 3.86 -14.10
N ALA A 33 10.96 2.83 -14.74
CA ALA A 33 12.40 2.60 -14.73
C ALA A 33 12.97 2.70 -16.14
N GLU A 34 14.19 3.23 -16.25
CA GLU A 34 14.85 3.38 -17.54
C GLU A 34 15.96 2.33 -17.71
N ASP A 35 16.68 2.07 -16.63
CA ASP A 35 17.77 1.10 -16.66
C ASP A 35 17.33 -0.23 -16.05
N LEU A 36 17.95 -1.31 -16.49
CA LEU A 36 17.61 -2.64 -16.00
C LEU A 36 18.75 -3.22 -15.17
N LEU A 37 19.80 -2.42 -14.97
CA LEU A 37 20.95 -2.85 -14.19
C LEU A 37 20.75 -2.54 -12.71
N ARG A 38 19.98 -1.51 -12.43
CA ARG A 38 19.71 -1.11 -11.05
C ARG A 38 18.31 -1.55 -10.62
N LYS A 39 17.97 -1.27 -9.36
CA LYS A 39 16.66 -1.63 -8.82
C LYS A 39 16.21 -0.62 -7.78
N PRO A 40 15.04 -0.01 -8.02
CA PRO A 40 14.47 0.99 -7.11
C PRO A 40 13.98 0.36 -5.81
N THR A 41 14.54 0.82 -4.69
CA THR A 41 14.16 0.30 -3.37
C THR A 41 12.86 0.94 -2.89
N ILE A 42 12.00 0.12 -2.30
CA ILE A 42 10.72 0.60 -1.79
C ILE A 42 10.51 0.19 -0.33
N LYS A 43 10.28 1.17 0.53
CA LYS A 43 10.06 0.91 1.95
C LYS A 43 8.71 1.43 2.40
N TRP A 44 7.92 0.56 3.02
CA TRP A 44 6.59 0.92 3.49
C TRP A 44 6.64 1.35 4.96
N PHE A 45 6.06 2.51 5.25
CA PHE A 45 6.03 3.02 6.61
C PHE A 45 4.60 3.32 7.07
N LYS A 46 4.34 3.12 8.35
CA LYS A 46 3.01 3.37 8.91
C LYS A 46 3.07 4.38 10.03
N GLY A 47 2.00 5.15 10.20
CA GLY A 47 1.96 6.16 11.24
C GLY A 47 3.10 7.15 11.16
N LYS A 48 3.78 7.37 12.28
CA LYS A 48 4.90 8.30 12.32
C LYS A 48 6.23 7.55 12.37
N TRP A 49 6.37 6.67 13.37
CA TRP A 49 7.59 5.90 13.52
C TRP A 49 7.39 4.46 13.05
N MET A 50 6.18 3.93 13.27
CA MET A 50 5.86 2.57 12.86
C MET A 50 6.42 2.28 11.47
N ASP A 51 7.17 1.18 11.36
CA ASP A 51 7.75 0.79 10.08
C ASP A 51 7.29 -0.61 9.68
N LEU A 52 6.45 -0.68 8.65
CA LEU A 52 5.94 -1.96 8.17
C LEU A 52 7.08 -2.87 7.71
N ALA A 53 8.11 -2.27 7.14
CA ALA A 53 9.27 -3.03 6.67
C ALA A 53 9.70 -4.07 7.70
N SER A 54 9.78 -3.65 8.96
CA SER A 54 10.18 -4.54 10.03
C SER A 54 9.02 -5.43 10.48
N LYS A 55 7.81 -4.89 10.38
CA LYS A 55 6.61 -5.62 10.77
C LYS A 55 6.40 -6.83 9.86
N ALA A 56 6.95 -6.76 8.66
CA ALA A 56 6.81 -7.84 7.70
C ALA A 56 7.37 -9.15 8.27
N GLY A 57 6.48 -10.12 8.48
CA GLY A 57 6.90 -11.40 9.02
C GLY A 57 5.84 -12.48 8.86
N LYS A 58 4.84 -12.45 9.74
CA LYS A 58 3.76 -13.43 9.69
C LYS A 58 2.42 -12.75 9.43
N HIS A 59 2.24 -11.56 10.01
CA HIS A 59 1.00 -10.81 9.84
C HIS A 59 1.10 -9.87 8.64
N LEU A 60 2.30 -9.78 8.06
CA LEU A 60 2.53 -8.90 6.92
C LEU A 60 3.56 -9.52 5.97
N GLN A 61 3.39 -9.26 4.68
CA GLN A 61 4.32 -9.79 3.67
C GLN A 61 4.45 -8.82 2.50
N LEU A 62 5.68 -8.43 2.20
CA LEU A 62 5.94 -7.50 1.10
C LEU A 62 6.24 -8.27 -0.19
N LYS A 63 5.91 -7.65 -1.32
CA LYS A 63 6.16 -8.28 -2.63
C LYS A 63 6.90 -7.31 -3.55
N GLU A 64 7.64 -7.87 -4.50
CA GLU A 64 8.40 -7.07 -5.44
C GLU A 64 8.60 -7.82 -6.76
N THR A 65 8.34 -7.14 -7.88
CA THR A 65 8.50 -7.74 -9.19
C THR A 65 8.90 -6.70 -10.23
N PHE A 66 9.59 -7.16 -11.28
CA PHE A 66 10.04 -6.27 -12.34
C PHE A 66 9.52 -6.73 -13.70
N GLU A 67 9.22 -5.77 -14.57
CA GLU A 67 8.72 -6.08 -15.90
C GLU A 67 9.51 -5.34 -16.98
N ARG A 68 10.56 -5.98 -17.48
CA ARG A 68 11.39 -5.38 -18.51
C ARG A 68 10.58 -5.08 -19.77
N HIS A 69 9.58 -5.92 -20.04
CA HIS A 69 8.74 -5.74 -21.21
C HIS A 69 8.33 -4.28 -21.37
N SER A 70 8.03 -3.63 -20.26
CA SER A 70 7.62 -2.23 -20.27
C SER A 70 8.57 -1.38 -19.42
N ARG A 71 9.64 -2.00 -18.93
CA ARG A 71 10.62 -1.30 -18.11
C ARG A 71 9.93 -0.60 -16.93
N VAL A 72 9.11 -1.35 -16.20
CA VAL A 72 8.40 -0.79 -15.06
C VAL A 72 8.36 -1.80 -13.91
N TYR A 73 8.74 -1.34 -12.71
CA TYR A 73 8.75 -2.20 -11.53
C TYR A 73 7.41 -2.15 -10.81
N THR A 74 7.00 -3.29 -10.26
CA THR A 74 5.74 -3.37 -9.53
C THR A 74 5.94 -3.93 -8.14
N PHE A 75 5.80 -3.08 -7.12
CA PHE A 75 5.96 -3.50 -5.74
C PHE A 75 4.62 -3.54 -5.01
N GLU A 76 4.31 -4.67 -4.41
CA GLU A 76 3.06 -4.85 -3.69
C GLU A 76 3.31 -5.05 -2.20
N MET A 77 2.25 -4.97 -1.40
CA MET A 77 2.36 -5.14 0.04
C MET A 77 1.17 -5.92 0.58
N GLN A 78 1.40 -7.19 0.93
CA GLN A 78 0.36 -8.05 1.46
C GLN A 78 0.23 -7.89 2.97
N ILE A 79 -1.00 -7.84 3.46
CA ILE A 79 -1.26 -7.68 4.88
C ILE A 79 -2.17 -8.79 5.40
N ILE A 80 -1.58 -9.77 6.08
CA ILE A 80 -2.34 -10.88 6.63
C ILE A 80 -2.79 -10.59 8.05
N LYS A 81 -4.05 -10.91 8.35
CA LYS A 81 -4.60 -10.68 9.67
C LYS A 81 -4.49 -9.20 10.07
N ALA A 82 -4.89 -8.33 9.16
CA ALA A 82 -4.83 -6.90 9.42
C ALA A 82 -5.52 -6.55 10.73
N LYS A 83 -4.76 -5.98 11.67
CA LYS A 83 -5.29 -5.60 12.97
C LYS A 83 -5.71 -4.13 12.97
N ASP A 84 -6.49 -3.75 13.98
CA ASP A 84 -6.96 -2.38 14.11
C ASP A 84 -5.79 -1.40 14.05
N ASN A 85 -4.63 -1.84 14.51
CA ASN A 85 -3.43 -1.00 14.51
C ASN A 85 -2.96 -0.73 13.09
N PHE A 86 -3.32 -1.62 12.17
CA PHE A 86 -2.92 -1.48 10.77
C PHE A 86 -3.70 -0.34 10.11
N ALA A 87 -4.56 0.32 10.88
CA ALA A 87 -5.36 1.42 10.36
C ALA A 87 -4.69 2.76 10.64
N GLY A 88 -4.97 3.75 9.80
CA GLY A 88 -4.39 5.06 9.97
C GLY A 88 -3.85 5.64 8.68
N ASN A 89 -2.64 6.19 8.73
CA ASN A 89 -2.02 6.77 7.54
C ASN A 89 -0.77 6.01 7.16
N TYR A 90 -0.66 5.65 5.88
CA TYR A 90 0.48 4.91 5.37
C TYR A 90 1.45 5.84 4.63
N ARG A 91 2.62 5.32 4.30
CA ARG A 91 3.63 6.10 3.60
C ARG A 91 4.56 5.19 2.79
N CYS A 92 4.61 5.42 1.49
CA CYS A 92 5.45 4.61 0.61
C CYS A 92 6.65 5.43 0.11
N GLU A 93 7.85 4.89 0.31
CA GLU A 93 9.07 5.56 -0.10
C GLU A 93 9.80 4.76 -1.18
N VAL A 94 9.94 5.35 -2.36
CA VAL A 94 10.61 4.69 -3.47
C VAL A 94 11.79 5.52 -3.98
N THR A 95 13.00 5.05 -3.72
CA THR A 95 14.21 5.74 -4.15
C THR A 95 14.82 5.08 -5.38
N TYR A 96 15.23 5.91 -6.34
CA TYR A 96 15.82 5.40 -7.57
C TYR A 96 17.01 6.27 -7.99
N LYS A 97 17.68 5.86 -9.07
CA LYS A 97 18.83 6.60 -9.58
C LYS A 97 18.41 7.99 -10.05
N ASP A 98 17.69 8.05 -11.16
CA ASP A 98 17.22 9.32 -11.70
C ASP A 98 16.78 10.26 -10.59
N LYS A 99 15.60 9.99 -10.03
CA LYS A 99 15.05 10.81 -8.95
C LYS A 99 14.40 9.93 -7.90
N PHE A 100 14.06 10.55 -6.76
CA PHE A 100 13.42 9.82 -5.66
C PHE A 100 12.06 10.41 -5.34
N ASP A 101 11.02 9.61 -5.51
CA ASP A 101 9.66 10.06 -5.23
C ASP A 101 9.10 9.36 -3.99
N SER A 102 8.12 10.00 -3.36
CA SER A 102 7.50 9.44 -2.15
C SER A 102 6.04 9.86 -2.06
N CYS A 103 5.16 8.88 -1.87
CA CYS A 103 3.73 9.15 -1.76
C CYS A 103 3.16 8.53 -0.48
N SER A 104 1.90 8.85 -0.20
CA SER A 104 1.24 8.32 0.99
C SER A 104 -0.22 8.00 0.70
N PHE A 105 -0.82 7.18 1.56
CA PHE A 105 -2.22 6.79 1.39
C PHE A 105 -2.90 6.59 2.75
N ASP A 106 -4.15 6.17 2.72
CA ASP A 106 -4.91 5.95 3.94
C ASP A 106 -5.47 4.53 3.98
N LEU A 107 -5.40 3.90 5.15
CA LEU A 107 -5.90 2.54 5.32
C LEU A 107 -6.89 2.47 6.47
N GLU A 108 -8.06 1.88 6.20
CA GLU A 108 -9.09 1.75 7.23
C GLU A 108 -9.27 0.28 7.63
N VAL A 109 -9.61 0.06 8.89
CA VAL A 109 -9.81 -1.30 9.40
C VAL A 109 -11.15 -1.42 10.11
N HIS A 110 -11.99 -2.33 9.61
CA HIS A 110 -13.31 -2.55 10.19
C HIS A 110 -13.33 -3.82 11.03
N GLU A 111 -14.22 -3.86 12.02
CA GLU A 111 -14.33 -5.02 12.90
C GLU A 111 -14.99 -6.19 12.18
N SER A 112 -14.31 -7.33 12.18
CA SER A 112 -14.83 -8.52 11.52
C SER A 112 -16.06 -9.06 12.23
N THR A 113 -17.15 -9.23 11.50
CA THR A 113 -18.39 -9.73 12.06
C THR A 113 -19.33 -10.23 10.98
N GLY A 114 -20.03 -11.33 11.26
CA GLY A 114 -20.95 -11.89 10.30
C GLY A 114 -22.15 -11.00 10.04
N THR A 115 -21.92 -9.89 9.35
CA THR A 115 -22.99 -8.95 9.05
C THR A 115 -22.85 -8.40 7.63
N THR A 116 -23.92 -7.82 7.12
CA THR A 116 -23.92 -7.25 5.77
C THR A 116 -24.52 -5.85 5.77
N PRO A 117 -23.91 -4.96 4.97
CA PRO A 117 -24.37 -3.57 4.85
C PRO A 117 -25.71 -3.46 4.13
N ASN A 118 -26.49 -2.45 4.48
CA ASN A 118 -27.80 -2.22 3.87
C ASN A 118 -27.65 -1.92 2.38
N ILE A 119 -28.63 -2.35 1.59
CA ILE A 119 -28.61 -2.13 0.15
C ILE A 119 -29.69 -1.12 -0.26
N ASP A 120 -29.28 -0.07 -0.96
CA ASP A 120 -30.21 0.95 -1.41
C ASP A 120 -29.73 1.57 -2.74
N SER A 121 -30.68 1.80 -3.64
CA SER A 121 -30.35 2.37 -4.95
C SER A 121 -29.27 3.44 -4.81
N GLY A 122 -28.43 3.54 -5.83
CA GLY A 122 -27.36 4.53 -5.81
C GLY A 122 -26.08 3.99 -5.19
N PRO A 123 -25.43 3.05 -5.90
CA PRO A 123 -24.19 2.43 -5.42
C PRO A 123 -23.02 3.40 -5.43
N SER A 124 -22.82 4.08 -6.57
CA SER A 124 -21.74 5.03 -6.72
C SER A 124 -21.95 5.92 -7.94
N SER A 125 -21.16 6.97 -8.04
CA SER A 125 -21.26 7.91 -9.16
C SER A 125 -19.89 8.47 -9.53
N GLY A 126 -19.65 8.59 -10.83
CA GLY A 126 -18.37 9.12 -11.30
C GLY A 126 -18.32 9.29 -12.79
N GLY A 1 8.12 28.02 -5.10
CA GLY A 1 8.84 26.85 -5.58
C GLY A 1 8.00 25.98 -6.49
N SER A 2 8.55 25.64 -7.65
CA SER A 2 7.85 24.81 -8.62
C SER A 2 8.73 23.67 -9.12
N SER A 3 8.36 22.45 -8.77
CA SER A 3 9.11 21.27 -9.16
C SER A 3 9.46 21.33 -10.64
N GLY A 4 10.73 21.06 -10.97
CA GLY A 4 11.16 21.08 -12.35
C GLY A 4 11.77 19.77 -12.79
N SER A 5 10.93 18.85 -13.27
CA SER A 5 11.39 17.54 -13.71
C SER A 5 10.50 17.01 -14.83
N SER A 6 10.96 15.96 -15.49
CA SER A 6 10.22 15.35 -16.59
C SER A 6 9.81 13.91 -16.24
N GLY A 7 10.73 13.19 -15.62
CA GLY A 7 10.45 11.81 -15.24
C GLY A 7 9.85 11.70 -13.85
N ILE A 8 8.82 10.87 -13.73
CA ILE A 8 8.16 10.68 -12.45
C ILE A 8 8.04 9.20 -12.10
N LEU A 9 8.45 8.84 -10.89
CA LEU A 9 8.39 7.46 -10.43
C LEU A 9 7.03 7.15 -9.80
N PHE A 10 6.87 5.92 -9.34
CA PHE A 10 5.63 5.49 -8.71
C PHE A 10 4.44 5.74 -9.63
N ILE A 11 4.60 5.35 -10.91
CA ILE A 11 3.55 5.53 -11.89
C ILE A 11 2.17 5.28 -11.28
N GLU A 12 2.06 4.18 -10.54
CA GLU A 12 0.79 3.81 -9.90
C GLU A 12 0.77 4.28 -8.45
N LYS A 13 -0.41 4.66 -7.99
CA LYS A 13 -0.59 5.14 -6.61
C LYS A 13 -1.58 4.27 -5.85
N PRO A 14 -1.06 3.46 -4.91
CA PRO A 14 -1.87 2.56 -4.10
C PRO A 14 -2.75 3.33 -3.11
N GLN A 15 -3.93 3.75 -3.57
CA GLN A 15 -4.86 4.48 -2.72
C GLN A 15 -5.43 3.58 -1.62
N GLY A 16 -4.96 3.78 -0.40
CA GLY A 16 -5.43 2.99 0.72
C GLY A 16 -6.92 2.72 0.65
N GLY A 17 -7.36 1.64 1.30
CA GLY A 17 -8.77 1.30 1.30
C GLY A 17 -9.28 0.93 2.67
N THR A 18 -10.15 -0.07 2.74
CA THR A 18 -10.71 -0.52 4.01
C THR A 18 -10.80 -2.04 4.08
N VAL A 19 -10.05 -2.62 5.00
CA VAL A 19 -10.04 -4.07 5.17
C VAL A 19 -10.58 -4.47 6.53
N LYS A 20 -11.32 -5.57 6.58
CA LYS A 20 -11.90 -6.06 7.83
C LYS A 20 -10.83 -6.70 8.70
N VAL A 21 -11.06 -6.70 10.01
CA VAL A 21 -10.11 -7.28 10.96
C VAL A 21 -9.95 -8.78 10.72
N GLY A 22 -8.73 -9.19 10.41
CA GLY A 22 -8.46 -10.60 10.15
C GLY A 22 -8.42 -10.93 8.68
N GLU A 23 -8.90 -10.00 7.85
CA GLU A 23 -8.92 -10.20 6.41
C GLU A 23 -7.54 -9.99 5.81
N ASP A 24 -7.45 -10.09 4.49
CA ASP A 24 -6.18 -9.91 3.79
C ASP A 24 -6.33 -8.92 2.64
N ILE A 25 -5.61 -7.81 2.73
CA ILE A 25 -5.65 -6.78 1.70
C ILE A 25 -4.29 -6.60 1.04
N THR A 26 -4.29 -6.12 -0.19
CA THR A 26 -3.06 -5.90 -0.94
C THR A 26 -3.12 -4.59 -1.73
N PHE A 27 -1.99 -3.90 -1.80
CA PHE A 27 -1.92 -2.63 -2.52
C PHE A 27 -0.98 -2.76 -3.74
N ILE A 28 -1.32 -2.05 -4.81
CA ILE A 28 -0.53 -2.07 -6.02
C ILE A 28 0.25 -0.76 -6.19
N ALA A 29 1.54 -0.88 -6.49
CA ALA A 29 2.39 0.29 -6.70
C ALA A 29 3.55 -0.03 -7.64
N LYS A 30 3.53 0.59 -8.81
CA LYS A 30 4.58 0.38 -9.80
C LYS A 30 5.40 1.65 -10.01
N VAL A 31 6.65 1.48 -10.44
CA VAL A 31 7.54 2.60 -10.67
C VAL A 31 8.07 2.61 -12.10
N LYS A 32 8.18 3.79 -12.69
CA LYS A 32 8.67 3.91 -14.05
C LYS A 32 10.19 3.75 -14.10
N ALA A 33 10.65 2.71 -14.81
CA ALA A 33 12.07 2.44 -14.95
C ALA A 33 12.50 2.48 -16.40
N GLU A 34 13.77 2.82 -16.62
CA GLU A 34 14.31 2.89 -17.97
C GLU A 34 15.49 1.94 -18.14
N ASP A 35 16.41 1.96 -17.20
CA ASP A 35 17.58 1.09 -17.25
C ASP A 35 17.32 -0.21 -16.49
N LEU A 36 18.21 -1.18 -16.67
CA LEU A 36 18.08 -2.47 -16.01
C LEU A 36 19.17 -2.66 -14.97
N LEU A 37 20.32 -2.06 -15.20
CA LEU A 37 21.45 -2.15 -14.27
C LEU A 37 21.06 -1.64 -12.89
N ARG A 38 20.26 -0.58 -12.86
CA ARG A 38 19.81 0.00 -11.60
C ARG A 38 18.49 -0.62 -11.14
N LYS A 39 18.27 -0.63 -9.84
CA LYS A 39 17.04 -1.19 -9.28
C LYS A 39 16.57 -0.37 -8.08
N PRO A 40 15.38 0.25 -8.23
CA PRO A 40 14.79 1.07 -7.17
C PRO A 40 14.32 0.24 -5.98
N THR A 41 14.03 0.92 -4.86
CA THR A 41 13.58 0.24 -3.66
C THR A 41 12.41 0.98 -3.03
N ILE A 42 11.38 0.23 -2.62
CA ILE A 42 10.21 0.82 -1.99
C ILE A 42 10.13 0.43 -0.52
N LYS A 43 9.99 1.44 0.34
CA LYS A 43 9.90 1.21 1.77
C LYS A 43 8.54 1.68 2.31
N TRP A 44 7.80 0.74 2.90
CA TRP A 44 6.49 1.06 3.45
C TRP A 44 6.59 1.48 4.91
N PHE A 45 5.99 2.61 5.24
CA PHE A 45 6.02 3.12 6.61
C PHE A 45 4.61 3.33 7.15
N LYS A 46 4.44 3.13 8.44
CA LYS A 46 3.13 3.28 9.09
C LYS A 46 3.22 4.29 10.24
N GLY A 47 2.09 4.92 10.54
CA GLY A 47 2.05 5.90 11.62
C GLY A 47 2.95 7.10 11.34
N LYS A 48 3.84 7.38 12.28
CA LYS A 48 4.77 8.49 12.14
C LYS A 48 6.17 8.01 11.77
N TRP A 49 6.69 7.08 12.56
CA TRP A 49 8.02 6.53 12.32
C TRP A 49 8.01 5.02 12.44
N MET A 50 6.92 4.39 11.98
CA MET A 50 6.79 2.94 12.04
C MET A 50 7.29 2.30 10.75
N ASP A 51 8.19 1.33 10.88
CA ASP A 51 8.74 0.64 9.73
C ASP A 51 8.10 -0.74 9.56
N LEU A 52 7.28 -0.89 8.53
CA LEU A 52 6.60 -2.16 8.26
C LEU A 52 7.59 -3.19 7.72
N ALA A 53 8.64 -2.71 7.06
CA ALA A 53 9.66 -3.59 6.49
C ALA A 53 10.06 -4.67 7.49
N SER A 54 10.53 -4.24 8.65
CA SER A 54 10.97 -5.16 9.69
C SER A 54 9.78 -5.90 10.30
N LYS A 55 8.60 -5.26 10.25
CA LYS A 55 7.38 -5.86 10.78
C LYS A 55 6.90 -6.99 9.90
N ALA A 56 7.19 -6.90 8.61
CA ALA A 56 6.79 -7.92 7.66
C ALA A 56 7.37 -9.28 8.03
N GLY A 57 6.52 -10.19 8.47
CA GLY A 57 6.97 -11.52 8.86
C GLY A 57 5.94 -12.59 8.58
N LYS A 58 4.88 -12.62 9.39
CA LYS A 58 3.82 -13.60 9.23
C LYS A 58 2.49 -12.91 8.91
N HIS A 59 2.07 -12.01 9.79
CA HIS A 59 0.82 -11.29 9.60
C HIS A 59 0.90 -10.38 8.38
N LEU A 60 2.08 -9.83 8.13
CA LEU A 60 2.29 -8.93 6.99
C LEU A 60 3.34 -9.50 6.05
N GLN A 61 3.16 -9.25 4.76
CA GLN A 61 4.09 -9.73 3.75
C GLN A 61 4.16 -8.78 2.57
N LEU A 62 5.38 -8.34 2.23
CA LEU A 62 5.58 -7.41 1.12
C LEU A 62 5.97 -8.16 -0.14
N LYS A 63 5.68 -7.57 -1.30
CA LYS A 63 6.00 -8.18 -2.58
C LYS A 63 6.73 -7.19 -3.48
N GLU A 64 7.62 -7.71 -4.32
CA GLU A 64 8.38 -6.88 -5.24
C GLU A 64 8.78 -7.66 -6.48
N THR A 65 8.53 -7.07 -7.65
CA THR A 65 8.87 -7.72 -8.92
C THR A 65 9.24 -6.69 -9.97
N PHE A 66 9.83 -7.15 -11.07
CA PHE A 66 10.24 -6.28 -12.15
C PHE A 66 9.89 -6.88 -13.52
N GLU A 67 9.55 -6.02 -14.46
CA GLU A 67 9.18 -6.47 -15.80
C GLU A 67 9.98 -5.72 -16.87
N ARG A 68 11.00 -6.38 -17.39
CA ARG A 68 11.85 -5.78 -18.41
C ARG A 68 11.06 -5.50 -19.68
N HIS A 69 10.00 -6.28 -19.90
CA HIS A 69 9.16 -6.11 -21.07
C HIS A 69 8.73 -4.65 -21.24
N SER A 70 8.43 -4.00 -20.12
CA SER A 70 8.01 -2.60 -20.14
C SER A 70 8.97 -1.73 -19.34
N ARG A 71 9.97 -2.37 -18.74
CA ARG A 71 10.96 -1.65 -17.94
C ARG A 71 10.30 -0.92 -16.77
N VAL A 72 9.39 -1.61 -16.09
CA VAL A 72 8.69 -1.03 -14.95
C VAL A 72 8.61 -2.02 -13.79
N TYR A 73 8.85 -1.52 -12.59
CA TYR A 73 8.81 -2.36 -11.39
C TYR A 73 7.41 -2.38 -10.79
N THR A 74 7.04 -3.52 -10.22
CA THR A 74 5.73 -3.68 -9.62
C THR A 74 5.85 -4.13 -8.16
N PHE A 75 5.64 -3.20 -7.24
CA PHE A 75 5.73 -3.51 -5.81
C PHE A 75 4.33 -3.60 -5.20
N GLU A 76 4.14 -4.59 -4.33
CA GLU A 76 2.86 -4.79 -3.67
C GLU A 76 3.04 -4.97 -2.17
N MET A 77 1.95 -4.86 -1.43
CA MET A 77 1.99 -5.01 0.02
C MET A 77 0.84 -5.89 0.51
N GLN A 78 1.14 -7.17 0.74
CA GLN A 78 0.14 -8.11 1.21
C GLN A 78 0.03 -8.09 2.73
N ILE A 79 -1.12 -7.62 3.23
CA ILE A 79 -1.35 -7.54 4.65
C ILE A 79 -2.31 -8.63 5.12
N ILE A 80 -1.80 -9.59 5.89
CA ILE A 80 -2.61 -10.69 6.39
C ILE A 80 -3.04 -10.42 7.83
N LYS A 81 -4.28 -10.79 8.15
CA LYS A 81 -4.82 -10.60 9.49
C LYS A 81 -4.71 -9.13 9.91
N ALA A 82 -5.10 -8.24 9.01
CA ALA A 82 -5.06 -6.81 9.30
C ALA A 82 -5.74 -6.49 10.63
N LYS A 83 -4.96 -6.01 11.58
CA LYS A 83 -5.47 -5.67 12.91
C LYS A 83 -5.87 -4.20 12.97
N ASP A 84 -6.59 -3.83 14.01
CA ASP A 84 -7.03 -2.45 14.19
C ASP A 84 -5.83 -1.50 14.20
N ASN A 85 -4.66 -2.03 14.54
CA ASN A 85 -3.45 -1.23 14.59
C ASN A 85 -2.95 -0.90 13.18
N PHE A 86 -3.43 -1.67 12.19
CA PHE A 86 -3.04 -1.46 10.81
C PHE A 86 -3.78 -0.26 10.21
N ALA A 87 -4.85 0.16 10.88
CA ALA A 87 -5.64 1.29 10.42
C ALA A 87 -5.02 2.62 10.84
N GLY A 88 -5.02 3.58 9.93
CA GLY A 88 -4.44 4.88 10.21
C GLY A 88 -3.94 5.59 8.97
N ASN A 89 -2.65 5.91 8.95
CA ASN A 89 -2.04 6.59 7.82
C ASN A 89 -0.80 5.86 7.35
N TYR A 90 -0.79 5.46 6.08
CA TYR A 90 0.35 4.75 5.50
C TYR A 90 1.25 5.70 4.74
N ARG A 91 2.44 5.22 4.37
CA ARG A 91 3.40 6.02 3.64
C ARG A 91 4.25 5.15 2.72
N CYS A 92 4.81 5.77 1.68
CA CYS A 92 5.64 5.05 0.72
C CYS A 92 6.81 5.92 0.27
N GLU A 93 7.95 5.28 0.03
CA GLU A 93 9.15 5.99 -0.41
C GLU A 93 9.94 5.16 -1.41
N VAL A 94 10.08 5.68 -2.63
CA VAL A 94 10.81 4.98 -3.67
C VAL A 94 11.90 5.87 -4.27
N THR A 95 13.13 5.35 -4.33
CA THR A 95 14.25 6.09 -4.87
C THR A 95 14.73 5.49 -6.18
N TYR A 96 15.68 6.15 -6.82
CA TYR A 96 16.23 5.68 -8.09
C TYR A 96 17.48 6.46 -8.47
N LYS A 97 18.05 6.13 -9.62
CA LYS A 97 19.25 6.80 -10.11
C LYS A 97 19.29 8.25 -9.64
N ASP A 98 18.48 9.09 -10.27
CA ASP A 98 18.42 10.51 -9.91
C ASP A 98 16.98 10.98 -9.82
N LYS A 99 16.08 10.07 -9.47
CA LYS A 99 14.66 10.38 -9.34
C LYS A 99 14.05 9.70 -8.12
N PHE A 100 13.36 10.47 -7.30
CA PHE A 100 12.73 9.94 -6.10
C PHE A 100 11.40 10.65 -5.82
N ASP A 101 10.41 9.88 -5.36
CA ASP A 101 9.11 10.44 -5.05
C ASP A 101 8.45 9.68 -3.90
N SER A 102 7.74 10.41 -3.05
CA SER A 102 7.08 9.81 -1.89
C SER A 102 5.57 10.04 -1.97
N CYS A 103 4.81 9.15 -1.33
CA CYS A 103 3.35 9.24 -1.33
C CYS A 103 2.77 8.56 -0.10
N SER A 104 1.70 9.12 0.43
CA SER A 104 1.05 8.58 1.62
C SER A 104 -0.43 8.32 1.36
N PHE A 105 -1.01 7.37 2.09
CA PHE A 105 -2.41 7.03 1.93
C PHE A 105 -3.06 6.76 3.29
N ASP A 106 -4.33 6.40 3.27
CA ASP A 106 -5.07 6.11 4.50
C ASP A 106 -5.74 4.74 4.43
N LEU A 107 -5.55 3.94 5.47
CA LEU A 107 -6.13 2.61 5.53
C LEU A 107 -7.12 2.49 6.69
N GLU A 108 -8.31 1.98 6.39
CA GLU A 108 -9.35 1.82 7.40
C GLU A 108 -9.53 0.35 7.75
N VAL A 109 -9.82 0.08 9.03
CA VAL A 109 -10.02 -1.27 9.49
C VAL A 109 -11.35 -1.41 10.25
N HIS A 110 -12.22 -2.27 9.75
CA HIS A 110 -13.52 -2.50 10.37
C HIS A 110 -13.53 -3.81 11.17
N GLU A 111 -14.18 -3.79 12.32
CA GLU A 111 -14.26 -4.96 13.18
C GLU A 111 -14.97 -6.10 12.45
N SER A 112 -14.33 -7.27 12.43
CA SER A 112 -14.90 -8.44 11.77
C SER A 112 -16.00 -9.07 12.62
N THR A 113 -17.19 -8.49 12.55
CA THR A 113 -18.33 -8.99 13.31
C THR A 113 -19.18 -9.95 12.48
N GLY A 114 -19.80 -10.92 13.15
CA GLY A 114 -20.63 -11.88 12.46
C GLY A 114 -22.01 -11.33 12.14
N THR A 115 -23.04 -11.89 12.77
CA THR A 115 -24.41 -11.47 12.54
C THR A 115 -24.73 -10.21 13.35
N THR A 116 -25.20 -9.19 12.66
CA THR A 116 -25.56 -7.93 13.31
C THR A 116 -26.98 -7.96 13.85
N PRO A 117 -27.22 -7.20 14.92
CA PRO A 117 -28.55 -7.12 15.55
C PRO A 117 -29.57 -6.40 14.67
N ASN A 118 -30.80 -6.33 15.16
CA ASN A 118 -31.88 -5.66 14.42
C ASN A 118 -31.40 -4.33 13.86
N ILE A 119 -32.14 -3.80 12.88
CA ILE A 119 -31.79 -2.53 12.27
C ILE A 119 -33.05 -1.74 11.90
N ASP A 120 -33.02 -0.44 12.16
CA ASP A 120 -34.14 0.43 11.86
C ASP A 120 -34.26 0.67 10.35
N SER A 121 -35.16 -0.06 9.71
CA SER A 121 -35.36 0.05 8.27
C SER A 121 -36.04 1.39 7.94
N GLY A 122 -36.04 1.73 6.65
CA GLY A 122 -36.66 2.97 6.21
C GLY A 122 -38.12 2.80 5.86
N PRO A 123 -38.96 3.72 6.34
CA PRO A 123 -40.40 3.69 6.09
C PRO A 123 -40.74 4.00 4.63
N SER A 124 -39.71 4.20 3.82
CA SER A 124 -39.90 4.51 2.41
C SER A 124 -40.53 5.89 2.24
N SER A 125 -40.12 6.84 3.07
CA SER A 125 -40.65 8.19 3.02
C SER A 125 -39.62 9.20 3.52
N GLY A 126 -39.49 10.31 2.80
CA GLY A 126 -38.54 11.34 3.19
C GLY A 126 -39.18 12.46 3.99
N GLY A 1 -5.25 20.54 -14.24
CA GLY A 1 -6.05 19.86 -15.25
C GLY A 1 -7.31 19.24 -14.67
N SER A 2 -7.67 18.06 -15.17
CA SER A 2 -8.87 17.37 -14.70
C SER A 2 -8.55 16.52 -13.48
N SER A 3 -7.52 15.69 -13.58
CA SER A 3 -7.12 14.82 -12.50
C SER A 3 -5.60 14.78 -12.35
N GLY A 4 -5.13 14.61 -11.12
CA GLY A 4 -3.70 14.56 -10.88
C GLY A 4 -3.19 15.80 -10.17
N SER A 5 -2.75 15.63 -8.93
CA SER A 5 -2.23 16.75 -8.14
C SER A 5 -0.75 16.55 -7.81
N SER A 6 -0.41 15.35 -7.36
CA SER A 6 0.98 15.03 -7.02
C SER A 6 1.40 13.71 -7.65
N GLY A 7 2.70 13.57 -7.91
CA GLY A 7 3.23 12.36 -8.51
C GLY A 7 3.40 12.49 -10.00
N ILE A 8 4.60 12.18 -10.48
CA ILE A 8 4.88 12.26 -11.91
C ILE A 8 5.55 10.98 -12.41
N LEU A 9 6.61 10.57 -11.73
CA LEU A 9 7.33 9.36 -12.10
C LEU A 9 6.58 8.10 -11.66
N PHE A 10 6.37 7.98 -10.36
CA PHE A 10 5.66 6.84 -9.80
C PHE A 10 4.43 6.49 -10.66
N ILE A 11 4.65 5.60 -11.63
CA ILE A 11 3.56 5.19 -12.52
C ILE A 11 2.24 5.07 -11.76
N GLU A 12 2.16 4.09 -10.86
CA GLU A 12 0.96 3.87 -10.07
C GLU A 12 1.19 4.25 -8.62
N LYS A 13 0.13 4.74 -7.96
CA LYS A 13 0.22 5.14 -6.57
C LYS A 13 -0.87 4.46 -5.74
N PRO A 14 -0.48 3.91 -4.58
CA PRO A 14 -1.41 3.22 -3.68
C PRO A 14 -2.38 4.20 -3.00
N GLN A 15 -3.66 4.09 -3.37
CA GLN A 15 -4.68 4.96 -2.81
C GLN A 15 -5.30 4.32 -1.56
N GLY A 16 -4.51 3.53 -0.85
CA GLY A 16 -4.99 2.88 0.35
C GLY A 16 -6.39 2.30 0.18
N GLY A 17 -7.01 1.94 1.29
CA GLY A 17 -8.36 1.38 1.23
C GLY A 17 -8.88 1.00 2.61
N THR A 18 -9.75 0.00 2.64
CA THR A 18 -10.33 -0.47 3.89
C THR A 18 -10.46 -1.99 3.91
N VAL A 19 -9.82 -2.62 4.88
CA VAL A 19 -9.86 -4.07 5.01
C VAL A 19 -10.47 -4.49 6.34
N LYS A 20 -11.25 -5.57 6.31
CA LYS A 20 -11.89 -6.07 7.52
C LYS A 20 -10.88 -6.76 8.43
N VAL A 21 -11.19 -6.79 9.73
CA VAL A 21 -10.30 -7.41 10.71
C VAL A 21 -10.15 -8.91 10.44
N GLY A 22 -8.93 -9.33 10.14
CA GLY A 22 -8.67 -10.73 9.86
C GLY A 22 -8.63 -11.03 8.38
N GLU A 23 -8.93 -10.02 7.56
CA GLU A 23 -8.93 -10.18 6.12
C GLU A 23 -7.53 -9.95 5.54
N ASP A 24 -7.40 -10.14 4.24
CA ASP A 24 -6.12 -9.95 3.56
C ASP A 24 -6.24 -8.89 2.47
N ILE A 25 -5.40 -7.87 2.55
CA ILE A 25 -5.41 -6.79 1.56
C ILE A 25 -4.03 -6.62 0.92
N THR A 26 -4.02 -6.13 -0.32
CA THR A 26 -2.77 -5.92 -1.03
C THR A 26 -2.78 -4.58 -1.76
N PHE A 27 -1.71 -3.81 -1.59
CA PHE A 27 -1.60 -2.51 -2.23
C PHE A 27 -0.69 -2.58 -3.46
N ILE A 28 -1.09 -1.91 -4.53
CA ILE A 28 -0.31 -1.89 -5.76
C ILE A 28 0.55 -0.64 -5.85
N ALA A 29 1.73 -0.78 -6.45
CA ALA A 29 2.66 0.34 -6.61
C ALA A 29 3.64 0.09 -7.74
N LYS A 30 3.52 0.89 -8.80
CA LYS A 30 4.41 0.75 -9.97
C LYS A 30 5.32 1.96 -10.10
N VAL A 31 6.47 1.76 -10.74
CA VAL A 31 7.43 2.84 -10.93
C VAL A 31 8.07 2.75 -12.31
N LYS A 32 8.27 3.91 -12.95
CA LYS A 32 8.88 3.96 -14.26
C LYS A 32 10.41 3.86 -14.16
N ALA A 33 10.96 2.81 -14.76
CA ALA A 33 12.41 2.60 -14.73
C ALA A 33 12.98 2.61 -16.14
N GLU A 34 14.07 3.35 -16.32
CA GLU A 34 14.72 3.44 -17.63
C GLU A 34 16.07 2.75 -17.61
N ASP A 35 16.16 1.65 -16.87
CA ASP A 35 17.41 0.89 -16.76
C ASP A 35 17.15 -0.48 -16.12
N LEU A 36 18.07 -1.40 -16.37
CA LEU A 36 17.94 -2.75 -15.82
C LEU A 36 19.09 -3.06 -14.87
N LEU A 37 20.24 -2.45 -15.12
CA LEU A 37 21.42 -2.65 -14.28
C LEU A 37 21.14 -2.26 -12.84
N ARG A 38 20.29 -1.25 -12.66
CA ARG A 38 19.94 -0.77 -11.34
C ARG A 38 18.49 -1.14 -10.99
N LYS A 39 18.18 -1.13 -9.70
CA LYS A 39 16.84 -1.46 -9.23
C LYS A 39 16.41 -0.55 -8.09
N PRO A 40 15.23 0.08 -8.25
CA PRO A 40 14.69 1.00 -7.25
C PRO A 40 14.24 0.28 -5.98
N THR A 41 14.71 0.75 -4.84
CA THR A 41 14.36 0.14 -3.56
C THR A 41 13.14 0.82 -2.94
N ILE A 42 12.17 0.01 -2.53
CA ILE A 42 10.95 0.53 -1.93
C ILE A 42 10.94 0.29 -0.42
N LYS A 43 10.26 1.18 0.32
CA LYS A 43 10.17 1.06 1.77
C LYS A 43 8.82 1.53 2.26
N TRP A 44 8.06 0.61 2.85
CA TRP A 44 6.73 0.94 3.37
C TRP A 44 6.82 1.41 4.81
N PHE A 45 5.99 2.40 5.16
CA PHE A 45 5.98 2.95 6.51
C PHE A 45 4.55 3.15 6.99
N LYS A 46 4.41 3.57 8.24
CA LYS A 46 3.10 3.81 8.84
C LYS A 46 3.22 4.61 10.13
N GLY A 47 2.16 5.35 10.45
CA GLY A 47 2.17 6.15 11.66
C GLY A 47 3.13 7.32 11.58
N LYS A 48 3.96 7.47 12.60
CA LYS A 48 4.94 8.54 12.65
C LYS A 48 6.35 8.03 12.35
N TRP A 49 6.78 7.03 13.12
CA TRP A 49 8.10 6.44 12.93
C TRP A 49 8.02 4.92 12.92
N MET A 50 6.97 4.39 12.30
CA MET A 50 6.78 2.94 12.21
C MET A 50 7.23 2.42 10.86
N ASP A 51 8.13 1.45 10.88
CA ASP A 51 8.64 0.85 9.64
C ASP A 51 8.02 -0.52 9.40
N LEU A 52 7.02 -0.56 8.51
CA LEU A 52 6.33 -1.82 8.20
C LEU A 52 7.31 -2.84 7.65
N ALA A 53 8.37 -2.37 7.01
CA ALA A 53 9.38 -3.25 6.43
C ALA A 53 9.84 -4.29 7.46
N SER A 54 10.32 -3.82 8.60
CA SER A 54 10.81 -4.70 9.65
C SER A 54 9.64 -5.44 10.31
N LYS A 55 8.45 -4.87 10.20
CA LYS A 55 7.25 -5.47 10.78
C LYS A 55 6.83 -6.71 9.99
N ALA A 56 7.08 -6.70 8.69
CA ALA A 56 6.74 -7.82 7.83
C ALA A 56 7.36 -9.11 8.35
N GLY A 57 6.51 -10.06 8.72
CA GLY A 57 7.00 -11.34 9.23
C GLY A 57 6.04 -12.48 8.96
N LYS A 58 4.93 -12.51 9.70
CA LYS A 58 3.93 -13.55 9.53
C LYS A 58 2.58 -12.95 9.15
N HIS A 59 2.10 -12.00 9.95
CA HIS A 59 0.81 -11.36 9.70
C HIS A 59 0.91 -10.45 8.48
N LEU A 60 2.10 -9.88 8.25
CA LEU A 60 2.31 -8.99 7.11
C LEU A 60 3.35 -9.57 6.16
N GLN A 61 3.15 -9.35 4.87
CA GLN A 61 4.08 -9.84 3.86
C GLN A 61 4.12 -8.91 2.65
N LEU A 62 5.31 -8.42 2.33
CA LEU A 62 5.49 -7.51 1.20
C LEU A 62 5.82 -8.29 -0.07
N LYS A 63 5.66 -7.63 -1.22
CA LYS A 63 5.96 -8.26 -2.50
C LYS A 63 6.71 -7.30 -3.41
N GLU A 64 7.54 -7.85 -4.29
CA GLU A 64 8.32 -7.04 -5.23
C GLU A 64 8.56 -7.80 -6.53
N THR A 65 8.32 -7.13 -7.65
CA THR A 65 8.51 -7.72 -8.96
C THR A 65 8.93 -6.69 -9.99
N PHE A 66 9.55 -7.15 -11.07
CA PHE A 66 10.01 -6.25 -12.13
C PHE A 66 9.52 -6.73 -13.49
N GLU A 67 9.37 -5.80 -14.43
CA GLU A 67 8.91 -6.13 -15.77
C GLU A 67 9.83 -5.51 -16.82
N ARG A 68 10.82 -6.28 -17.26
CA ARG A 68 11.77 -5.81 -18.27
C ARG A 68 11.06 -5.50 -19.58
N HIS A 69 10.12 -6.36 -19.95
CA HIS A 69 9.36 -6.19 -21.19
C HIS A 69 8.77 -4.79 -21.26
N SER A 70 8.57 -4.17 -20.11
CA SER A 70 7.99 -2.83 -20.04
C SER A 70 8.92 -1.89 -19.27
N ARG A 71 9.99 -2.44 -18.70
CA ARG A 71 10.94 -1.65 -17.94
C ARG A 71 10.24 -0.89 -16.81
N VAL A 72 9.45 -1.61 -16.02
CA VAL A 72 8.73 -0.99 -14.91
C VAL A 72 8.68 -1.93 -13.71
N TYR A 73 9.06 -1.41 -12.55
CA TYR A 73 9.08 -2.20 -11.32
C TYR A 73 7.73 -2.09 -10.59
N THR A 74 7.23 -3.22 -10.13
CA THR A 74 5.95 -3.26 -9.42
C THR A 74 6.12 -3.86 -8.03
N PHE A 75 5.88 -3.05 -7.00
CA PHE A 75 6.00 -3.50 -5.63
C PHE A 75 4.64 -3.52 -4.94
N GLU A 76 4.31 -4.64 -4.32
CA GLU A 76 3.03 -4.79 -3.63
C GLU A 76 3.25 -4.99 -2.13
N MET A 77 2.17 -4.88 -1.36
CA MET A 77 2.25 -5.05 0.08
C MET A 77 1.05 -5.87 0.60
N GLN A 78 1.30 -7.12 0.94
CA GLN A 78 0.24 -8.00 1.44
C GLN A 78 0.11 -7.88 2.95
N ILE A 79 -1.14 -7.85 3.43
CA ILE A 79 -1.39 -7.73 4.85
C ILE A 79 -2.33 -8.84 5.33
N ILE A 80 -1.77 -9.83 6.01
CA ILE A 80 -2.55 -10.94 6.53
C ILE A 80 -3.01 -10.69 7.95
N LYS A 81 -4.29 -10.95 8.22
CA LYS A 81 -4.85 -10.75 9.54
C LYS A 81 -4.78 -9.28 9.95
N ALA A 82 -5.18 -8.40 9.04
CA ALA A 82 -5.17 -6.96 9.30
C ALA A 82 -5.91 -6.63 10.60
N LYS A 83 -5.15 -6.24 11.62
CA LYS A 83 -5.74 -5.88 12.91
C LYS A 83 -6.15 -4.42 12.95
N ASP A 84 -6.88 -4.04 13.99
CA ASP A 84 -7.34 -2.66 14.14
C ASP A 84 -6.15 -1.70 14.20
N ASN A 85 -4.97 -2.24 14.48
CA ASN A 85 -3.77 -1.43 14.56
C ASN A 85 -3.24 -1.08 13.18
N PHE A 86 -3.71 -1.81 12.17
CA PHE A 86 -3.29 -1.58 10.80
C PHE A 86 -4.03 -0.39 10.19
N ALA A 87 -4.98 0.15 10.94
CA ALA A 87 -5.76 1.30 10.50
C ALA A 87 -5.14 2.61 10.97
N GLY A 88 -4.61 3.38 10.01
CA GLY A 88 -3.99 4.65 10.35
C GLY A 88 -3.48 5.38 9.13
N ASN A 89 -2.19 5.74 9.16
CA ASN A 89 -1.58 6.45 8.04
C ASN A 89 -0.38 5.68 7.50
N TYR A 90 -0.38 5.43 6.19
CA TYR A 90 0.70 4.70 5.55
C TYR A 90 1.51 5.61 4.63
N ARG A 91 2.82 5.48 4.70
CA ARG A 91 3.72 6.31 3.88
C ARG A 91 4.73 5.43 3.14
N CYS A 92 4.80 5.61 1.83
CA CYS A 92 5.72 4.84 1.00
C CYS A 92 6.83 5.73 0.45
N GLU A 93 8.02 5.15 0.28
CA GLU A 93 9.16 5.90 -0.25
C GLU A 93 9.99 5.04 -1.19
N VAL A 94 10.21 5.52 -2.40
CA VAL A 94 10.98 4.80 -3.39
C VAL A 94 12.05 5.69 -4.02
N THR A 95 13.31 5.45 -3.65
CA THR A 95 14.42 6.22 -4.19
C THR A 95 15.09 5.51 -5.35
N TYR A 96 14.87 6.02 -6.55
CA TYR A 96 15.46 5.43 -7.75
C TYR A 96 16.68 6.22 -8.21
N LYS A 97 17.64 5.52 -8.82
CA LYS A 97 18.86 6.16 -9.30
C LYS A 97 18.52 7.42 -10.10
N ASP A 98 17.48 7.35 -10.91
CA ASP A 98 17.06 8.49 -11.72
C ASP A 98 16.46 9.58 -10.84
N LYS A 99 15.27 9.33 -10.31
CA LYS A 99 14.60 10.28 -9.45
C LYS A 99 13.95 9.60 -8.25
N PHE A 100 13.56 10.39 -7.25
CA PHE A 100 12.94 9.85 -6.05
C PHE A 100 11.51 10.38 -5.90
N ASP A 101 10.57 9.46 -5.72
CA ASP A 101 9.17 9.83 -5.55
C ASP A 101 8.60 9.28 -4.24
N SER A 102 7.58 9.94 -3.72
CA SER A 102 6.96 9.53 -2.46
C SER A 102 5.44 9.65 -2.54
N CYS A 103 4.75 8.91 -1.69
CA CYS A 103 3.29 8.94 -1.66
C CYS A 103 2.76 8.34 -0.36
N SER A 104 1.68 8.90 0.15
CA SER A 104 1.07 8.42 1.38
C SER A 104 -0.41 8.10 1.18
N PHE A 105 -0.96 7.29 2.07
CA PHE A 105 -2.36 6.90 1.99
C PHE A 105 -2.91 6.55 3.37
N ASP A 106 -4.23 6.38 3.44
CA ASP A 106 -4.89 6.05 4.70
C ASP A 106 -5.56 4.68 4.62
N LEU A 107 -5.29 3.82 5.61
CA LEU A 107 -5.87 2.48 5.64
C LEU A 107 -6.90 2.38 6.75
N GLU A 108 -8.09 1.92 6.40
CA GLU A 108 -9.17 1.76 7.37
C GLU A 108 -9.39 0.28 7.70
N VAL A 109 -9.78 0.01 8.94
CA VAL A 109 -10.03 -1.36 9.38
C VAL A 109 -11.39 -1.48 10.06
N HIS A 110 -12.25 -2.33 9.50
CA HIS A 110 -13.58 -2.54 10.05
C HIS A 110 -13.65 -3.85 10.81
N GLU A 111 -14.41 -3.86 11.91
CA GLU A 111 -14.56 -5.06 12.72
C GLU A 111 -15.27 -6.16 11.94
N SER A 112 -14.63 -7.33 11.89
CA SER A 112 -15.19 -8.46 11.16
C SER A 112 -16.31 -9.12 11.96
N THR A 113 -17.50 -8.55 11.85
CA THR A 113 -18.66 -9.07 12.57
C THR A 113 -19.74 -9.55 11.59
N GLY A 114 -20.56 -10.50 12.04
CA GLY A 114 -21.62 -11.02 11.20
C GLY A 114 -22.74 -10.02 10.98
N THR A 115 -23.66 -10.35 10.09
CA THR A 115 -24.78 -9.48 9.78
C THR A 115 -26.04 -9.92 10.50
N THR A 116 -26.76 -8.97 11.08
CA THR A 116 -28.00 -9.26 11.81
C THR A 116 -29.17 -9.42 10.85
N PRO A 117 -30.18 -10.22 11.26
CA PRO A 117 -31.38 -10.46 10.46
C PRO A 117 -32.26 -9.23 10.35
N ASN A 118 -33.20 -9.26 9.41
CA ASN A 118 -34.11 -8.14 9.19
C ASN A 118 -35.44 -8.62 8.62
N ILE A 119 -36.40 -7.72 8.53
CA ILE A 119 -37.71 -8.06 8.00
C ILE A 119 -37.96 -7.37 6.65
N ASP A 120 -38.56 -8.11 5.72
CA ASP A 120 -38.85 -7.58 4.40
C ASP A 120 -40.18 -6.83 4.39
N SER A 121 -40.13 -5.54 4.03
CA SER A 121 -41.32 -4.71 3.99
C SER A 121 -42.43 -5.40 3.21
N GLY A 122 -43.66 -4.94 3.41
CA GLY A 122 -44.80 -5.53 2.71
C GLY A 122 -45.17 -4.76 1.46
N PRO A 123 -45.63 -5.49 0.43
CA PRO A 123 -46.02 -4.89 -0.85
C PRO A 123 -47.30 -4.07 -0.73
N SER A 124 -47.37 -2.99 -1.51
CA SER A 124 -48.54 -2.12 -1.48
C SER A 124 -49.19 -2.04 -2.87
N SER A 125 -50.20 -2.88 -3.08
CA SER A 125 -50.91 -2.92 -4.35
C SER A 125 -51.73 -1.65 -4.56
N GLY A 126 -51.93 -1.28 -5.82
CA GLY A 126 -52.71 -0.08 -6.12
C GLY A 126 -52.93 0.09 -7.61
N GLY A 1 1.74 28.18 -12.89
CA GLY A 1 2.76 28.98 -13.52
C GLY A 1 3.49 28.22 -14.63
N SER A 2 4.53 27.48 -14.25
CA SER A 2 5.31 26.71 -15.21
C SER A 2 5.77 25.39 -14.60
N SER A 3 5.40 24.29 -15.24
CA SER A 3 5.77 22.96 -14.76
C SER A 3 6.86 22.36 -15.64
N GLY A 4 6.66 22.43 -16.95
CA GLY A 4 7.63 21.88 -17.88
C GLY A 4 7.87 20.40 -17.66
N SER A 5 8.93 19.88 -18.28
CA SER A 5 9.26 18.46 -18.16
C SER A 5 10.54 18.28 -17.35
N SER A 6 10.39 17.92 -16.09
CA SER A 6 11.53 17.71 -15.21
C SER A 6 11.81 16.22 -15.01
N GLY A 7 10.75 15.47 -14.72
CA GLY A 7 10.89 14.03 -14.51
C GLY A 7 9.78 13.46 -13.66
N ILE A 8 8.86 12.73 -14.31
CA ILE A 8 7.74 12.12 -13.61
C ILE A 8 8.06 10.68 -13.21
N LEU A 9 7.84 10.37 -11.93
CA LEU A 9 8.11 9.03 -11.42
C LEU A 9 6.90 8.50 -10.65
N PHE A 10 6.85 7.18 -10.48
CA PHE A 10 5.74 6.55 -9.77
C PHE A 10 4.47 6.57 -10.60
N ILE A 11 4.59 6.11 -11.84
CA ILE A 11 3.43 6.08 -12.75
C ILE A 11 2.18 5.59 -12.03
N GLU A 12 2.36 4.64 -11.11
CA GLU A 12 1.24 4.10 -10.36
C GLU A 12 1.24 4.65 -8.93
N LYS A 13 0.05 4.70 -8.33
CA LYS A 13 -0.10 5.21 -6.98
C LYS A 13 -1.01 4.30 -6.15
N PRO A 14 -0.49 3.81 -5.01
CA PRO A 14 -1.23 2.92 -4.12
C PRO A 14 -2.38 3.64 -3.40
N GLN A 15 -3.60 3.42 -3.87
CA GLN A 15 -4.78 4.04 -3.28
C GLN A 15 -5.25 3.27 -2.06
N GLY A 16 -5.03 3.84 -0.88
CA GLY A 16 -5.44 3.19 0.36
C GLY A 16 -6.85 2.65 0.27
N GLY A 17 -7.23 1.86 1.28
CA GLY A 17 -8.57 1.29 1.29
C GLY A 17 -9.01 0.90 2.70
N THR A 18 -9.93 -0.06 2.78
CA THR A 18 -10.44 -0.51 4.08
C THR A 18 -10.54 -2.04 4.11
N VAL A 19 -9.77 -2.65 5.01
CA VAL A 19 -9.77 -4.10 5.15
C VAL A 19 -10.37 -4.52 6.49
N LYS A 20 -11.15 -5.59 6.47
CA LYS A 20 -11.78 -6.09 7.68
C LYS A 20 -10.77 -6.79 8.59
N VAL A 21 -11.04 -6.81 9.88
CA VAL A 21 -10.15 -7.44 10.85
C VAL A 21 -9.99 -8.93 10.56
N GLY A 22 -8.76 -9.37 10.36
CA GLY A 22 -8.49 -10.76 10.07
C GLY A 22 -8.40 -11.05 8.59
N GLU A 23 -8.91 -10.12 7.77
CA GLU A 23 -8.89 -10.28 6.33
C GLU A 23 -7.50 -9.96 5.77
N ASP A 24 -7.38 -10.01 4.45
CA ASP A 24 -6.12 -9.73 3.78
C ASP A 24 -6.30 -8.71 2.67
N ILE A 25 -5.34 -7.79 2.55
CA ILE A 25 -5.39 -6.76 1.53
C ILE A 25 -4.07 -6.64 0.77
N THR A 26 -4.12 -6.12 -0.44
CA THR A 26 -2.93 -5.95 -1.26
C THR A 26 -2.94 -4.63 -2.00
N PHE A 27 -1.90 -3.84 -1.81
CA PHE A 27 -1.79 -2.54 -2.47
C PHE A 27 -0.87 -2.62 -3.68
N ILE A 28 -1.24 -1.88 -4.74
CA ILE A 28 -0.44 -1.87 -5.97
C ILE A 28 0.45 -0.63 -6.03
N ALA A 29 1.74 -0.85 -6.25
CA ALA A 29 2.70 0.25 -6.33
C ALA A 29 3.85 -0.11 -7.26
N LYS A 30 3.92 0.56 -8.41
CA LYS A 30 4.97 0.32 -9.38
C LYS A 30 5.58 1.63 -9.86
N VAL A 31 6.91 1.63 -10.02
CA VAL A 31 7.61 2.83 -10.47
C VAL A 31 8.14 2.65 -11.89
N LYS A 32 8.21 3.75 -12.63
CA LYS A 32 8.70 3.71 -14.00
C LYS A 32 10.22 3.59 -14.04
N ALA A 33 10.70 2.55 -14.73
CA ALA A 33 12.14 2.31 -14.84
C ALA A 33 12.57 2.22 -16.29
N GLU A 34 13.85 2.41 -16.54
CA GLU A 34 14.39 2.35 -17.90
C GLU A 34 15.54 1.36 -17.98
N ASP A 35 16.44 1.43 -17.00
CA ASP A 35 17.60 0.54 -16.96
C ASP A 35 17.26 -0.75 -16.24
N LEU A 36 18.17 -1.71 -16.29
CA LEU A 36 17.97 -3.00 -15.64
C LEU A 36 18.91 -3.16 -14.45
N LEU A 37 20.12 -2.63 -14.58
CA LEU A 37 21.12 -2.71 -13.51
C LEU A 37 20.61 -2.04 -12.24
N ARG A 38 19.89 -0.93 -12.41
CA ARG A 38 19.34 -0.20 -11.27
C ARG A 38 17.95 -0.70 -10.93
N LYS A 39 17.75 -1.08 -9.67
CA LYS A 39 16.47 -1.59 -9.21
C LYS A 39 15.89 -0.69 -8.11
N PRO A 40 14.80 0.03 -8.45
CA PRO A 40 14.14 0.93 -7.50
C PRO A 40 13.43 0.18 -6.38
N THR A 41 13.97 0.27 -5.17
CA THR A 41 13.40 -0.40 -4.01
C THR A 41 12.31 0.45 -3.38
N ILE A 42 11.27 -0.20 -2.88
CA ILE A 42 10.15 0.49 -2.25
C ILE A 42 10.08 0.16 -0.76
N LYS A 43 9.94 1.19 0.07
CA LYS A 43 9.84 1.01 1.51
C LYS A 43 8.48 1.46 2.03
N TRP A 44 7.79 0.57 2.73
CA TRP A 44 6.48 0.88 3.29
C TRP A 44 6.59 1.32 4.74
N PHE A 45 6.10 2.52 5.02
CA PHE A 45 6.15 3.06 6.38
C PHE A 45 4.74 3.34 6.91
N LYS A 46 4.64 3.49 8.23
CA LYS A 46 3.34 3.75 8.86
C LYS A 46 3.52 4.58 10.12
N GLY A 47 2.49 5.35 10.46
CA GLY A 47 2.55 6.19 11.65
C GLY A 47 3.49 7.37 11.47
N LYS A 48 4.36 7.59 12.46
CA LYS A 48 5.31 8.69 12.42
C LYS A 48 6.71 8.17 12.10
N TRP A 49 7.10 7.09 12.75
CA TRP A 49 8.42 6.50 12.54
C TRP A 49 8.30 5.02 12.21
N MET A 50 7.26 4.38 12.72
CA MET A 50 7.04 2.96 12.49
C MET A 50 7.31 2.61 11.03
N ASP A 51 8.08 1.54 10.81
CA ASP A 51 8.40 1.10 9.46
C ASP A 51 7.85 -0.30 9.20
N LEU A 52 6.78 -0.37 8.41
CA LEU A 52 6.15 -1.64 8.08
C LEU A 52 7.19 -2.66 7.62
N ALA A 53 8.12 -2.20 6.78
CA ALA A 53 9.18 -3.07 6.27
C ALA A 53 9.72 -3.98 7.37
N SER A 54 9.89 -3.41 8.56
CA SER A 54 10.41 -4.17 9.69
C SER A 54 9.34 -5.10 10.26
N LYS A 55 8.09 -4.67 10.19
CA LYS A 55 6.98 -5.46 10.70
C LYS A 55 6.75 -6.70 9.83
N ALA A 56 7.00 -6.56 8.53
CA ALA A 56 6.83 -7.66 7.60
C ALA A 56 7.60 -8.89 8.06
N GLY A 57 6.88 -9.90 8.52
CA GLY A 57 7.51 -11.13 8.98
C GLY A 57 6.59 -12.33 8.87
N LYS A 58 5.41 -12.23 9.46
CA LYS A 58 4.43 -13.32 9.43
C LYS A 58 3.05 -12.81 9.06
N HIS A 59 2.52 -11.92 9.89
CA HIS A 59 1.20 -11.34 9.65
C HIS A 59 1.21 -10.45 8.41
N LEU A 60 2.37 -9.85 8.14
CA LEU A 60 2.51 -8.97 6.99
C LEU A 60 3.57 -9.49 6.02
N GLN A 61 3.34 -9.30 4.73
CA GLN A 61 4.27 -9.75 3.71
C GLN A 61 4.26 -8.83 2.49
N LEU A 62 5.42 -8.31 2.12
CA LEU A 62 5.53 -7.41 0.98
C LEU A 62 5.83 -8.19 -0.29
N LYS A 63 5.66 -7.54 -1.45
CA LYS A 63 5.92 -8.17 -2.73
C LYS A 63 6.63 -7.21 -3.67
N GLU A 64 7.51 -7.75 -4.51
CA GLU A 64 8.26 -6.93 -5.46
C GLU A 64 8.64 -7.75 -6.70
N THR A 65 8.31 -7.23 -7.87
CA THR A 65 8.62 -7.91 -9.13
C THR A 65 9.08 -6.92 -10.18
N PHE A 66 9.64 -7.45 -11.27
CA PHE A 66 10.13 -6.60 -12.36
C PHE A 66 9.68 -7.16 -13.71
N GLU A 67 9.38 -6.26 -14.63
CA GLU A 67 8.93 -6.65 -15.97
C GLU A 67 9.76 -5.95 -17.04
N ARG A 68 10.81 -6.61 -17.50
CA ARG A 68 11.69 -6.05 -18.53
C ARG A 68 10.86 -5.57 -19.73
N HIS A 69 9.80 -6.29 -20.03
CA HIS A 69 8.93 -5.95 -21.16
C HIS A 69 8.75 -4.44 -21.26
N SER A 70 8.21 -3.84 -20.19
CA SER A 70 7.98 -2.41 -20.16
C SER A 70 9.03 -1.70 -19.31
N ARG A 71 9.88 -2.49 -18.65
CA ARG A 71 10.93 -1.95 -17.81
C ARG A 71 10.34 -1.22 -16.61
N VAL A 72 9.38 -1.86 -15.95
CA VAL A 72 8.73 -1.27 -14.78
C VAL A 72 8.62 -2.27 -13.64
N TYR A 73 9.00 -1.86 -12.44
CA TYR A 73 8.95 -2.72 -11.27
C TYR A 73 7.60 -2.61 -10.57
N THR A 74 6.91 -3.74 -10.45
CA THR A 74 5.60 -3.79 -9.81
C THR A 74 5.71 -4.28 -8.37
N PHE A 75 5.56 -3.36 -7.42
CA PHE A 75 5.64 -3.70 -6.01
C PHE A 75 4.25 -3.75 -5.38
N GLU A 76 4.09 -4.62 -4.40
CA GLU A 76 2.80 -4.76 -3.71
C GLU A 76 3.01 -4.97 -2.21
N MET A 77 1.92 -4.89 -1.46
CA MET A 77 1.97 -5.07 -0.01
C MET A 77 0.86 -5.99 0.47
N GLN A 78 1.20 -7.24 0.75
CA GLN A 78 0.22 -8.21 1.21
C GLN A 78 0.13 -8.21 2.74
N ILE A 79 -1.01 -7.75 3.25
CA ILE A 79 -1.22 -7.70 4.69
C ILE A 79 -2.14 -8.83 5.16
N ILE A 80 -1.60 -9.73 5.97
CA ILE A 80 -2.39 -10.85 6.48
C ILE A 80 -2.83 -10.59 7.91
N LYS A 81 -4.11 -10.85 8.18
CA LYS A 81 -4.68 -10.64 9.51
C LYS A 81 -4.64 -9.16 9.90
N ALA A 82 -5.07 -8.31 8.98
CA ALA A 82 -5.08 -6.87 9.22
C ALA A 82 -5.81 -6.55 10.53
N LYS A 83 -5.03 -6.27 11.57
CA LYS A 83 -5.58 -5.94 12.87
C LYS A 83 -6.00 -4.48 12.94
N ASP A 84 -6.74 -4.12 13.98
CA ASP A 84 -7.21 -2.75 14.15
C ASP A 84 -6.04 -1.77 14.19
N ASN A 85 -4.86 -2.28 14.54
CA ASN A 85 -3.66 -1.47 14.61
C ASN A 85 -3.17 -1.08 13.22
N PHE A 86 -3.59 -1.87 12.23
CA PHE A 86 -3.19 -1.61 10.84
C PHE A 86 -3.93 -0.41 10.27
N ALA A 87 -5.00 -0.01 10.95
CA ALA A 87 -5.80 1.13 10.51
C ALA A 87 -5.16 2.45 10.95
N GLY A 88 -4.78 3.26 9.96
CA GLY A 88 -4.16 4.54 10.27
C GLY A 88 -3.57 5.20 9.04
N ASN A 89 -2.41 5.81 9.20
CA ASN A 89 -1.73 6.49 8.10
C ASN A 89 -0.59 5.63 7.54
N TYR A 90 -0.40 5.69 6.23
CA TYR A 90 0.65 4.92 5.58
C TYR A 90 1.50 5.80 4.69
N ARG A 91 2.80 5.52 4.64
CA ARG A 91 3.73 6.30 3.82
C ARG A 91 4.54 5.39 2.91
N CYS A 92 4.94 5.91 1.76
CA CYS A 92 5.73 5.14 0.80
C CYS A 92 6.96 5.93 0.36
N GLU A 93 8.11 5.26 0.36
CA GLU A 93 9.36 5.89 -0.04
C GLU A 93 10.09 5.05 -1.09
N VAL A 94 10.33 5.65 -2.25
CA VAL A 94 11.02 4.96 -3.33
C VAL A 94 12.17 5.79 -3.88
N THR A 95 13.34 5.17 -4.02
CA THR A 95 14.51 5.85 -4.52
C THR A 95 15.18 5.05 -5.64
N TYR A 96 14.92 5.44 -6.88
CA TYR A 96 15.48 4.76 -8.04
C TYR A 96 16.93 5.19 -8.26
N LYS A 97 17.11 6.38 -8.81
CA LYS A 97 18.43 6.91 -9.08
C LYS A 97 18.53 8.37 -8.64
N ASP A 98 17.95 9.27 -9.43
CA ASP A 98 17.98 10.69 -9.12
C ASP A 98 16.56 11.24 -8.99
N LYS A 99 15.58 10.34 -8.95
CA LYS A 99 14.19 10.74 -8.82
C LYS A 99 13.50 9.95 -7.70
N PHE A 100 13.20 10.63 -6.60
CA PHE A 100 12.54 9.99 -5.46
C PHE A 100 11.16 10.60 -5.23
N ASP A 101 10.18 9.75 -4.97
CA ASP A 101 8.82 10.20 -4.72
C ASP A 101 8.25 9.55 -3.46
N SER A 102 7.44 10.31 -2.73
CA SER A 102 6.83 9.82 -1.50
C SER A 102 5.34 10.11 -1.47
N CYS A 103 4.54 9.06 -1.24
CA CYS A 103 3.10 9.21 -1.19
C CYS A 103 2.51 8.49 0.02
N SER A 104 1.60 9.15 0.72
CA SER A 104 0.99 8.58 1.91
C SER A 104 -0.51 8.37 1.69
N PHE A 105 -1.02 7.21 2.10
CA PHE A 105 -2.42 6.89 1.95
C PHE A 105 -3.08 6.65 3.31
N ASP A 106 -4.34 6.24 3.29
CA ASP A 106 -5.08 5.96 4.52
C ASP A 106 -5.68 4.57 4.49
N LEU A 107 -5.44 3.80 5.55
CA LEU A 107 -5.96 2.44 5.64
C LEU A 107 -6.95 2.31 6.80
N GLU A 108 -8.15 1.87 6.50
CA GLU A 108 -9.18 1.70 7.52
C GLU A 108 -9.38 0.22 7.86
N VAL A 109 -9.75 -0.05 9.11
CA VAL A 109 -9.97 -1.41 9.56
C VAL A 109 -11.30 -1.54 10.30
N HIS A 110 -12.21 -2.33 9.74
CA HIS A 110 -13.51 -2.54 10.36
C HIS A 110 -13.58 -3.89 11.07
N GLU A 111 -14.31 -3.93 12.18
CA GLU A 111 -14.45 -5.16 12.95
C GLU A 111 -15.12 -6.25 12.12
N SER A 112 -14.49 -7.42 12.07
CA SER A 112 -15.04 -8.54 11.31
C SER A 112 -16.11 -9.28 12.11
N THR A 113 -17.09 -9.83 11.41
CA THR A 113 -18.17 -10.57 12.04
C THR A 113 -18.04 -12.07 11.82
N GLY A 114 -17.32 -12.73 12.72
CA GLY A 114 -17.13 -14.17 12.59
C GLY A 114 -18.44 -14.92 12.55
N THR A 115 -18.44 -16.09 11.91
CA THR A 115 -19.63 -16.91 11.79
C THR A 115 -19.30 -18.39 11.97
N THR A 116 -20.24 -19.13 12.54
CA THR A 116 -20.06 -20.56 12.76
C THR A 116 -20.17 -21.35 11.45
N PRO A 117 -19.36 -22.40 11.33
CA PRO A 117 -19.35 -23.25 10.13
C PRO A 117 -20.61 -24.10 10.02
N ASN A 118 -20.75 -24.81 8.90
CA ASN A 118 -21.91 -25.66 8.67
C ASN A 118 -21.58 -26.77 7.67
N ILE A 119 -22.57 -27.61 7.40
CA ILE A 119 -22.39 -28.71 6.46
C ILE A 119 -22.25 -28.20 5.02
N ASP A 120 -21.08 -28.39 4.45
CA ASP A 120 -20.81 -27.95 3.08
C ASP A 120 -21.57 -26.66 2.77
N SER A 121 -21.43 -25.68 3.64
CA SER A 121 -22.11 -24.40 3.47
C SER A 121 -21.12 -23.31 3.07
N GLY A 122 -20.92 -23.14 1.76
CA GLY A 122 -20.00 -22.13 1.27
C GLY A 122 -18.55 -22.52 1.48
N PRO A 123 -17.65 -21.90 0.71
CA PRO A 123 -16.22 -22.18 0.78
C PRO A 123 -15.60 -21.67 2.08
N SER A 124 -14.71 -22.47 2.67
CA SER A 124 -14.05 -22.10 3.92
C SER A 124 -12.57 -21.86 3.69
N SER A 125 -12.24 -21.19 2.59
CA SER A 125 -10.86 -20.89 2.26
C SER A 125 -10.75 -19.56 1.50
N GLY A 126 -9.86 -18.69 1.96
CA GLY A 126 -9.68 -17.41 1.32
C GLY A 126 -8.23 -17.15 0.94
N GLY A 1 12.99 22.80 1.49
CA GLY A 1 12.78 21.70 2.43
C GLY A 1 13.41 20.41 1.95
N SER A 2 12.60 19.39 1.75
CA SER A 2 13.10 18.09 1.31
C SER A 2 12.45 17.69 -0.01
N SER A 3 11.12 17.55 0.00
CA SER A 3 10.39 17.17 -1.19
C SER A 3 9.78 18.39 -1.88
N GLY A 4 9.33 18.21 -3.12
CA GLY A 4 8.74 19.31 -3.86
C GLY A 4 9.50 19.64 -5.12
N SER A 5 9.25 18.87 -6.17
CA SER A 5 9.93 19.08 -7.46
C SER A 5 9.00 18.78 -8.62
N SER A 6 9.35 19.29 -9.80
CA SER A 6 8.54 19.08 -11.00
C SER A 6 9.04 17.89 -11.79
N GLY A 7 8.44 16.72 -11.55
CA GLY A 7 8.83 15.51 -12.24
C GLY A 7 8.44 14.26 -11.49
N ILE A 8 7.31 13.68 -11.86
CA ILE A 8 6.82 12.46 -11.21
C ILE A 8 7.11 11.23 -12.07
N LEU A 9 7.96 10.36 -11.58
CA LEU A 9 8.33 9.14 -12.30
C LEU A 9 7.39 7.99 -11.92
N PHE A 10 7.01 7.93 -10.64
CA PHE A 10 6.12 6.89 -10.16
C PHE A 10 4.86 6.80 -11.02
N ILE A 11 4.79 5.76 -11.84
CA ILE A 11 3.64 5.55 -12.71
C ILE A 11 2.34 5.50 -11.91
N GLU A 12 2.11 4.39 -11.23
CA GLU A 12 0.91 4.21 -10.42
C GLU A 12 1.20 4.50 -8.95
N LYS A 13 0.15 4.77 -8.19
CA LYS A 13 0.27 5.05 -6.77
C LYS A 13 -0.66 4.17 -5.95
N PRO A 14 -0.17 3.72 -4.78
CA PRO A 14 -0.96 2.87 -3.87
C PRO A 14 -2.12 3.63 -3.23
N GLN A 15 -3.34 3.27 -3.61
CA GLN A 15 -4.53 3.91 -3.06
C GLN A 15 -5.03 3.17 -1.83
N GLY A 16 -4.90 3.81 -0.67
CA GLY A 16 -5.34 3.19 0.57
C GLY A 16 -6.73 2.61 0.47
N GLY A 17 -7.14 1.84 1.47
CA GLY A 17 -8.45 1.23 1.47
C GLY A 17 -8.93 0.86 2.85
N THR A 18 -9.86 -0.09 2.93
CA THR A 18 -10.39 -0.54 4.20
C THR A 18 -10.50 -2.05 4.25
N VAL A 19 -9.70 -2.68 5.10
CA VAL A 19 -9.70 -4.13 5.25
C VAL A 19 -10.32 -4.54 6.57
N LYS A 20 -11.10 -5.62 6.55
CA LYS A 20 -11.75 -6.12 7.76
C LYS A 20 -10.75 -6.82 8.66
N VAL A 21 -11.04 -6.84 9.96
CA VAL A 21 -10.16 -7.47 10.94
C VAL A 21 -9.99 -8.96 10.64
N GLY A 22 -8.77 -9.37 10.36
CA GLY A 22 -8.49 -10.76 10.07
C GLY A 22 -8.44 -11.04 8.58
N GLU A 23 -8.92 -10.10 7.78
CA GLU A 23 -8.93 -10.25 6.33
C GLU A 23 -7.53 -10.03 5.76
N ASP A 24 -7.43 -10.06 4.43
CA ASP A 24 -6.16 -9.85 3.76
C ASP A 24 -6.30 -8.85 2.62
N ILE A 25 -5.55 -7.75 2.71
CA ILE A 25 -5.58 -6.71 1.69
C ILE A 25 -4.22 -6.56 1.01
N THR A 26 -4.24 -6.07 -0.22
CA THR A 26 -3.01 -5.88 -0.99
C THR A 26 -3.04 -4.55 -1.73
N PHE A 27 -1.92 -3.84 -1.71
CA PHE A 27 -1.81 -2.56 -2.38
C PHE A 27 -0.95 -2.67 -3.64
N ILE A 28 -1.22 -1.81 -4.61
CA ILE A 28 -0.46 -1.81 -5.87
C ILE A 28 0.30 -0.51 -6.05
N ALA A 29 1.53 -0.62 -6.57
CA ALA A 29 2.36 0.55 -6.79
C ALA A 29 3.42 0.27 -7.86
N LYS A 30 3.29 0.95 -8.99
CA LYS A 30 4.23 0.77 -10.10
C LYS A 30 5.19 1.95 -10.20
N VAL A 31 6.28 1.77 -10.93
CA VAL A 31 7.27 2.83 -11.10
C VAL A 31 7.99 2.70 -12.44
N LYS A 32 8.16 3.83 -13.13
CA LYS A 32 8.83 3.84 -14.42
C LYS A 32 10.34 3.73 -14.26
N ALA A 33 10.93 2.75 -14.93
CA ALA A 33 12.37 2.54 -14.86
C ALA A 33 13.01 2.58 -16.25
N GLU A 34 14.33 2.72 -16.29
CA GLU A 34 15.05 2.78 -17.55
C GLU A 34 16.21 1.80 -17.56
N ASP A 35 16.94 1.75 -16.45
CA ASP A 35 18.08 0.85 -16.33
C ASP A 35 17.68 -0.47 -15.69
N LEU A 36 18.38 -1.54 -16.05
CA LEU A 36 18.08 -2.87 -15.52
C LEU A 36 19.01 -3.20 -14.35
N LEU A 37 20.28 -2.84 -14.49
CA LEU A 37 21.27 -3.09 -13.45
C LEU A 37 20.80 -2.55 -12.10
N ARG A 38 20.26 -1.34 -12.12
CA ARG A 38 19.77 -0.71 -10.90
C ARG A 38 18.29 -1.00 -10.69
N LYS A 39 17.88 -1.08 -9.43
CA LYS A 39 16.48 -1.35 -9.10
C LYS A 39 16.03 -0.51 -7.90
N PRO A 40 14.93 0.23 -8.09
CA PRO A 40 14.37 1.09 -7.05
C PRO A 40 13.76 0.29 -5.90
N THR A 41 14.13 0.65 -4.67
CA THR A 41 13.63 -0.03 -3.49
C THR A 41 12.43 0.71 -2.89
N ILE A 42 11.45 -0.05 -2.42
CA ILE A 42 10.25 0.54 -1.83
C ILE A 42 10.19 0.26 -0.33
N LYS A 43 9.86 1.29 0.44
CA LYS A 43 9.76 1.16 1.89
C LYS A 43 8.42 1.64 2.39
N TRP A 44 7.65 0.72 2.97
CA TRP A 44 6.32 1.05 3.49
C TRP A 44 6.40 1.48 4.95
N PHE A 45 5.97 2.72 5.22
CA PHE A 45 5.99 3.25 6.58
C PHE A 45 4.58 3.41 7.12
N LYS A 46 4.44 3.31 8.45
CA LYS A 46 3.15 3.45 9.09
C LYS A 46 3.22 4.46 10.24
N GLY A 47 2.06 5.01 10.60
CA GLY A 47 2.02 5.99 11.67
C GLY A 47 2.89 7.19 11.41
N LYS A 48 3.76 7.51 12.35
CA LYS A 48 4.66 8.66 12.22
C LYS A 48 6.04 8.21 11.76
N TRP A 49 6.66 7.33 12.55
CA TRP A 49 7.98 6.81 12.23
C TRP A 49 8.02 5.30 12.32
N MET A 50 6.91 4.65 11.97
CA MET A 50 6.82 3.20 12.01
C MET A 50 7.31 2.58 10.71
N ASP A 51 8.16 1.57 10.82
CA ASP A 51 8.70 0.89 9.65
C ASP A 51 8.08 -0.49 9.48
N LEU A 52 7.20 -0.63 8.49
CA LEU A 52 6.53 -1.89 8.23
C LEU A 52 7.52 -2.93 7.70
N ALA A 53 8.57 -2.45 7.04
CA ALA A 53 9.59 -3.33 6.48
C ALA A 53 10.03 -4.37 7.49
N SER A 54 10.50 -3.90 8.65
CA SER A 54 10.97 -4.78 9.70
C SER A 54 9.80 -5.55 10.33
N LYS A 55 8.61 -4.98 10.22
CA LYS A 55 7.41 -5.61 10.77
C LYS A 55 6.97 -6.80 9.91
N ALA A 56 7.21 -6.70 8.60
CA ALA A 56 6.86 -7.77 7.67
C ALA A 56 7.49 -9.09 8.09
N GLY A 57 6.66 -10.04 8.48
CA GLY A 57 7.17 -11.34 8.89
C GLY A 57 6.16 -12.45 8.67
N LYS A 58 5.06 -12.40 9.41
CA LYS A 58 4.01 -13.41 9.30
C LYS A 58 2.66 -12.76 8.99
N HIS A 59 2.21 -11.91 9.90
CA HIS A 59 0.93 -11.22 9.72
C HIS A 59 0.99 -10.27 8.53
N LEU A 60 2.20 -9.89 8.13
CA LEU A 60 2.39 -8.98 7.01
C LEU A 60 3.44 -9.53 6.04
N GLN A 61 3.24 -9.27 4.75
CA GLN A 61 4.17 -9.73 3.74
C GLN A 61 4.19 -8.78 2.54
N LEU A 62 5.37 -8.29 2.19
CA LEU A 62 5.53 -7.37 1.08
C LEU A 62 5.81 -8.12 -0.21
N LYS A 63 5.66 -7.44 -1.34
CA LYS A 63 5.90 -8.05 -2.65
C LYS A 63 6.61 -7.07 -3.58
N GLU A 64 7.48 -7.59 -4.43
CA GLU A 64 8.23 -6.77 -5.38
C GLU A 64 8.59 -7.56 -6.63
N THR A 65 8.26 -7.01 -7.79
CA THR A 65 8.54 -7.66 -9.06
C THR A 65 9.06 -6.66 -10.09
N PHE A 66 9.61 -7.18 -11.19
CA PHE A 66 10.13 -6.33 -12.26
C PHE A 66 9.68 -6.82 -13.62
N GLU A 67 9.49 -5.89 -14.55
CA GLU A 67 9.06 -6.23 -15.90
C GLU A 67 9.98 -5.60 -16.94
N ARG A 68 10.93 -6.40 -17.43
CA ARG A 68 11.88 -5.93 -18.43
C ARG A 68 11.18 -5.60 -19.74
N HIS A 69 10.01 -6.21 -19.94
CA HIS A 69 9.23 -5.98 -21.16
C HIS A 69 9.00 -4.49 -21.39
N SER A 70 8.64 -3.78 -20.32
CA SER A 70 8.38 -2.35 -20.41
C SER A 70 9.31 -1.58 -19.49
N ARG A 71 10.22 -2.30 -18.84
CA ARG A 71 11.19 -1.68 -17.93
C ARG A 71 10.47 -0.97 -16.78
N VAL A 72 9.36 -1.55 -16.35
CA VAL A 72 8.58 -0.98 -15.25
C VAL A 72 8.48 -1.96 -14.08
N TYR A 73 8.74 -1.46 -12.87
CA TYR A 73 8.69 -2.30 -11.68
C TYR A 73 7.30 -2.24 -11.04
N THR A 74 6.96 -3.28 -10.29
CA THR A 74 5.67 -3.35 -9.63
C THR A 74 5.81 -3.87 -8.20
N PHE A 75 5.50 -3.01 -7.23
CA PHE A 75 5.59 -3.38 -5.83
C PHE A 75 4.21 -3.51 -5.20
N GLU A 76 4.07 -4.40 -4.24
CA GLU A 76 2.79 -4.62 -3.56
C GLU A 76 3.01 -4.87 -2.07
N MET A 77 1.92 -4.79 -1.30
CA MET A 77 1.99 -5.01 0.15
C MET A 77 0.86 -5.92 0.60
N GLN A 78 1.17 -7.19 0.84
CA GLN A 78 0.17 -8.15 1.28
C GLN A 78 0.05 -8.16 2.80
N ILE A 79 -1.07 -7.65 3.29
CA ILE A 79 -1.31 -7.59 4.74
C ILE A 79 -2.27 -8.70 5.18
N ILE A 80 -1.75 -9.65 5.95
CA ILE A 80 -2.55 -10.76 6.44
C ILE A 80 -3.04 -10.50 7.86
N LYS A 81 -4.24 -10.98 8.17
CA LYS A 81 -4.82 -10.80 9.49
C LYS A 81 -4.71 -9.34 9.94
N ALA A 82 -5.11 -8.43 9.06
CA ALA A 82 -5.07 -7.01 9.36
C ALA A 82 -5.80 -6.69 10.67
N LYS A 83 -5.03 -6.33 11.70
CA LYS A 83 -5.61 -6.00 12.99
C LYS A 83 -5.97 -4.52 13.08
N ASP A 84 -6.73 -4.17 14.11
CA ASP A 84 -7.16 -2.78 14.30
C ASP A 84 -5.95 -1.85 14.37
N ASN A 85 -4.78 -2.41 14.66
CA ASN A 85 -3.56 -1.64 14.76
C ASN A 85 -3.04 -1.27 13.38
N PHE A 86 -3.48 -2.01 12.36
CA PHE A 86 -3.06 -1.76 11.00
C PHE A 86 -3.77 -0.53 10.42
N ALA A 87 -4.81 -0.08 11.11
CA ALA A 87 -5.57 1.07 10.67
C ALA A 87 -4.91 2.37 11.13
N GLY A 88 -4.43 3.16 10.16
CA GLY A 88 -3.78 4.41 10.47
C GLY A 88 -3.33 5.16 9.24
N ASN A 89 -2.17 5.81 9.33
CA ASN A 89 -1.64 6.57 8.21
C ASN A 89 -0.40 5.88 7.62
N TYR A 90 -0.50 5.48 6.36
CA TYR A 90 0.62 4.82 5.69
C TYR A 90 1.41 5.81 4.84
N ARG A 91 2.66 5.45 4.56
CA ARG A 91 3.52 6.32 3.77
C ARG A 91 4.43 5.48 2.87
N CYS A 92 4.33 5.69 1.56
CA CYS A 92 5.14 4.96 0.59
C CYS A 92 6.30 5.81 0.10
N GLU A 93 7.49 5.22 0.08
CA GLU A 93 8.69 5.93 -0.37
C GLU A 93 9.50 5.06 -1.33
N VAL A 94 9.66 5.54 -2.57
CA VAL A 94 10.41 4.80 -3.57
C VAL A 94 11.50 5.68 -4.18
N THR A 95 12.74 5.45 -3.78
CA THR A 95 13.87 6.23 -4.30
C THR A 95 14.59 5.47 -5.40
N TYR A 96 14.67 6.07 -6.58
CA TYR A 96 15.34 5.46 -7.72
C TYR A 96 16.56 6.27 -8.14
N LYS A 97 17.64 5.57 -8.46
CA LYS A 97 18.88 6.22 -8.88
C LYS A 97 18.58 7.49 -9.67
N ASP A 98 17.67 7.39 -10.63
CA ASP A 98 17.29 8.54 -11.44
C ASP A 98 16.59 9.60 -10.60
N LYS A 99 15.36 9.31 -10.19
CA LYS A 99 14.59 10.24 -9.38
C LYS A 99 13.93 9.52 -8.20
N PHE A 100 13.52 10.30 -7.21
CA PHE A 100 12.89 9.74 -6.02
C PHE A 100 11.48 10.30 -5.84
N ASP A 101 10.51 9.41 -5.70
CA ASP A 101 9.11 9.82 -5.52
C ASP A 101 8.56 9.28 -4.20
N SER A 102 7.52 9.93 -3.69
CA SER A 102 6.89 9.51 -2.45
C SER A 102 5.39 9.78 -2.47
N CYS A 103 4.65 8.98 -1.72
CA CYS A 103 3.19 9.13 -1.66
C CYS A 103 2.63 8.40 -0.45
N SER A 104 1.73 9.07 0.27
CA SER A 104 1.11 8.49 1.46
C SER A 104 -0.37 8.22 1.23
N PHE A 105 -0.94 7.31 2.01
CA PHE A 105 -2.34 6.95 1.89
C PHE A 105 -2.96 6.69 3.27
N ASP A 106 -4.23 6.28 3.27
CA ASP A 106 -4.93 5.99 4.51
C ASP A 106 -5.53 4.60 4.48
N LEU A 107 -5.40 3.87 5.59
CA LEU A 107 -5.95 2.52 5.69
C LEU A 107 -6.93 2.41 6.85
N GLU A 108 -8.10 1.86 6.57
CA GLU A 108 -9.13 1.69 7.59
C GLU A 108 -9.31 0.22 7.93
N VAL A 109 -9.70 -0.06 9.18
CA VAL A 109 -9.92 -1.43 9.64
C VAL A 109 -11.25 -1.57 10.36
N HIS A 110 -12.14 -2.38 9.79
CA HIS A 110 -13.45 -2.60 10.39
C HIS A 110 -13.51 -3.94 11.11
N GLU A 111 -14.23 -3.97 12.23
CA GLU A 111 -14.36 -5.19 13.02
C GLU A 111 -15.05 -6.29 12.22
N SER A 112 -14.44 -7.46 12.19
CA SER A 112 -15.00 -8.59 11.45
C SER A 112 -16.12 -9.25 12.24
N THR A 113 -15.79 -9.74 13.43
CA THR A 113 -16.76 -10.41 14.29
C THR A 113 -18.01 -9.55 14.46
N GLY A 114 -19.12 -10.20 14.81
CA GLY A 114 -20.37 -9.47 14.99
C GLY A 114 -21.31 -9.62 13.81
N THR A 115 -22.38 -8.83 13.80
CA THR A 115 -23.35 -8.88 12.72
C THR A 115 -23.04 -7.86 11.64
N THR A 116 -23.27 -8.24 10.39
CA THR A 116 -23.01 -7.35 9.26
C THR A 116 -24.31 -6.94 8.57
N PRO A 117 -24.38 -5.67 8.16
CA PRO A 117 -25.55 -5.11 7.48
C PRO A 117 -25.73 -5.69 6.08
N ASN A 118 -26.88 -5.40 5.47
CA ASN A 118 -27.18 -5.89 4.13
C ASN A 118 -28.13 -4.94 3.40
N ILE A 119 -28.16 -5.04 2.08
CA ILE A 119 -29.03 -4.20 1.27
C ILE A 119 -29.98 -5.04 0.42
N ASP A 120 -31.22 -4.57 0.29
CA ASP A 120 -32.22 -5.28 -0.49
C ASP A 120 -32.04 -5.01 -1.98
N SER A 121 -32.06 -6.07 -2.78
CA SER A 121 -31.88 -5.94 -4.23
C SER A 121 -32.55 -7.11 -4.95
N GLY A 122 -32.94 -6.87 -6.20
CA GLY A 122 -33.59 -7.91 -6.99
C GLY A 122 -32.90 -8.13 -8.32
N PRO A 123 -32.68 -9.42 -8.67
CA PRO A 123 -32.03 -9.79 -9.92
C PRO A 123 -32.91 -9.51 -11.15
N SER A 124 -32.32 -9.60 -12.33
CA SER A 124 -33.05 -9.36 -13.57
C SER A 124 -32.67 -10.38 -14.63
N SER A 125 -33.68 -10.98 -15.26
CA SER A 125 -33.46 -11.97 -16.29
C SER A 125 -32.75 -11.36 -17.51
N GLY A 126 -31.87 -12.13 -18.13
CA GLY A 126 -31.15 -11.64 -19.29
C GLY A 126 -31.03 -12.69 -20.38
N GLY A 1 14.93 21.13 -13.15
CA GLY A 1 15.24 21.59 -11.81
C GLY A 1 14.26 22.62 -11.31
N SER A 2 13.08 22.17 -10.91
CA SER A 2 12.04 23.06 -10.42
C SER A 2 11.21 22.39 -9.33
N SER A 3 10.45 23.18 -8.58
CA SER A 3 9.62 22.66 -7.50
C SER A 3 8.13 22.82 -7.84
N GLY A 4 7.53 21.74 -8.33
CA GLY A 4 6.12 21.78 -8.68
C GLY A 4 5.74 20.70 -9.67
N SER A 5 4.88 19.78 -9.23
CA SER A 5 4.44 18.69 -10.09
C SER A 5 5.62 18.12 -10.89
N SER A 6 6.79 18.13 -10.29
CA SER A 6 8.00 17.62 -10.95
C SER A 6 8.26 16.18 -10.55
N GLY A 7 8.03 15.26 -11.49
CA GLY A 7 8.24 13.85 -11.21
C GLY A 7 7.43 12.95 -12.12
N ILE A 8 8.04 11.88 -12.60
CA ILE A 8 7.37 10.93 -13.48
C ILE A 8 7.38 9.53 -12.90
N LEU A 9 8.23 9.31 -11.89
CA LEU A 9 8.33 8.02 -11.24
C LEU A 9 7.03 7.66 -10.54
N PHE A 10 7.03 6.53 -9.83
CA PHE A 10 5.86 6.07 -9.10
C PHE A 10 4.58 6.39 -9.88
N ILE A 11 4.54 5.96 -11.13
CA ILE A 11 3.38 6.21 -11.98
C ILE A 11 2.08 5.86 -11.25
N GLU A 12 2.11 4.76 -10.50
CA GLU A 12 0.93 4.32 -9.75
C GLU A 12 1.12 4.58 -8.26
N LYS A 13 0.07 5.10 -7.63
CA LYS A 13 0.11 5.39 -6.20
C LYS A 13 -1.00 4.65 -5.46
N PRO A 14 -0.62 3.91 -4.40
CA PRO A 14 -1.58 3.14 -3.60
C PRO A 14 -2.49 4.04 -2.76
N GLN A 15 -3.73 4.18 -3.20
CA GLN A 15 -4.70 5.00 -2.50
C GLN A 15 -5.30 4.26 -1.30
N GLY A 16 -4.44 3.59 -0.55
CA GLY A 16 -4.89 2.84 0.61
C GLY A 16 -6.17 2.06 0.33
N GLY A 17 -6.80 1.57 1.39
CA GLY A 17 -8.03 0.82 1.25
C GLY A 17 -8.68 0.47 2.57
N THR A 18 -9.55 -0.53 2.57
CA THR A 18 -10.23 -0.94 3.78
C THR A 18 -10.32 -2.47 3.86
N VAL A 19 -9.61 -3.05 4.81
CA VAL A 19 -9.61 -4.50 5.00
C VAL A 19 -10.25 -4.88 6.33
N LYS A 20 -11.02 -5.96 6.32
CA LYS A 20 -11.68 -6.44 7.53
C LYS A 20 -10.68 -7.10 8.47
N VAL A 21 -10.99 -7.08 9.76
CA VAL A 21 -10.12 -7.68 10.77
C VAL A 21 -9.96 -9.18 10.52
N GLY A 22 -8.74 -9.60 10.26
CA GLY A 22 -8.47 -11.01 10.02
C GLY A 22 -8.43 -11.35 8.54
N GLU A 23 -8.71 -10.35 7.70
CA GLU A 23 -8.72 -10.56 6.26
C GLU A 23 -7.34 -10.30 5.67
N ASP A 24 -7.22 -10.44 4.35
CA ASP A 24 -5.95 -10.23 3.67
C ASP A 24 -6.10 -9.19 2.56
N ILE A 25 -5.28 -8.15 2.62
CA ILE A 25 -5.33 -7.08 1.62
C ILE A 25 -3.96 -6.90 0.95
N THR A 26 -3.98 -6.44 -0.30
CA THR A 26 -2.75 -6.22 -1.04
C THR A 26 -2.82 -4.92 -1.85
N PHE A 27 -1.79 -4.10 -1.72
CA PHE A 27 -1.73 -2.83 -2.44
C PHE A 27 -0.88 -2.96 -3.69
N ILE A 28 -1.15 -2.10 -4.67
CA ILE A 28 -0.40 -2.11 -5.93
C ILE A 28 0.38 -0.82 -6.11
N ALA A 29 1.62 -0.95 -6.57
CA ALA A 29 2.48 0.21 -6.79
C ALA A 29 3.45 -0.04 -7.95
N LYS A 30 3.53 0.93 -8.86
CA LYS A 30 4.42 0.81 -10.01
C LYS A 30 5.49 1.89 -9.97
N VAL A 31 6.58 1.66 -10.71
CA VAL A 31 7.68 2.62 -10.75
C VAL A 31 8.30 2.68 -12.15
N LYS A 32 8.39 3.88 -12.71
CA LYS A 32 8.96 4.07 -14.03
C LYS A 32 10.48 3.96 -14.00
N ALA A 33 11.00 2.93 -14.64
CA ALA A 33 12.45 2.71 -14.69
C ALA A 33 12.96 2.75 -16.12
N GLU A 34 14.26 3.01 -16.27
CA GLU A 34 14.88 3.08 -17.59
C GLU A 34 15.95 1.99 -17.74
N ASP A 35 16.71 1.77 -16.68
CA ASP A 35 17.77 0.76 -16.70
C ASP A 35 17.29 -0.54 -16.07
N LEU A 36 17.38 -1.63 -16.83
CA LEU A 36 16.96 -2.94 -16.34
C LEU A 36 17.78 -3.37 -15.13
N LEU A 37 19.09 -3.14 -15.20
CA LEU A 37 19.99 -3.50 -14.11
C LEU A 37 19.58 -2.81 -12.82
N ARG A 38 19.48 -1.48 -12.87
CA ARG A 38 19.08 -0.70 -11.70
C ARG A 38 17.67 -1.05 -11.25
N LYS A 39 17.50 -1.26 -9.96
CA LYS A 39 16.19 -1.60 -9.40
C LYS A 39 15.87 -0.74 -8.19
N PRO A 40 14.80 0.08 -8.31
CA PRO A 40 14.37 0.97 -7.24
C PRO A 40 13.78 0.21 -6.06
N THR A 41 14.18 0.59 -4.85
CA THR A 41 13.69 -0.06 -3.64
C THR A 41 12.55 0.74 -3.02
N ILE A 42 11.52 0.03 -2.57
CA ILE A 42 10.37 0.67 -1.95
C ILE A 42 10.28 0.33 -0.46
N LYS A 43 10.04 1.35 0.36
CA LYS A 43 9.93 1.15 1.80
C LYS A 43 8.57 1.65 2.31
N TRP A 44 7.80 0.74 2.88
CA TRP A 44 6.48 1.07 3.41
C TRP A 44 6.58 1.54 4.86
N PHE A 45 5.96 2.67 5.15
CA PHE A 45 5.98 3.23 6.50
C PHE A 45 4.55 3.50 7.00
N LYS A 46 4.42 3.70 8.31
CA LYS A 46 3.13 3.96 8.91
C LYS A 46 3.26 4.96 10.06
N GLY A 47 2.21 5.77 10.25
CA GLY A 47 2.23 6.76 11.32
C GLY A 47 3.32 7.79 11.13
N LYS A 48 4.09 8.03 12.18
CA LYS A 48 5.18 9.01 12.13
C LYS A 48 6.52 8.31 12.04
N TRP A 49 6.75 7.33 12.91
CA TRP A 49 8.00 6.58 12.93
C TRP A 49 7.76 5.11 12.60
N MET A 50 6.63 4.59 13.06
CA MET A 50 6.28 3.19 12.81
C MET A 50 6.60 2.79 11.38
N ASP A 51 7.47 1.80 11.23
CA ASP A 51 7.86 1.32 9.91
C ASP A 51 7.32 -0.08 9.65
N LEU A 52 6.54 -0.22 8.59
CA LEU A 52 5.95 -1.50 8.23
C LEU A 52 7.02 -2.48 7.75
N ALA A 53 7.98 -1.97 6.98
CA ALA A 53 9.06 -2.80 6.47
C ALA A 53 9.57 -3.77 7.54
N SER A 54 9.62 -3.30 8.78
CA SER A 54 10.09 -4.13 9.88
C SER A 54 8.97 -5.02 10.40
N LYS A 55 7.73 -4.58 10.24
CA LYS A 55 6.58 -5.34 10.68
C LYS A 55 6.39 -6.60 9.83
N ALA A 56 6.86 -6.54 8.59
CA ALA A 56 6.75 -7.66 7.67
C ALA A 56 7.47 -8.90 8.23
N GLY A 57 6.70 -9.90 8.61
CA GLY A 57 7.28 -11.11 9.15
C GLY A 57 6.34 -12.31 9.06
N LYS A 58 5.23 -12.24 9.80
CA LYS A 58 4.25 -13.32 9.79
C LYS A 58 2.86 -12.79 9.47
N HIS A 59 2.45 -11.75 10.18
CA HIS A 59 1.14 -11.14 9.96
C HIS A 59 1.16 -10.21 8.76
N LEU A 60 2.37 -9.87 8.31
CA LEU A 60 2.53 -8.98 7.16
C LEU A 60 3.62 -9.50 6.23
N GLN A 61 3.41 -9.31 4.92
CA GLN A 61 4.37 -9.75 3.92
C GLN A 61 4.36 -8.84 2.71
N LEU A 62 5.54 -8.30 2.37
CA LEU A 62 5.66 -7.40 1.23
C LEU A 62 5.97 -8.18 -0.05
N LYS A 63 5.82 -7.51 -1.19
CA LYS A 63 6.09 -8.14 -2.48
C LYS A 63 6.77 -7.16 -3.43
N GLU A 64 7.58 -7.70 -4.34
CA GLU A 64 8.29 -6.87 -5.30
C GLU A 64 8.58 -7.66 -6.58
N THR A 65 8.27 -7.05 -7.72
CA THR A 65 8.49 -7.69 -9.02
C THR A 65 8.97 -6.68 -10.05
N PHE A 66 9.55 -7.18 -11.14
CA PHE A 66 10.05 -6.32 -12.20
C PHE A 66 9.42 -6.69 -13.54
N GLU A 67 9.21 -5.69 -14.39
CA GLU A 67 8.61 -5.91 -15.69
C GLU A 67 9.44 -5.24 -16.79
N ARG A 68 10.32 -6.01 -17.40
CA ARG A 68 11.18 -5.50 -18.47
C ARG A 68 10.35 -5.05 -19.67
N HIS A 69 9.21 -5.70 -19.86
CA HIS A 69 8.32 -5.36 -20.97
C HIS A 69 8.19 -3.85 -21.12
N SER A 70 7.95 -3.17 -20.01
CA SER A 70 7.80 -1.71 -20.01
C SER A 70 8.86 -1.06 -19.14
N ARG A 71 9.76 -1.86 -18.59
CA ARG A 71 10.84 -1.36 -17.74
C ARG A 71 10.27 -0.70 -16.49
N VAL A 72 9.14 -1.24 -16.00
CA VAL A 72 8.50 -0.70 -14.81
C VAL A 72 8.48 -1.72 -13.69
N TYR A 73 8.84 -1.28 -12.48
CA TYR A 73 8.88 -2.16 -11.33
C TYR A 73 7.56 -2.09 -10.54
N THR A 74 7.04 -3.24 -10.16
CA THR A 74 5.79 -3.31 -9.41
C THR A 74 6.02 -3.86 -8.01
N PHE A 75 5.62 -3.08 -7.01
CA PHE A 75 5.79 -3.50 -5.61
C PHE A 75 4.44 -3.55 -4.90
N GLU A 76 4.13 -4.71 -4.31
CA GLU A 76 2.88 -4.89 -3.60
C GLU A 76 3.11 -5.08 -2.11
N MET A 77 2.04 -5.00 -1.33
CA MET A 77 2.15 -5.15 0.12
C MET A 77 1.02 -6.04 0.64
N GLN A 78 1.35 -7.29 0.96
CA GLN A 78 0.37 -8.24 1.47
C GLN A 78 0.23 -8.11 2.99
N ILE A 79 -1.00 -7.95 3.45
CA ILE A 79 -1.27 -7.82 4.87
C ILE A 79 -2.18 -8.94 5.37
N ILE A 80 -1.60 -9.90 6.08
CA ILE A 80 -2.35 -11.03 6.61
C ILE A 80 -2.87 -10.72 8.02
N LYS A 81 -4.10 -11.13 8.28
CA LYS A 81 -4.72 -10.92 9.59
C LYS A 81 -4.67 -9.44 9.98
N ALA A 82 -5.02 -8.58 9.04
CA ALA A 82 -5.01 -7.13 9.28
C ALA A 82 -5.76 -6.79 10.56
N LYS A 83 -5.04 -6.22 11.52
CA LYS A 83 -5.64 -5.84 12.80
C LYS A 83 -6.14 -4.41 12.76
N ASP A 84 -7.03 -4.08 13.69
CA ASP A 84 -7.59 -2.73 13.77
C ASP A 84 -6.49 -1.69 13.94
N ASN A 85 -5.28 -2.17 14.24
CA ASN A 85 -4.14 -1.27 14.44
C ASN A 85 -3.45 -0.97 13.11
N PHE A 86 -3.73 -1.79 12.10
CA PHE A 86 -3.14 -1.61 10.79
C PHE A 86 -3.78 -0.43 10.06
N ALA A 87 -4.95 -0.01 10.53
CA ALA A 87 -5.66 1.10 9.92
C ALA A 87 -5.12 2.44 10.43
N GLY A 88 -4.42 3.16 9.57
CA GLY A 88 -3.86 4.44 9.95
C GLY A 88 -3.30 5.20 8.76
N ASN A 89 -2.16 5.85 8.97
CA ASN A 89 -1.51 6.61 7.91
C ASN A 89 -0.32 5.86 7.34
N TYR A 90 -0.42 5.46 6.07
CA TYR A 90 0.66 4.74 5.41
C TYR A 90 1.44 5.65 4.47
N ARG A 91 2.77 5.53 4.52
CA ARG A 91 3.63 6.34 3.67
C ARG A 91 4.62 5.47 2.90
N CYS A 92 4.64 5.63 1.58
CA CYS A 92 5.54 4.86 0.73
C CYS A 92 6.68 5.72 0.21
N GLU A 93 7.83 5.10 -0.01
CA GLU A 93 9.00 5.82 -0.50
C GLU A 93 9.81 4.95 -1.46
N VAL A 94 10.02 5.45 -2.67
CA VAL A 94 10.79 4.71 -3.67
C VAL A 94 11.98 5.53 -4.17
N THR A 95 13.17 5.17 -3.71
CA THR A 95 14.39 5.88 -4.10
C THR A 95 15.05 5.21 -5.29
N TYR A 96 15.32 5.98 -6.33
CA TYR A 96 15.96 5.45 -7.54
C TYR A 96 17.30 6.12 -7.78
N LYS A 97 17.96 5.74 -8.87
CA LYS A 97 19.25 6.30 -9.22
C LYS A 97 19.12 7.75 -9.69
N ASP A 98 18.33 7.95 -10.74
CA ASP A 98 18.11 9.29 -11.28
C ASP A 98 17.44 10.18 -10.24
N LYS A 99 16.16 9.95 -10.00
CA LYS A 99 15.40 10.74 -9.02
C LYS A 99 14.62 9.84 -8.09
N PHE A 100 14.08 10.43 -7.02
CA PHE A 100 13.31 9.68 -6.04
C PHE A 100 11.88 10.20 -5.96
N ASP A 101 10.94 9.33 -5.61
CA ASP A 101 9.54 9.69 -5.50
C ASP A 101 8.88 8.98 -4.33
N SER A 102 7.86 9.60 -3.75
CA SER A 102 7.15 9.02 -2.62
C SER A 102 5.68 9.43 -2.63
N CYS A 103 4.88 8.82 -1.75
CA CYS A 103 3.47 9.12 -1.67
C CYS A 103 2.92 8.81 -0.28
N SER A 104 1.69 9.21 -0.02
CA SER A 104 1.06 8.98 1.28
C SER A 104 -0.40 8.56 1.10
N PHE A 105 -0.88 7.72 2.02
CA PHE A 105 -2.25 7.25 1.97
C PHE A 105 -2.74 6.86 3.36
N ASP A 106 -3.97 6.35 3.43
CA ASP A 106 -4.56 5.94 4.70
C ASP A 106 -5.24 4.59 4.58
N LEU A 107 -5.10 3.76 5.61
CA LEU A 107 -5.71 2.43 5.61
C LEU A 107 -6.81 2.34 6.65
N GLU A 108 -7.88 1.64 6.32
CA GLU A 108 -9.01 1.47 7.23
C GLU A 108 -9.24 -0.01 7.55
N VAL A 109 -9.67 -0.28 8.78
CA VAL A 109 -9.92 -1.64 9.21
C VAL A 109 -11.28 -1.76 9.90
N HIS A 110 -12.15 -2.61 9.36
CA HIS A 110 -13.48 -2.81 9.92
C HIS A 110 -13.54 -4.11 10.72
N GLU A 111 -14.31 -4.10 11.80
CA GLU A 111 -14.46 -5.29 12.64
C GLU A 111 -15.15 -6.42 11.88
N SER A 112 -14.53 -7.60 11.91
CA SER A 112 -15.09 -8.76 11.22
C SER A 112 -16.29 -9.33 11.98
N THR A 113 -17.29 -8.48 12.22
CA THR A 113 -18.48 -8.90 12.94
C THR A 113 -19.68 -9.00 12.01
N GLY A 114 -20.62 -9.88 12.34
CA GLY A 114 -21.80 -10.06 11.52
C GLY A 114 -22.98 -10.59 12.32
N THR A 115 -23.07 -10.18 13.58
CA THR A 115 -24.16 -10.61 14.44
C THR A 115 -25.31 -9.62 14.41
N THR A 116 -26.47 -10.07 13.91
CA THR A 116 -27.64 -9.22 13.84
C THR A 116 -28.92 -10.04 13.93
N PRO A 117 -29.94 -9.48 14.59
CA PRO A 117 -31.23 -10.14 14.77
C PRO A 117 -32.02 -10.25 13.47
N ASN A 118 -33.10 -11.02 13.49
CA ASN A 118 -33.93 -11.21 12.31
C ASN A 118 -35.22 -10.41 12.43
N ILE A 119 -35.74 -9.99 11.28
CA ILE A 119 -36.97 -9.21 11.25
C ILE A 119 -37.82 -9.56 10.02
N ASP A 120 -39.12 -9.72 10.23
CA ASP A 120 -40.03 -10.06 9.14
C ASP A 120 -41.07 -8.97 8.95
N SER A 121 -41.85 -9.07 7.88
CA SER A 121 -42.88 -8.08 7.57
C SER A 121 -44.10 -8.30 8.46
N GLY A 122 -44.22 -9.51 9.01
CA GLY A 122 -45.36 -9.81 9.87
C GLY A 122 -46.67 -9.86 9.11
N PRO A 123 -46.82 -10.88 8.25
CA PRO A 123 -48.03 -11.06 7.44
C PRO A 123 -49.24 -11.46 8.29
N SER A 124 -50.12 -10.49 8.54
CA SER A 124 -51.30 -10.73 9.34
C SER A 124 -52.33 -11.57 8.56
N SER A 125 -52.72 -11.05 7.39
CA SER A 125 -53.69 -11.75 6.55
C SER A 125 -53.18 -13.12 6.15
N GLY A 126 -53.94 -14.15 6.52
CA GLY A 126 -53.55 -15.51 6.19
C GLY A 126 -54.15 -15.99 4.89
N GLY A 1 -7.14 22.74 -16.30
CA GLY A 1 -6.23 23.69 -15.68
C GLY A 1 -5.18 23.01 -14.82
N SER A 2 -4.01 22.78 -15.41
CA SER A 2 -2.91 22.13 -14.70
C SER A 2 -1.61 22.27 -15.47
N SER A 3 -0.66 23.00 -14.88
CA SER A 3 0.64 23.20 -15.51
C SER A 3 1.73 22.44 -14.78
N GLY A 4 2.40 21.54 -15.50
CA GLY A 4 3.47 20.75 -14.90
C GLY A 4 4.84 21.14 -15.42
N SER A 5 5.82 21.18 -14.52
CA SER A 5 7.18 21.54 -14.89
C SER A 5 8.09 20.32 -14.90
N SER A 6 8.05 19.55 -13.81
CA SER A 6 8.87 18.36 -13.69
C SER A 6 8.06 17.10 -14.01
N GLY A 7 8.74 16.08 -14.53
CA GLY A 7 8.06 14.84 -14.88
C GLY A 7 7.53 14.12 -13.65
N ILE A 8 7.24 12.83 -13.82
CA ILE A 8 6.71 12.02 -12.72
C ILE A 8 7.49 10.72 -12.58
N LEU A 9 7.78 10.33 -11.35
CA LEU A 9 8.52 9.10 -11.07
C LEU A 9 7.57 7.95 -10.75
N PHE A 10 6.68 8.19 -9.78
CA PHE A 10 5.71 7.18 -9.38
C PHE A 10 4.47 7.23 -10.25
N ILE A 11 4.51 6.50 -11.37
CA ILE A 11 3.37 6.47 -12.28
C ILE A 11 2.10 6.04 -11.57
N GLU A 12 2.15 4.91 -10.87
CA GLU A 12 1.00 4.41 -10.15
C GLU A 12 1.01 4.88 -8.70
N LYS A 13 -0.17 5.09 -8.14
CA LYS A 13 -0.30 5.54 -6.76
C LYS A 13 -1.35 4.73 -6.01
N PRO A 14 -0.93 4.07 -4.92
CA PRO A 14 -1.81 3.25 -4.10
C PRO A 14 -2.82 4.09 -3.32
N GLN A 15 -4.09 3.96 -3.67
CA GLN A 15 -5.15 4.70 -3.01
C GLN A 15 -5.64 3.96 -1.77
N GLY A 16 -4.72 3.28 -1.09
CA GLY A 16 -5.08 2.54 0.11
C GLY A 16 -6.46 1.93 0.02
N GLY A 17 -7.10 1.73 1.17
CA GLY A 17 -8.42 1.14 1.19
C GLY A 17 -8.88 0.80 2.59
N THR A 18 -9.80 -0.16 2.70
CA THR A 18 -10.32 -0.57 4.00
C THR A 18 -10.45 -2.09 4.08
N VAL A 19 -9.67 -2.70 4.96
CA VAL A 19 -9.69 -4.15 5.13
C VAL A 19 -10.28 -4.53 6.48
N LYS A 20 -11.05 -5.61 6.51
CA LYS A 20 -11.66 -6.08 7.75
C LYS A 20 -10.63 -6.75 8.65
N VAL A 21 -10.90 -6.74 9.95
CA VAL A 21 -9.99 -7.35 10.92
C VAL A 21 -9.84 -8.85 10.67
N GLY A 22 -8.62 -9.27 10.34
CA GLY A 22 -8.36 -10.67 10.08
C GLY A 22 -8.34 -10.98 8.59
N GLU A 23 -8.77 -10.03 7.78
CA GLU A 23 -8.81 -10.21 6.34
C GLU A 23 -7.41 -10.02 5.73
N ASP A 24 -7.34 -10.08 4.41
CA ASP A 24 -6.07 -9.92 3.71
C ASP A 24 -6.22 -8.94 2.55
N ILE A 25 -5.41 -7.87 2.58
CA ILE A 25 -5.46 -6.85 1.54
C ILE A 25 -4.08 -6.64 0.92
N THR A 26 -4.06 -6.21 -0.34
CA THR A 26 -2.81 -5.97 -1.04
C THR A 26 -2.85 -4.65 -1.81
N PHE A 27 -1.80 -3.85 -1.67
CA PHE A 27 -1.73 -2.57 -2.35
C PHE A 27 -0.85 -2.67 -3.60
N ILE A 28 -1.13 -1.81 -4.58
CA ILE A 28 -0.38 -1.81 -5.83
C ILE A 28 0.49 -0.56 -5.93
N ALA A 29 1.73 -0.73 -6.35
CA ALA A 29 2.66 0.37 -6.50
C ALA A 29 3.74 0.06 -7.54
N LYS A 30 3.71 0.77 -8.66
CA LYS A 30 4.68 0.57 -9.72
C LYS A 30 5.58 1.78 -9.88
N VAL A 31 6.73 1.58 -10.51
CA VAL A 31 7.69 2.67 -10.71
C VAL A 31 8.32 2.58 -12.10
N LYS A 32 8.58 3.73 -12.70
CA LYS A 32 9.19 3.79 -14.03
C LYS A 32 10.68 3.47 -13.96
N ALA A 33 11.10 2.48 -14.73
CA ALA A 33 12.51 2.08 -14.76
C ALA A 33 13.03 2.01 -16.20
N GLU A 34 14.23 2.52 -16.41
CA GLU A 34 14.84 2.52 -17.73
C GLU A 34 15.94 1.46 -17.82
N ASP A 35 16.75 1.37 -16.78
CA ASP A 35 17.84 0.40 -16.73
C ASP A 35 17.42 -0.86 -15.99
N LEU A 36 18.15 -1.95 -16.21
CA LEU A 36 17.84 -3.23 -15.56
C LEU A 36 18.79 -3.47 -14.38
N LEU A 37 20.06 -3.13 -14.57
CA LEU A 37 21.06 -3.31 -13.53
C LEU A 37 20.62 -2.64 -12.23
N ARG A 38 20.04 -1.44 -12.35
CA ARG A 38 19.57 -0.70 -11.19
C ARG A 38 18.16 -1.11 -10.81
N LYS A 39 17.88 -1.12 -9.52
CA LYS A 39 16.56 -1.50 -9.02
C LYS A 39 16.11 -0.55 -7.90
N PRO A 40 14.97 0.12 -8.13
CA PRO A 40 14.40 1.06 -7.15
C PRO A 40 13.86 0.36 -5.92
N THR A 41 14.41 0.71 -4.75
CA THR A 41 13.98 0.12 -3.49
C THR A 41 12.73 0.79 -2.96
N ILE A 42 11.80 0.00 -2.43
CA ILE A 42 10.56 0.52 -1.89
C ILE A 42 10.39 0.13 -0.42
N LYS A 43 10.24 1.13 0.43
CA LYS A 43 10.06 0.90 1.86
C LYS A 43 8.72 1.44 2.35
N TRP A 44 7.86 0.55 2.83
CA TRP A 44 6.55 0.93 3.32
C TRP A 44 6.62 1.35 4.78
N PHE A 45 5.94 2.45 5.11
CA PHE A 45 5.93 2.96 6.48
C PHE A 45 4.50 3.24 6.94
N LYS A 46 4.33 3.36 8.25
CA LYS A 46 3.02 3.64 8.83
C LYS A 46 3.13 4.53 10.05
N GLY A 47 2.12 5.37 10.27
CA GLY A 47 2.13 6.26 11.42
C GLY A 47 3.24 7.29 11.33
N LYS A 48 3.93 7.52 12.45
CA LYS A 48 5.01 8.49 12.51
C LYS A 48 6.36 7.79 12.44
N TRP A 49 6.56 6.82 13.33
CA TRP A 49 7.81 6.07 13.37
C TRP A 49 7.61 4.63 12.91
N MET A 50 6.45 4.08 13.25
CA MET A 50 6.12 2.71 12.87
C MET A 50 6.54 2.43 11.43
N ASP A 51 7.43 1.46 11.25
CA ASP A 51 7.91 1.10 9.92
C ASP A 51 7.40 -0.28 9.53
N LEU A 52 6.52 -0.32 8.54
CA LEU A 52 5.95 -1.58 8.06
C LEU A 52 7.05 -2.53 7.60
N ALA A 53 8.02 -2.00 6.87
CA ALA A 53 9.13 -2.80 6.38
C ALA A 53 9.63 -3.77 7.45
N SER A 54 9.65 -3.30 8.70
CA SER A 54 10.11 -4.12 9.81
C SER A 54 9.00 -5.06 10.28
N LYS A 55 7.76 -4.61 10.16
CA LYS A 55 6.61 -5.41 10.58
C LYS A 55 6.46 -6.65 9.71
N ALA A 56 6.88 -6.53 8.45
CA ALA A 56 6.80 -7.64 7.52
C ALA A 56 7.53 -8.87 8.06
N GLY A 57 6.76 -9.92 8.35
CA GLY A 57 7.35 -11.14 8.87
C GLY A 57 6.39 -12.32 8.80
N LYS A 58 5.25 -12.20 9.48
CA LYS A 58 4.25 -13.25 9.49
C LYS A 58 2.87 -12.71 9.13
N HIS A 59 2.43 -11.71 9.89
CA HIS A 59 1.12 -11.10 9.65
C HIS A 59 1.16 -10.20 8.41
N LEU A 60 2.36 -9.78 8.04
CA LEU A 60 2.54 -8.91 6.88
C LEU A 60 3.60 -9.48 5.93
N GLN A 61 3.39 -9.29 4.64
CA GLN A 61 4.33 -9.77 3.63
C GLN A 61 4.36 -8.85 2.42
N LEU A 62 5.55 -8.36 2.08
CA LEU A 62 5.71 -7.47 0.94
C LEU A 62 6.02 -8.25 -0.33
N LYS A 63 5.67 -7.67 -1.48
CA LYS A 63 5.92 -8.32 -2.77
C LYS A 63 6.67 -7.39 -3.71
N GLU A 64 7.48 -7.96 -4.58
CA GLU A 64 8.26 -7.17 -5.54
C GLU A 64 8.55 -7.98 -6.80
N THR A 65 8.33 -7.36 -7.96
CA THR A 65 8.57 -8.03 -9.23
C THR A 65 9.03 -7.04 -10.29
N PHE A 66 9.55 -7.55 -11.40
CA PHE A 66 10.04 -6.71 -12.48
C PHE A 66 9.44 -7.15 -13.81
N GLU A 67 9.21 -6.19 -14.70
CA GLU A 67 8.65 -6.47 -16.01
C GLU A 67 9.48 -5.82 -17.12
N ARG A 68 10.44 -6.58 -17.64
CA ARG A 68 11.31 -6.08 -18.70
C ARG A 68 10.49 -5.66 -19.91
N HIS A 69 9.30 -6.22 -20.04
CA HIS A 69 8.42 -5.90 -21.16
C HIS A 69 8.35 -4.40 -21.39
N SER A 70 8.19 -3.65 -20.31
CA SER A 70 8.11 -2.19 -20.38
C SER A 70 9.13 -1.53 -19.46
N ARG A 71 9.97 -2.36 -18.83
CA ARG A 71 10.98 -1.86 -17.92
C ARG A 71 10.34 -1.17 -16.72
N VAL A 72 9.26 -1.74 -16.23
CA VAL A 72 8.54 -1.19 -15.07
C VAL A 72 8.41 -2.22 -13.96
N TYR A 73 8.77 -1.82 -12.74
CA TYR A 73 8.69 -2.71 -11.60
C TYR A 73 7.32 -2.61 -10.92
N THR A 74 6.92 -3.69 -10.28
CA THR A 74 5.62 -3.73 -9.59
C THR A 74 5.78 -4.21 -8.15
N PHE A 75 5.67 -3.26 -7.21
CA PHE A 75 5.80 -3.59 -5.80
C PHE A 75 4.44 -3.61 -5.12
N GLU A 76 4.16 -4.69 -4.38
CA GLU A 76 2.90 -4.84 -3.69
C GLU A 76 3.12 -5.06 -2.19
N MET A 77 2.05 -4.95 -1.42
CA MET A 77 2.13 -5.13 0.03
C MET A 77 0.99 -6.01 0.52
N GLN A 78 1.26 -7.29 0.71
CA GLN A 78 0.24 -8.24 1.18
C GLN A 78 0.15 -8.21 2.70
N ILE A 79 -0.99 -7.73 3.20
CA ILE A 79 -1.20 -7.67 4.65
C ILE A 79 -2.13 -8.78 5.12
N ILE A 80 -1.60 -9.68 5.94
CA ILE A 80 -2.38 -10.79 6.45
C ILE A 80 -2.85 -10.52 7.87
N LYS A 81 -4.08 -10.90 8.18
CA LYS A 81 -4.65 -10.70 9.51
C LYS A 81 -4.55 -9.23 9.92
N ALA A 82 -4.96 -8.34 9.01
CA ALA A 82 -4.93 -6.90 9.28
C ALA A 82 -5.64 -6.58 10.59
N LYS A 83 -4.86 -6.21 11.60
CA LYS A 83 -5.41 -5.86 12.90
C LYS A 83 -5.75 -4.38 12.98
N ASP A 84 -6.48 -3.99 14.03
CA ASP A 84 -6.87 -2.60 14.22
C ASP A 84 -5.65 -1.69 14.24
N ASN A 85 -4.48 -2.27 14.49
CA ASN A 85 -3.24 -1.51 14.53
C ASN A 85 -2.77 -1.14 13.13
N PHE A 86 -3.31 -1.85 12.14
CA PHE A 86 -2.94 -1.59 10.74
C PHE A 86 -3.71 -0.40 10.19
N ALA A 87 -4.69 0.08 10.95
CA ALA A 87 -5.51 1.22 10.54
C ALA A 87 -4.84 2.53 10.94
N GLY A 88 -4.58 3.38 9.96
CA GLY A 88 -3.95 4.66 10.24
C GLY A 88 -3.43 5.33 8.98
N ASN A 89 -2.26 5.96 9.09
CA ASN A 89 -1.65 6.64 7.94
C ASN A 89 -0.48 5.84 7.40
N TYR A 90 -0.44 5.68 6.08
CA TYR A 90 0.63 4.94 5.42
C TYR A 90 1.51 5.87 4.60
N ARG A 91 2.80 5.54 4.51
CA ARG A 91 3.74 6.34 3.74
C ARG A 91 4.73 5.45 2.98
N CYS A 92 4.79 5.63 1.67
CA CYS A 92 5.68 4.84 0.84
C CYS A 92 6.90 5.66 0.42
N GLU A 93 8.04 4.99 0.28
CA GLU A 93 9.28 5.66 -0.11
C GLU A 93 9.97 4.90 -1.23
N VAL A 94 10.20 5.58 -2.35
CA VAL A 94 10.86 4.96 -3.49
C VAL A 94 11.99 5.84 -4.01
N THR A 95 13.20 5.28 -4.04
CA THR A 95 14.37 6.01 -4.51
C THR A 95 14.92 5.40 -5.79
N TYR A 96 15.41 6.25 -6.68
CA TYR A 96 15.97 5.79 -7.95
C TYR A 96 17.24 6.57 -8.30
N LYS A 97 17.85 6.22 -9.43
CA LYS A 97 19.06 6.88 -9.88
C LYS A 97 19.11 8.33 -9.40
N ASP A 98 18.31 9.18 -10.03
CA ASP A 98 18.25 10.59 -9.66
C ASP A 98 16.80 11.06 -9.53
N LYS A 99 15.91 10.12 -9.22
CA LYS A 99 14.49 10.44 -9.06
C LYS A 99 13.92 9.74 -7.84
N PHE A 100 13.02 10.43 -7.14
CA PHE A 100 12.39 9.87 -5.94
C PHE A 100 10.94 10.34 -5.82
N ASP A 101 10.11 9.51 -5.20
CA ASP A 101 8.70 9.85 -5.03
C ASP A 101 8.11 9.07 -3.85
N SER A 102 7.22 9.73 -3.10
CA SER A 102 6.58 9.11 -1.95
C SER A 102 5.08 9.40 -1.93
N CYS A 103 4.27 8.35 -1.89
CA CYS A 103 2.83 8.50 -1.86
C CYS A 103 2.27 8.16 -0.48
N SER A 104 1.34 8.98 -0.01
CA SER A 104 0.72 8.77 1.30
C SER A 104 -0.73 8.36 1.16
N PHE A 105 -1.11 7.27 1.83
CA PHE A 105 -2.48 6.78 1.78
C PHE A 105 -3.01 6.49 3.18
N ASP A 106 -4.31 6.28 3.28
CA ASP A 106 -4.95 6.00 4.57
C ASP A 106 -5.62 4.64 4.56
N LEU A 107 -5.22 3.77 5.49
CA LEU A 107 -5.79 2.43 5.58
C LEU A 107 -6.79 2.34 6.74
N GLU A 108 -7.97 1.81 6.45
CA GLU A 108 -9.00 1.67 7.47
C GLU A 108 -9.19 0.20 7.85
N VAL A 109 -9.53 -0.03 9.11
CA VAL A 109 -9.73 -1.39 9.61
C VAL A 109 -11.07 -1.52 10.32
N HIS A 110 -11.95 -2.36 9.78
CA HIS A 110 -13.26 -2.58 10.36
C HIS A 110 -13.31 -3.90 11.12
N GLU A 111 -14.05 -3.91 12.23
CA GLU A 111 -14.18 -5.11 13.05
C GLU A 111 -14.93 -6.21 12.30
N SER A 112 -14.30 -7.38 12.20
CA SER A 112 -14.90 -8.50 11.50
C SER A 112 -16.09 -9.06 12.28
N THR A 113 -15.84 -9.41 13.55
CA THR A 113 -16.90 -9.95 14.40
C THR A 113 -17.95 -8.90 14.71
N GLY A 114 -19.13 -9.35 15.12
CA GLY A 114 -20.21 -8.44 15.43
C GLY A 114 -19.83 -7.42 16.49
N THR A 115 -20.46 -6.25 16.43
CA THR A 115 -20.17 -5.19 17.39
C THR A 115 -21.45 -4.48 17.83
N THR A 116 -21.33 -3.66 18.87
CA THR A 116 -22.49 -2.93 19.39
C THR A 116 -22.21 -1.43 19.42
N PRO A 117 -23.28 -0.63 19.29
CA PRO A 117 -23.18 0.83 19.30
C PRO A 117 -22.83 1.37 20.68
N ASN A 118 -21.92 2.35 20.70
CA ASN A 118 -21.49 2.96 21.97
C ASN A 118 -22.36 4.17 22.31
N ILE A 119 -22.13 4.72 23.49
CA ILE A 119 -22.89 5.88 23.95
C ILE A 119 -22.23 7.18 23.51
N ASP A 120 -22.90 7.93 22.65
CA ASP A 120 -22.38 9.20 22.16
C ASP A 120 -22.98 10.37 22.91
N SER A 121 -22.16 11.37 23.20
CA SER A 121 -22.62 12.56 23.92
C SER A 121 -23.50 13.43 23.05
N GLY A 122 -24.03 14.51 23.63
CA GLY A 122 -24.89 15.41 22.88
C GLY A 122 -24.43 16.85 22.97
N PRO A 123 -24.97 17.70 22.09
CA PRO A 123 -24.63 19.13 22.06
C PRO A 123 -25.18 19.88 23.27
N SER A 124 -24.84 21.16 23.36
CA SER A 124 -25.29 22.00 24.47
C SER A 124 -24.87 23.45 24.27
N SER A 125 -25.65 24.36 24.84
CA SER A 125 -25.35 25.79 24.72
C SER A 125 -26.08 26.59 25.79
N GLY A 126 -25.39 27.57 26.37
CA GLY A 126 -25.99 28.38 27.41
C GLY A 126 -27.39 28.85 27.04
#